data_2CZT
# 
_entry.id   2CZT 
# 
_audit_conform.dict_name       mmcif_pdbx.dic 
_audit_conform.dict_version    5.397 
_audit_conform.dict_location   http://mmcif.pdb.org/dictionaries/ascii/mmcif_pdbx.dic 
# 
loop_
_database_2.database_id 
_database_2.database_code 
_database_2.pdbx_database_accession 
_database_2.pdbx_DOI 
PDB   2CZT         pdb_00002czt 10.2210/pdb2czt/pdb 
RCSB  RCSB024810   ?            ?                   
WWPDB D_1000024810 ?            ?                   
# 
loop_
_pdbx_audit_revision_history.ordinal 
_pdbx_audit_revision_history.data_content_type 
_pdbx_audit_revision_history.major_revision 
_pdbx_audit_revision_history.minor_revision 
_pdbx_audit_revision_history.revision_date 
1 'Structure model' 1 0 2006-10-03 
2 'Structure model' 1 1 2008-04-30 
3 'Structure model' 1 2 2011-07-13 
4 'Structure model' 1 3 2021-11-10 
5 'Structure model' 1 4 2024-10-16 
# 
_pdbx_audit_revision_details.ordinal             1 
_pdbx_audit_revision_details.revision_ordinal    1 
_pdbx_audit_revision_details.data_content_type   'Structure model' 
_pdbx_audit_revision_details.provider            repository 
_pdbx_audit_revision_details.type                'Initial release' 
_pdbx_audit_revision_details.description         ? 
_pdbx_audit_revision_details.details             ? 
# 
loop_
_pdbx_audit_revision_group.ordinal 
_pdbx_audit_revision_group.revision_ordinal 
_pdbx_audit_revision_group.data_content_type 
_pdbx_audit_revision_group.group 
1 2 'Structure model' 'Version format compliance' 
2 3 'Structure model' Advisory                    
3 3 'Structure model' 'Version format compliance' 
4 4 'Structure model' 'Database references'       
5 5 'Structure model' 'Data collection'           
6 5 'Structure model' 'Structure summary'         
# 
loop_
_pdbx_audit_revision_category.ordinal 
_pdbx_audit_revision_category.revision_ordinal 
_pdbx_audit_revision_category.data_content_type 
_pdbx_audit_revision_category.category 
1 4 'Structure model' database_2                
2 4 'Structure model' struct_ref_seq_dif        
3 5 'Structure model' chem_comp_atom            
4 5 'Structure model' chem_comp_bond            
5 5 'Structure model' pdbx_entry_details        
6 5 'Structure model' pdbx_modification_feature 
# 
loop_
_pdbx_audit_revision_item.ordinal 
_pdbx_audit_revision_item.revision_ordinal 
_pdbx_audit_revision_item.data_content_type 
_pdbx_audit_revision_item.item 
1 4 'Structure model' '_database_2.pdbx_DOI'                
2 4 'Structure model' '_database_2.pdbx_database_accession' 
3 4 'Structure model' '_struct_ref_seq_dif.details'         
# 
_pdbx_database_status.status_code                     REL 
_pdbx_database_status.entry_id                        2CZT 
_pdbx_database_status.recvd_initial_deposition_date   2005-07-17 
_pdbx_database_status.deposit_site                    PDBJ 
_pdbx_database_status.process_site                    PDBJ 
_pdbx_database_status.status_code_sf                  REL 
_pdbx_database_status.status_code_mr                  ? 
_pdbx_database_status.SG_entry                        Y 
_pdbx_database_status.pdb_format_compatible           Y 
_pdbx_database_status.status_code_cs                  ? 
_pdbx_database_status.status_code_nmr_data            ? 
_pdbx_database_status.methods_development_category    ? 
# 
_pdbx_database_related.db_name        PDB 
_pdbx_database_related.db_id          2CZU 
_pdbx_database_related.details        'P212121 native form' 
_pdbx_database_related.content_type   unspecified 
# 
loop_
_audit_author.name 
_audit_author.pdbx_ordinal 
'Kumasaka, T.'                                           1  
'Irikura, D.'                                            2  
'Ago, H.'                                                3  
'Aritake, K.'                                            4  
'Yamamoto, M.'                                           5  
'Inoue, T.'                                              6  
'Miyano, M.'                                             7  
'Urade, Y.'                                              8  
'Hayaishi, O.'                                           9  
'RIKEN Structural Genomics/Proteomics Initiative (RSGI)' 10 
# 
loop_
_citation.id 
_citation.title 
_citation.journal_abbrev 
_citation.journal_volume 
_citation.page_first 
_citation.page_last 
_citation.year 
_citation.journal_id_ASTM 
_citation.country 
_citation.journal_id_ISSN 
_citation.journal_id_CSD 
_citation.book_publisher 
_citation.pdbx_database_id_PubMed 
_citation.pdbx_database_id_DOI 
primary 
'Structural basis of the catalytic mechanism operating in open-closed conformers of lipocalin type prostaglandin D synthase.' 
J.Biol.Chem.           284 22344 22352 2009 JBCHA3 US 0021-9258 0071 ? 19546224 10.1074/jbc.M109.018341 
1       
;Cloning, expression, crystallization, and preliminary X-ray analysis of recombinant mouse lipocalin-type prostaglandin D synthase, a somnogen-producing enzyme
;
'J.Biochem.(Tokyo)'    133 29    32    2003 JOBIAO JA 0021-924X 0418 ? 12761195 10.1093/jb/mvg006       
2       'Lack of tactile pain (allodynia) in lipocalin-type prostaglandin D synthase-deficient mice' Proc.Natl.Acad.Sci.USA 96  
726   730   1999 PNASA6 US 0027-8424 0040 ? 9892701  10.1073/pnas.96.2.726   
# 
loop_
_citation_author.citation_id 
_citation_author.name 
_citation_author.ordinal 
_citation_author.identifier_ORCID 
primary 'Kumasaka, T.'  1  ? 
primary 'Aritake, K.'   2  ? 
primary 'Ago, H.'       3  ? 
primary 'Irikura, D.'   4  ? 
primary 'Tsurumura, T.' 5  ? 
primary 'Yamamoto, M.'  6  ? 
primary 'Miyano, M.'    7  ? 
primary 'Urade, Y.'     8  ? 
primary 'Hayaishi, O.'  9  ? 
1       'Irikura, D.'   10 ? 
1       'Kumasaka, T.'  11 ? 
1       'Yamamoto, M.'  12 ? 
1       'Ago, H.'       13 ? 
1       'Miyano, M.'    14 ? 
1       'Kubata, K.B.'  15 ? 
1       'Sakai, H.'     16 ? 
1       'Hayaishi, O.'  17 ? 
1       'Urade, Y.'     18 ? 
2       'Eguchi, N.'    19 ? 
2       'Minami, T.'    20 ? 
2       'Shirafuji, N.' 21 ? 
2       'Kanaoka, Y.'   22 ? 
2       'Tanaka, T.'    23 ? 
2       'Nagata, A.'    24 ? 
2       'Yoshida, N.'   25 ? 
2       'Urade, Y.'     26 ? 
2       'Ito, S.'       27 ? 
2       'Hayaishi, O.'  28 ? 
# 
loop_
_entity.id 
_entity.type 
_entity.src_method 
_entity.pdbx_description 
_entity.formula_weight 
_entity.pdbx_number_of_molecules 
_entity.pdbx_ec 
_entity.pdbx_mutation 
_entity.pdbx_fragment 
_entity.details 
1 polymer man 'Prostaglandin-H2 D-isomerase' 18617.859 1  5.3.99.2 C65A ? ? 
2 water   nat water                          18.015    32 ?        ?    ? ? 
# 
_entity_name_com.entity_id   1 
_entity_name_com.name        
;Lipocalin-type prostaglandin-D synthase, Glutathione-independent PGD synthetase, Prostaglandin-H2 D-isomerase, PGD2 synthase, PTGDS, PGDS
;
# 
_entity_poly.entity_id                      1 
_entity_poly.type                           'polypeptide(L)' 
_entity_poly.nstd_linkage                   no 
_entity_poly.nstd_monomer                   no 
_entity_poly.pdbx_seq_one_letter_code       
;GSQGHDTVQPNFQQDKFLGRWYSAGLASNSSWFREKKAVLYMAKTVVAPSTEGGLNLTSTFLRKNQCETKIMVLQPAGAP
GHYTYSSPHSGSIHSVSVVEANYDEYALLFSRGTKGPGQDFRMATLYSRTQTLKDELKEKFTTFSKAQGLTEEDIVFLPQ
PDKCIQE
;
_entity_poly.pdbx_seq_one_letter_code_can   
;GSQGHDTVQPNFQQDKFLGRWYSAGLASNSSWFREKKAVLYMAKTVVAPSTEGGLNLTSTFLRKNQCETKIMVLQPAGAP
GHYTYSSPHSGSIHSVSVVEANYDEYALLFSRGTKGPGQDFRMATLYSRTQTLKDELKEKFTTFSKAQGLTEEDIVFLPQ
PDKCIQE
;
_entity_poly.pdbx_strand_id                 A 
_entity_poly.pdbx_target_identifier         ? 
# 
_pdbx_entity_nonpoly.entity_id   2 
_pdbx_entity_nonpoly.name        water 
_pdbx_entity_nonpoly.comp_id     HOH 
# 
loop_
_entity_poly_seq.entity_id 
_entity_poly_seq.num 
_entity_poly_seq.mon_id 
_entity_poly_seq.hetero 
1 1   GLY n 
1 2   SER n 
1 3   GLN n 
1 4   GLY n 
1 5   HIS n 
1 6   ASP n 
1 7   THR n 
1 8   VAL n 
1 9   GLN n 
1 10  PRO n 
1 11  ASN n 
1 12  PHE n 
1 13  GLN n 
1 14  GLN n 
1 15  ASP n 
1 16  LYS n 
1 17  PHE n 
1 18  LEU n 
1 19  GLY n 
1 20  ARG n 
1 21  TRP n 
1 22  TYR n 
1 23  SER n 
1 24  ALA n 
1 25  GLY n 
1 26  LEU n 
1 27  ALA n 
1 28  SER n 
1 29  ASN n 
1 30  SER n 
1 31  SER n 
1 32  TRP n 
1 33  PHE n 
1 34  ARG n 
1 35  GLU n 
1 36  LYS n 
1 37  LYS n 
1 38  ALA n 
1 39  VAL n 
1 40  LEU n 
1 41  TYR n 
1 42  MET n 
1 43  ALA n 
1 44  LYS n 
1 45  THR n 
1 46  VAL n 
1 47  VAL n 
1 48  ALA n 
1 49  PRO n 
1 50  SER n 
1 51  THR n 
1 52  GLU n 
1 53  GLY n 
1 54  GLY n 
1 55  LEU n 
1 56  ASN n 
1 57  LEU n 
1 58  THR n 
1 59  SER n 
1 60  THR n 
1 61  PHE n 
1 62  LEU n 
1 63  ARG n 
1 64  LYS n 
1 65  ASN n 
1 66  GLN n 
1 67  CYS n 
1 68  GLU n 
1 69  THR n 
1 70  LYS n 
1 71  ILE n 
1 72  MET n 
1 73  VAL n 
1 74  LEU n 
1 75  GLN n 
1 76  PRO n 
1 77  ALA n 
1 78  GLY n 
1 79  ALA n 
1 80  PRO n 
1 81  GLY n 
1 82  HIS n 
1 83  TYR n 
1 84  THR n 
1 85  TYR n 
1 86  SER n 
1 87  SER n 
1 88  PRO n 
1 89  HIS n 
1 90  SER n 
1 91  GLY n 
1 92  SER n 
1 93  ILE n 
1 94  HIS n 
1 95  SER n 
1 96  VAL n 
1 97  SER n 
1 98  VAL n 
1 99  VAL n 
1 100 GLU n 
1 101 ALA n 
1 102 ASN n 
1 103 TYR n 
1 104 ASP n 
1 105 GLU n 
1 106 TYR n 
1 107 ALA n 
1 108 LEU n 
1 109 LEU n 
1 110 PHE n 
1 111 SER n 
1 112 ARG n 
1 113 GLY n 
1 114 THR n 
1 115 LYS n 
1 116 GLY n 
1 117 PRO n 
1 118 GLY n 
1 119 GLN n 
1 120 ASP n 
1 121 PHE n 
1 122 ARG n 
1 123 MET n 
1 124 ALA n 
1 125 THR n 
1 126 LEU n 
1 127 TYR n 
1 128 SER n 
1 129 ARG n 
1 130 THR n 
1 131 GLN n 
1 132 THR n 
1 133 LEU n 
1 134 LYS n 
1 135 ASP n 
1 136 GLU n 
1 137 LEU n 
1 138 LYS n 
1 139 GLU n 
1 140 LYS n 
1 141 PHE n 
1 142 THR n 
1 143 THR n 
1 144 PHE n 
1 145 SER n 
1 146 LYS n 
1 147 ALA n 
1 148 GLN n 
1 149 GLY n 
1 150 LEU n 
1 151 THR n 
1 152 GLU n 
1 153 GLU n 
1 154 ASP n 
1 155 ILE n 
1 156 VAL n 
1 157 PHE n 
1 158 LEU n 
1 159 PRO n 
1 160 GLN n 
1 161 PRO n 
1 162 ASP n 
1 163 LYS n 
1 164 CYS n 
1 165 ILE n 
1 166 GLN n 
1 167 GLU n 
# 
_entity_src_gen.entity_id                          1 
_entity_src_gen.pdbx_src_id                        1 
_entity_src_gen.pdbx_alt_source_flag               sample 
_entity_src_gen.pdbx_seq_type                      ? 
_entity_src_gen.pdbx_beg_seq_num                   ? 
_entity_src_gen.pdbx_end_seq_num                   ? 
_entity_src_gen.gene_src_common_name               'house mouse' 
_entity_src_gen.gene_src_genus                     Mus 
_entity_src_gen.pdbx_gene_src_gene                 ? 
_entity_src_gen.gene_src_species                   ? 
_entity_src_gen.gene_src_strain                    ? 
_entity_src_gen.gene_src_tissue                    ? 
_entity_src_gen.gene_src_tissue_fraction           ? 
_entity_src_gen.gene_src_details                   ? 
_entity_src_gen.pdbx_gene_src_fragment             ? 
_entity_src_gen.pdbx_gene_src_scientific_name      'Mus musculus' 
_entity_src_gen.pdbx_gene_src_ncbi_taxonomy_id     10090 
_entity_src_gen.pdbx_gene_src_variant              ? 
_entity_src_gen.pdbx_gene_src_cell_line            ? 
_entity_src_gen.pdbx_gene_src_atcc                 ? 
_entity_src_gen.pdbx_gene_src_organ                ? 
_entity_src_gen.pdbx_gene_src_organelle            ? 
_entity_src_gen.pdbx_gene_src_cell                 ? 
_entity_src_gen.pdbx_gene_src_cellular_location    ? 
_entity_src_gen.host_org_common_name               ? 
_entity_src_gen.pdbx_host_org_scientific_name      'Escherichia coli' 
_entity_src_gen.pdbx_host_org_ncbi_taxonomy_id     562 
_entity_src_gen.host_org_genus                     Escherichia 
_entity_src_gen.pdbx_host_org_gene                 ? 
_entity_src_gen.pdbx_host_org_organ                ? 
_entity_src_gen.host_org_species                   ? 
_entity_src_gen.pdbx_host_org_tissue               ? 
_entity_src_gen.pdbx_host_org_tissue_fraction      ? 
_entity_src_gen.pdbx_host_org_strain               ? 
_entity_src_gen.pdbx_host_org_variant              ? 
_entity_src_gen.pdbx_host_org_cell_line            ? 
_entity_src_gen.pdbx_host_org_atcc                 ? 
_entity_src_gen.pdbx_host_org_culture_collection   ? 
_entity_src_gen.pdbx_host_org_cell                 ? 
_entity_src_gen.pdbx_host_org_organelle            ? 
_entity_src_gen.pdbx_host_org_cellular_location    ? 
_entity_src_gen.pdbx_host_org_vector_type          ? 
_entity_src_gen.pdbx_host_org_vector               ? 
_entity_src_gen.host_org_details                   ? 
_entity_src_gen.expression_system_id               ? 
_entity_src_gen.plasmid_name                       ? 
_entity_src_gen.plasmid_details                    ? 
_entity_src_gen.pdbx_description                   ? 
# 
loop_
_chem_comp.id 
_chem_comp.type 
_chem_comp.mon_nstd_flag 
_chem_comp.name 
_chem_comp.pdbx_synonyms 
_chem_comp.formula 
_chem_comp.formula_weight 
ALA 'L-peptide linking' y ALANINE         ? 'C3 H7 N O2'     89.093  
ARG 'L-peptide linking' y ARGININE        ? 'C6 H15 N4 O2 1' 175.209 
ASN 'L-peptide linking' y ASPARAGINE      ? 'C4 H8 N2 O3'    132.118 
ASP 'L-peptide linking' y 'ASPARTIC ACID' ? 'C4 H7 N O4'     133.103 
CYS 'L-peptide linking' y CYSTEINE        ? 'C3 H7 N O2 S'   121.158 
GLN 'L-peptide linking' y GLUTAMINE       ? 'C5 H10 N2 O3'   146.144 
GLU 'L-peptide linking' y 'GLUTAMIC ACID' ? 'C5 H9 N O4'     147.129 
GLY 'peptide linking'   y GLYCINE         ? 'C2 H5 N O2'     75.067  
HIS 'L-peptide linking' y HISTIDINE       ? 'C6 H10 N3 O2 1' 156.162 
HOH non-polymer         . WATER           ? 'H2 O'           18.015  
ILE 'L-peptide linking' y ISOLEUCINE      ? 'C6 H13 N O2'    131.173 
LEU 'L-peptide linking' y LEUCINE         ? 'C6 H13 N O2'    131.173 
LYS 'L-peptide linking' y LYSINE          ? 'C6 H15 N2 O2 1' 147.195 
MET 'L-peptide linking' y METHIONINE      ? 'C5 H11 N O2 S'  149.211 
PHE 'L-peptide linking' y PHENYLALANINE   ? 'C9 H11 N O2'    165.189 
PRO 'L-peptide linking' y PROLINE         ? 'C5 H9 N O2'     115.130 
SER 'L-peptide linking' y SERINE          ? 'C3 H7 N O3'     105.093 
THR 'L-peptide linking' y THREONINE       ? 'C4 H9 N O3'     119.119 
TRP 'L-peptide linking' y TRYPTOPHAN      ? 'C11 H12 N2 O2'  204.225 
TYR 'L-peptide linking' y TYROSINE        ? 'C9 H11 N O3'    181.189 
VAL 'L-peptide linking' y VALINE          ? 'C5 H11 N O2'    117.146 
# 
loop_
_pdbx_poly_seq_scheme.asym_id 
_pdbx_poly_seq_scheme.entity_id 
_pdbx_poly_seq_scheme.seq_id 
_pdbx_poly_seq_scheme.mon_id 
_pdbx_poly_seq_scheme.ndb_seq_num 
_pdbx_poly_seq_scheme.pdb_seq_num 
_pdbx_poly_seq_scheme.auth_seq_num 
_pdbx_poly_seq_scheme.pdb_mon_id 
_pdbx_poly_seq_scheme.auth_mon_id 
_pdbx_poly_seq_scheme.pdb_strand_id 
_pdbx_poly_seq_scheme.pdb_ins_code 
_pdbx_poly_seq_scheme.hetero 
A 1 1   GLY 1   23  ?   ?   ?   A . n 
A 1 2   SER 2   24  ?   ?   ?   A . n 
A 1 3   GLN 3   25  ?   ?   ?   A . n 
A 1 4   GLY 4   26  ?   ?   ?   A . n 
A 1 5   HIS 5   27  ?   ?   ?   A . n 
A 1 6   ASP 6   28  ?   ?   ?   A . n 
A 1 7   THR 7   29  ?   ?   ?   A . n 
A 1 8   VAL 8   30  ?   ?   ?   A . n 
A 1 9   GLN 9   31  ?   ?   ?   A . n 
A 1 10  PRO 10  32  ?   ?   ?   A . n 
A 1 11  ASN 11  33  ?   ?   ?   A . n 
A 1 12  PHE 12  34  34  PHE PHE A . n 
A 1 13  GLN 13  35  35  GLN GLN A . n 
A 1 14  GLN 14  36  36  GLN GLN A . n 
A 1 15  ASP 15  37  37  ASP ASP A . n 
A 1 16  LYS 16  38  38  LYS LYS A . n 
A 1 17  PHE 17  39  39  PHE PHE A . n 
A 1 18  LEU 18  40  40  LEU LEU A . n 
A 1 19  GLY 19  41  41  GLY GLY A . n 
A 1 20  ARG 20  42  42  ARG ARG A . n 
A 1 21  TRP 21  43  43  TRP TRP A . n 
A 1 22  TYR 22  44  44  TYR TYR A . n 
A 1 23  SER 23  45  45  SER SER A . n 
A 1 24  ALA 24  46  46  ALA ALA A . n 
A 1 25  GLY 25  47  47  GLY GLY A . n 
A 1 26  LEU 26  48  48  LEU LEU A . n 
A 1 27  ALA 27  49  49  ALA ALA A . n 
A 1 28  SER 28  50  50  SER SER A . n 
A 1 29  ASN 29  51  51  ASN ASN A . n 
A 1 30  SER 30  52  52  SER SER A . n 
A 1 31  SER 31  53  53  SER SER A . n 
A 1 32  TRP 32  54  54  TRP TRP A . n 
A 1 33  PHE 33  55  55  PHE PHE A . n 
A 1 34  ARG 34  56  56  ARG ARG A . n 
A 1 35  GLU 35  57  57  GLU GLU A . n 
A 1 36  LYS 36  58  58  LYS LYS A . n 
A 1 37  LYS 37  59  59  LYS LYS A . n 
A 1 38  ALA 38  60  60  ALA ALA A . n 
A 1 39  VAL 39  61  61  VAL VAL A . n 
A 1 40  LEU 40  62  62  LEU LEU A . n 
A 1 41  TYR 41  63  63  TYR TYR A . n 
A 1 42  MET 42  64  64  MET MET A . n 
A 1 43  ALA 43  65  65  ALA ALA A . n 
A 1 44  LYS 44  66  66  LYS LYS A . n 
A 1 45  THR 45  67  67  THR THR A . n 
A 1 46  VAL 46  68  68  VAL VAL A . n 
A 1 47  VAL 47  69  69  VAL VAL A . n 
A 1 48  ALA 48  70  70  ALA ALA A . n 
A 1 49  PRO 49  71  71  PRO PRO A . n 
A 1 50  SER 50  72  72  SER SER A . n 
A 1 51  THR 51  73  73  THR THR A . n 
A 1 52  GLU 52  74  74  GLU GLU A . n 
A 1 53  GLY 53  75  75  GLY GLY A . n 
A 1 54  GLY 54  76  76  GLY GLY A . n 
A 1 55  LEU 55  77  77  LEU LEU A . n 
A 1 56  ASN 56  78  78  ASN ASN A . n 
A 1 57  LEU 57  79  79  LEU LEU A . n 
A 1 58  THR 58  80  80  THR THR A . n 
A 1 59  SER 59  81  81  SER SER A . n 
A 1 60  THR 60  82  82  THR THR A . n 
A 1 61  PHE 61  83  83  PHE PHE A . n 
A 1 62  LEU 62  84  84  LEU LEU A . n 
A 1 63  ARG 63  85  85  ARG ARG A . n 
A 1 64  LYS 64  86  86  LYS LYS A . n 
A 1 65  ASN 65  87  87  ASN ASN A . n 
A 1 66  GLN 66  88  ?   ?   ?   A . n 
A 1 67  CYS 67  89  89  CYS CYS A . n 
A 1 68  GLU 68  90  90  GLU GLU A . n 
A 1 69  THR 69  91  91  THR THR A . n 
A 1 70  LYS 70  92  92  LYS LYS A . n 
A 1 71  ILE 71  93  93  ILE ILE A . n 
A 1 72  MET 72  94  94  MET MET A . n 
A 1 73  VAL 73  95  95  VAL VAL A . n 
A 1 74  LEU 74  96  96  LEU LEU A . n 
A 1 75  GLN 75  97  97  GLN GLN A . n 
A 1 76  PRO 76  98  98  PRO PRO A . n 
A 1 77  ALA 77  99  99  ALA ALA A . n 
A 1 78  GLY 78  100 100 GLY GLY A . n 
A 1 79  ALA 79  101 101 ALA ALA A . n 
A 1 80  PRO 80  102 102 PRO PRO A . n 
A 1 81  GLY 81  103 103 GLY GLY A . n 
A 1 82  HIS 82  104 104 HIS HIS A . n 
A 1 83  TYR 83  105 105 TYR TYR A . n 
A 1 84  THR 84  106 106 THR THR A . n 
A 1 85  TYR 85  107 107 TYR TYR A . n 
A 1 86  SER 86  108 108 SER SER A . n 
A 1 87  SER 87  109 109 SER SER A . n 
A 1 88  PRO 88  110 110 PRO PRO A . n 
A 1 89  HIS 89  111 111 HIS HIS A . n 
A 1 90  SER 90  112 112 SER SER A . n 
A 1 91  GLY 91  113 113 GLY GLY A . n 
A 1 92  SER 92  114 114 SER SER A . n 
A 1 93  ILE 93  115 115 ILE ILE A . n 
A 1 94  HIS 94  116 116 HIS HIS A . n 
A 1 95  SER 95  117 117 SER SER A . n 
A 1 96  VAL 96  118 118 VAL VAL A . n 
A 1 97  SER 97  119 119 SER SER A . n 
A 1 98  VAL 98  120 120 VAL VAL A . n 
A 1 99  VAL 99  121 121 VAL VAL A . n 
A 1 100 GLU 100 122 122 GLU GLU A . n 
A 1 101 ALA 101 123 123 ALA ALA A . n 
A 1 102 ASN 102 124 124 ASN ASN A . n 
A 1 103 TYR 103 125 125 TYR TYR A . n 
A 1 104 ASP 104 126 126 ASP ASP A . n 
A 1 105 GLU 105 127 127 GLU GLU A . n 
A 1 106 TYR 106 128 128 TYR TYR A . n 
A 1 107 ALA 107 129 129 ALA ALA A . n 
A 1 108 LEU 108 130 130 LEU LEU A . n 
A 1 109 LEU 109 131 131 LEU LEU A . n 
A 1 110 PHE 110 132 132 PHE PHE A . n 
A 1 111 SER 111 133 133 SER SER A . n 
A 1 112 ARG 112 134 134 ARG ARG A . n 
A 1 113 GLY 113 135 135 GLY GLY A . n 
A 1 114 THR 114 136 136 THR THR A . n 
A 1 115 LYS 115 137 137 LYS LYS A . n 
A 1 116 GLY 116 138 138 GLY GLY A . n 
A 1 117 PRO 117 139 139 PRO PRO A . n 
A 1 118 GLY 118 140 140 GLY GLY A . n 
A 1 119 GLN 119 141 141 GLN GLN A . n 
A 1 120 ASP 120 142 142 ASP ASP A . n 
A 1 121 PHE 121 143 143 PHE PHE A . n 
A 1 122 ARG 122 144 144 ARG ARG A . n 
A 1 123 MET 123 145 145 MET MET A . n 
A 1 124 ALA 124 146 146 ALA ALA A . n 
A 1 125 THR 125 147 147 THR THR A . n 
A 1 126 LEU 126 148 148 LEU LEU A . n 
A 1 127 TYR 127 149 149 TYR TYR A . n 
A 1 128 SER 128 150 150 SER SER A . n 
A 1 129 ARG 129 151 151 ARG ARG A . n 
A 1 130 THR 130 152 152 THR THR A . n 
A 1 131 GLN 131 153 153 GLN GLN A . n 
A 1 132 THR 132 154 154 THR THR A . n 
A 1 133 LEU 133 155 155 LEU LEU A . n 
A 1 134 LYS 134 156 156 LYS LYS A . n 
A 1 135 ASP 135 157 157 ASP ASP A . n 
A 1 136 GLU 136 158 158 GLU GLU A . n 
A 1 137 LEU 137 159 159 LEU LEU A . n 
A 1 138 LYS 138 160 160 LYS LYS A . n 
A 1 139 GLU 139 161 161 GLU GLU A . n 
A 1 140 LYS 140 162 162 LYS LYS A . n 
A 1 141 PHE 141 163 163 PHE PHE A . n 
A 1 142 THR 142 164 164 THR THR A . n 
A 1 143 THR 143 165 165 THR THR A . n 
A 1 144 PHE 144 166 166 PHE PHE A . n 
A 1 145 SER 145 167 167 SER SER A . n 
A 1 146 LYS 146 168 168 LYS LYS A . n 
A 1 147 ALA 147 169 169 ALA ALA A . n 
A 1 148 GLN 148 170 170 GLN GLN A . n 
A 1 149 GLY 149 171 171 GLY GLY A . n 
A 1 150 LEU 150 172 172 LEU LEU A . n 
A 1 151 THR 151 173 173 THR THR A . n 
A 1 152 GLU 152 174 174 GLU GLU A . n 
A 1 153 GLU 153 175 175 GLU GLU A . n 
A 1 154 ASP 154 176 176 ASP ASP A . n 
A 1 155 ILE 155 177 177 ILE ILE A . n 
A 1 156 VAL 156 178 178 VAL VAL A . n 
A 1 157 PHE 157 179 179 PHE PHE A . n 
A 1 158 LEU 158 180 180 LEU LEU A . n 
A 1 159 PRO 159 181 181 PRO PRO A . n 
A 1 160 GLN 160 182 182 GLN GLN A . n 
A 1 161 PRO 161 183 183 PRO PRO A . n 
A 1 162 ASP 162 184 184 ASP ASP A . n 
A 1 163 LYS 163 185 185 LYS LYS A . n 
A 1 164 CYS 164 186 186 CYS CYS A . n 
A 1 165 ILE 165 187 187 ILE ILE A . n 
A 1 166 GLN 166 188 188 GLN GLN A . n 
A 1 167 GLU 167 189 189 GLU GLU A . n 
# 
loop_
_pdbx_nonpoly_scheme.asym_id 
_pdbx_nonpoly_scheme.entity_id 
_pdbx_nonpoly_scheme.mon_id 
_pdbx_nonpoly_scheme.ndb_seq_num 
_pdbx_nonpoly_scheme.pdb_seq_num 
_pdbx_nonpoly_scheme.auth_seq_num 
_pdbx_nonpoly_scheme.pdb_mon_id 
_pdbx_nonpoly_scheme.auth_mon_id 
_pdbx_nonpoly_scheme.pdb_strand_id 
_pdbx_nonpoly_scheme.pdb_ins_code 
B 2 HOH 1  190 1  HOH HOH A . 
B 2 HOH 2  191 2  HOH HOH A . 
B 2 HOH 3  192 3  HOH HOH A . 
B 2 HOH 4  193 4  HOH HOH A . 
B 2 HOH 5  194 5  HOH HOH A . 
B 2 HOH 6  195 6  HOH HOH A . 
B 2 HOH 7  196 7  HOH HOH A . 
B 2 HOH 8  197 8  HOH HOH A . 
B 2 HOH 9  198 9  HOH HOH A . 
B 2 HOH 10 199 10 HOH HOH A . 
B 2 HOH 11 200 1  HOH HOH A . 
B 2 HOH 12 201 2  HOH HOH A . 
B 2 HOH 13 202 3  HOH HOH A . 
B 2 HOH 14 203 4  HOH HOH A . 
B 2 HOH 15 204 5  HOH HOH A . 
B 2 HOH 16 205 6  HOH HOH A . 
B 2 HOH 17 206 7  HOH HOH A . 
B 2 HOH 18 207 8  HOH HOH A . 
B 2 HOH 19 208 9  HOH HOH A . 
B 2 HOH 20 209 10 HOH HOH A . 
B 2 HOH 21 210 11 HOH HOH A . 
B 2 HOH 22 211 12 HOH HOH A . 
B 2 HOH 23 212 13 HOH HOH A . 
B 2 HOH 24 213 14 HOH HOH A . 
B 2 HOH 25 214 15 HOH HOH A . 
B 2 HOH 26 215 16 HOH HOH A . 
B 2 HOH 27 216 17 HOH HOH A . 
B 2 HOH 28 217 18 HOH HOH A . 
B 2 HOH 29 218 19 HOH HOH A . 
B 2 HOH 30 219 20 HOH HOH A . 
B 2 HOH 31 220 21 HOH HOH A . 
B 2 HOH 32 221 22 HOH HOH A . 
# 
loop_
_software.name 
_software.classification 
_software.version 
_software.citation_id 
_software.pdbx_ordinal 
REFMAC    refinement       5.0 ? 1 
DENZO     'data reduction' .   ? 2 
SCALEPACK 'data scaling'   .   ? 3 
CCP4      phasing          .   ? 4 
# 
_cell.entry_id           2CZT 
_cell.length_a           46.3 
_cell.length_b           67.1 
_cell.length_c           104.6 
_cell.angle_alpha        90.00 
_cell.angle_beta         90.00 
_cell.angle_gamma        90.00 
_cell.Z_PDB              8 
_cell.pdbx_unique_axis   ? 
_cell.length_a_esd       ? 
_cell.length_b_esd       ? 
_cell.length_c_esd       ? 
_cell.angle_alpha_esd    ? 
_cell.angle_beta_esd     ? 
_cell.angle_gamma_esd    ? 
# 
_symmetry.entry_id                         2CZT 
_symmetry.space_group_name_H-M             'C 2 2 21' 
_symmetry.pdbx_full_space_group_name_H-M   ? 
_symmetry.cell_setting                     ? 
_symmetry.Int_Tables_number                20 
_symmetry.space_group_name_Hall            ? 
# 
_exptl.entry_id          2CZT 
_exptl.method            'X-RAY DIFFRACTION' 
_exptl.crystals_number   1 
# 
_exptl_crystal.id                    1 
_exptl_crystal.density_meas          ? 
_exptl_crystal.density_Matthews      2.2 
_exptl_crystal.density_percent_sol   44 
_exptl_crystal.description           ? 
_exptl_crystal.F_000                 ? 
_exptl_crystal.preparation           ? 
# 
_exptl_crystal_grow.crystal_id      1 
_exptl_crystal_grow.method          'VAPOR DIFFUSION, HANGING DROP' 
_exptl_crystal_grow.temp            295.5 
_exptl_crystal_grow.temp_details    ? 
_exptl_crystal_grow.pH              8.0 
_exptl_crystal_grow.pdbx_details    'sodium citrate, pH 8.0, VAPOR DIFFUSION, HANGING DROP, temperature 295.5K' 
_exptl_crystal_grow.pdbx_pH_range   . 
# 
_diffrn.id                     1 
_diffrn.ambient_temp           100 
_diffrn.ambient_temp_details   ? 
_diffrn.crystal_id             1 
# 
_diffrn_detector.diffrn_id              1 
_diffrn_detector.detector               'IMAGE PLATE' 
_diffrn_detector.type                   'RIGAKU RAXIS IV' 
_diffrn_detector.pdbx_collection_date   2000-10-10 
_diffrn_detector.details                ? 
# 
_diffrn_radiation.diffrn_id                        1 
_diffrn_radiation.wavelength_id                    1 
_diffrn_radiation.pdbx_monochromatic_or_laue_m_l   M 
_diffrn_radiation.monochromator                    ? 
_diffrn_radiation.pdbx_diffrn_protocol             'SINGLE WAVELENGTH' 
_diffrn_radiation.pdbx_scattering_type             x-ray 
# 
_diffrn_radiation_wavelength.id           1 
_diffrn_radiation_wavelength.wavelength   1.01 
_diffrn_radiation_wavelength.wt           1.0 
# 
_diffrn_source.diffrn_id                   1 
_diffrn_source.source                      SYNCHROTRON 
_diffrn_source.type                        'SPRING-8 BEAMLINE BL45XU' 
_diffrn_source.pdbx_synchrotron_site       SPring-8 
_diffrn_source.pdbx_synchrotron_beamline   BL45XU 
_diffrn_source.pdbx_wavelength             ? 
_diffrn_source.pdbx_wavelength_list        1.01 
# 
_reflns.entry_id                     2CZT 
_reflns.number_all                   ? 
_reflns.number_obs                   11368 
_reflns.percent_possible_obs         ? 
_reflns.observed_criterion_sigma_F   ? 
_reflns.observed_criterion_sigma_I   ? 
_reflns.d_resolution_high            ? 
_reflns.d_resolution_low             ? 
_reflns.pdbx_Rmerge_I_obs            ? 
_reflns.pdbx_Rsym_value              ? 
_reflns.pdbx_netI_over_sigmaI        ? 
_reflns.B_iso_Wilson_estimate        ? 
_reflns.pdbx_redundancy              ? 
_reflns.R_free_details               ? 
_reflns.limit_h_max                  ? 
_reflns.limit_h_min                  ? 
_reflns.limit_k_max                  ? 
_reflns.limit_k_min                  ? 
_reflns.limit_l_max                  ? 
_reflns.limit_l_min                  ? 
_reflns.observed_criterion_F_max     ? 
_reflns.observed_criterion_F_min     ? 
_reflns.pdbx_chi_squared             ? 
_reflns.pdbx_scaling_rejects         ? 
_reflns.pdbx_ordinal                 1 
_reflns.pdbx_diffrn_id               1 
# 
_reflns_shell.d_res_high             2.0 
_reflns_shell.d_res_low              10.0 
_reflns_shell.percent_possible_all   77.2 
_reflns_shell.Rmerge_I_obs           ? 
_reflns_shell.pdbx_Rsym_value        ? 
_reflns_shell.meanI_over_sigI_obs    ? 
_reflns_shell.pdbx_redundancy        ? 
_reflns_shell.percent_possible_obs   ? 
_reflns_shell.number_unique_all      ? 
_reflns_shell.number_measured_all    ? 
_reflns_shell.number_measured_obs    ? 
_reflns_shell.number_unique_obs      ? 
_reflns_shell.pdbx_chi_squared       ? 
_reflns_shell.pdbx_ordinal           1 
_reflns_shell.pdbx_diffrn_id         1 
# 
_refine.entry_id                                 2CZT 
_refine.ls_number_reflns_obs                     7821 
_refine.ls_number_reflns_all                     8773 
_refine.pdbx_ls_sigma_I                          ? 
_refine.pdbx_ls_sigma_F                          0 
_refine.pdbx_data_cutoff_high_absF               ? 
_refine.pdbx_data_cutoff_low_absF                ? 
_refine.pdbx_data_cutoff_high_rms_absF           ? 
_refine.ls_d_res_low                             10.00 
_refine.ls_d_res_high                            2.00 
_refine.ls_percent_reflns_obs                    77.06 
_refine.ls_R_factor_obs                          0.245 
_refine.ls_R_factor_all                          0.245 
_refine.ls_R_factor_R_work                       0.242 
_refine.ls_R_factor_R_free                       0.278 
_refine.ls_R_factor_R_free_error                 ? 
_refine.ls_R_factor_R_free_error_details         ? 
_refine.ls_percent_reflns_R_free                 9.8 
_refine.ls_number_reflns_R_free                  850 
_refine.ls_number_parameters                     ? 
_refine.ls_number_restraints                     ? 
_refine.occupancy_min                            ? 
_refine.occupancy_max                            ? 
_refine.correlation_coeff_Fo_to_Fc               0.931 
_refine.correlation_coeff_Fo_to_Fc_free          0.917 
_refine.B_iso_mean                               36.411 
_refine.aniso_B[1][1]                            -1.64 
_refine.aniso_B[2][2]                            0.84 
_refine.aniso_B[3][3]                            0.80 
_refine.aniso_B[1][2]                            0.00 
_refine.aniso_B[1][3]                            0.00 
_refine.aniso_B[2][3]                            0.00 
_refine.solvent_model_details                    'BABINET MODEL WITH MASK' 
_refine.solvent_model_param_ksol                 ? 
_refine.solvent_model_param_bsol                 ? 
_refine.pdbx_solvent_vdw_probe_radii             1.40 
_refine.pdbx_solvent_ion_probe_radii             0.80 
_refine.pdbx_solvent_shrinkage_radii             0.80 
_refine.pdbx_ls_cross_valid_method               THROUGHOUT 
_refine.details                                  ? 
_refine.pdbx_starting_model                      ? 
_refine.pdbx_method_to_determine_struct          'MOLECULAR REPLACEMENT' 
_refine.pdbx_isotropic_thermal_model             ? 
_refine.pdbx_stereochemistry_target_values       'MAXIMUM LIKELIHOOD' 
_refine.pdbx_stereochem_target_val_spec_case     ? 
_refine.pdbx_R_Free_selection_details            RANDOM 
_refine.pdbx_overall_ESU_R                       0.365 
_refine.pdbx_overall_ESU_R_Free                  0.251 
_refine.overall_SU_ML                            0.181 
_refine.overall_SU_B                             6.452 
_refine.ls_redundancy_reflns_obs                 ? 
_refine.B_iso_min                                ? 
_refine.B_iso_max                                ? 
_refine.overall_SU_R_Cruickshank_DPI             ? 
_refine.overall_SU_R_free                        ? 
_refine.ls_wR_factor_R_free                      ? 
_refine.ls_wR_factor_R_work                      ? 
_refine.overall_FOM_free_R_set                   ? 
_refine.overall_FOM_work_R_set                   ? 
_refine.pdbx_refine_id                           'X-RAY DIFFRACTION' 
_refine.pdbx_TLS_residual_ADP_flag               'LIKELY RESIDUAL' 
_refine.pdbx_diffrn_id                           1 
_refine.pdbx_overall_phase_error                 ? 
_refine.pdbx_overall_SU_R_free_Cruickshank_DPI   ? 
_refine.pdbx_overall_SU_R_Blow_DPI               ? 
_refine.pdbx_overall_SU_R_free_Blow_DPI          ? 
# 
_refine_hist.pdbx_refine_id                   'X-RAY DIFFRACTION' 
_refine_hist.cycle_id                         LAST 
_refine_hist.pdbx_number_atoms_protein        1223 
_refine_hist.pdbx_number_atoms_nucleic_acid   0 
_refine_hist.pdbx_number_atoms_ligand         0 
_refine_hist.number_atoms_solvent             32 
_refine_hist.number_atoms_total               1255 
_refine_hist.d_res_high                       2.00 
_refine_hist.d_res_low                        10.00 
# 
loop_
_refine_ls_restr.type 
_refine_ls_restr.dev_ideal 
_refine_ls_restr.dev_ideal_target 
_refine_ls_restr.weight 
_refine_ls_restr.number 
_refine_ls_restr.pdbx_refine_id 
_refine_ls_restr.pdbx_restraint_function 
r_bond_refined_d             0.012  0.021  ? 1252 'X-RAY DIFFRACTION' ? 
r_bond_other_d               ?      ?      ? ?    'X-RAY DIFFRACTION' ? 
r_angle_refined_deg          1.385  1.953  ? 1690 'X-RAY DIFFRACTION' ? 
r_angle_other_deg            ?      ?      ? ?    'X-RAY DIFFRACTION' ? 
r_dihedral_angle_1_deg       3.838  3.000  ? 153  'X-RAY DIFFRACTION' ? 
r_dihedral_angle_2_deg       ?      ?      ? ?    'X-RAY DIFFRACTION' ? 
r_dihedral_angle_3_deg       15.391 15.000 ? 228  'X-RAY DIFFRACTION' ? 
r_dihedral_angle_4_deg       ?      ?      ? ?    'X-RAY DIFFRACTION' ? 
r_chiral_restr               0.092  0.200  ? 183  'X-RAY DIFFRACTION' ? 
r_gen_planes_refined         0.005  0.020  ? 943  'X-RAY DIFFRACTION' ? 
r_gen_planes_other           ?      ?      ? ?    'X-RAY DIFFRACTION' ? 
r_nbd_refined                0.295  0.300  ? 523  'X-RAY DIFFRACTION' ? 
r_nbd_other                  ?      ?      ? ?    'X-RAY DIFFRACTION' ? 
r_nbtor_refined              ?      ?      ? ?    'X-RAY DIFFRACTION' ? 
r_nbtor_other                ?      ?      ? ?    'X-RAY DIFFRACTION' ? 
r_xyhbond_nbd_refined        0.152  0.500  ? 117  'X-RAY DIFFRACTION' ? 
r_xyhbond_nbd_other          ?      ?      ? ?    'X-RAY DIFFRACTION' ? 
r_metal_ion_refined          ?      ?      ? ?    'X-RAY DIFFRACTION' ? 
r_metal_ion_other            ?      ?      ? ?    'X-RAY DIFFRACTION' ? 
r_symmetry_vdw_refined       0.441  0.300  ? 37   'X-RAY DIFFRACTION' ? 
r_symmetry_vdw_other         ?      ?      ? ?    'X-RAY DIFFRACTION' ? 
r_symmetry_hbond_refined     0.643  0.500  ? 5    'X-RAY DIFFRACTION' ? 
r_symmetry_hbond_other       ?      ?      ? ?    'X-RAY DIFFRACTION' ? 
r_symmetry_metal_ion_refined ?      ?      ? ?    'X-RAY DIFFRACTION' ? 
r_symmetry_metal_ion_other   ?      ?      ? ?    'X-RAY DIFFRACTION' ? 
r_mcbond_it                  1.845  1.500  ? 770  'X-RAY DIFFRACTION' ? 
r_mcbond_other               ?      ?      ? ?    'X-RAY DIFFRACTION' ? 
r_mcangle_it                 2.768  2.000  ? 1237 'X-RAY DIFFRACTION' ? 
r_scbond_it                  4.428  3.000  ? 482  'X-RAY DIFFRACTION' ? 
r_scangle_it                 6.461  4.500  ? 453  'X-RAY DIFFRACTION' ? 
r_rigid_bond_restr           ?      ?      ? ?    'X-RAY DIFFRACTION' ? 
r_sphericity_free            ?      ?      ? ?    'X-RAY DIFFRACTION' ? 
r_sphericity_bonded          ?      ?      ? ?    'X-RAY DIFFRACTION' ? 
# 
_refine_ls_shell.pdbx_total_number_of_bins_used   20 
_refine_ls_shell.d_res_high                       2.000 
_refine_ls_shell.d_res_low                        2.050 
_refine_ls_shell.number_reflns_R_work             490 
_refine_ls_shell.R_factor_R_work                  0.266 
_refine_ls_shell.percent_reflns_obs               ? 
_refine_ls_shell.R_factor_R_free                  0.314 
_refine_ls_shell.R_factor_R_free_error            ? 
_refine_ls_shell.percent_reflns_R_free            ? 
_refine_ls_shell.number_reflns_R_free             48 
_refine_ls_shell.number_reflns_obs                ? 
_refine_ls_shell.redundancy_reflns_obs            ? 
_refine_ls_shell.number_reflns_all                ? 
_refine_ls_shell.R_factor_all                     ? 
_refine_ls_shell.pdbx_refine_id                   'X-RAY DIFFRACTION' 
# 
_struct.entry_id                  2CZT 
_struct.title                     'lipocalin-type prostaglandin D synthase' 
_struct.pdbx_model_details        ? 
_struct.pdbx_CASP_flag            ? 
_struct.pdbx_model_type_details   ? 
# 
_struct_keywords.entry_id        2CZT 
_struct_keywords.pdbx_keywords   ISOMERASE 
_struct_keywords.text            
'LIPOCALIN, C2221 native, RIKEN Structural Genomics/Proteomics Initiative, RSGI, Structural Genomics, Isomerase' 
# 
loop_
_struct_asym.id 
_struct_asym.pdbx_blank_PDB_chainid_flag 
_struct_asym.pdbx_modified 
_struct_asym.entity_id 
_struct_asym.details 
A N N 1 ? 
B N N 2 ? 
# 
_struct_ref.id                         1 
_struct_ref.db_name                    UNP 
_struct_ref.db_code                    PTGDS_MOUSE 
_struct_ref.pdbx_db_accession          O09114 
_struct_ref.entity_id                  1 
_struct_ref.pdbx_align_begin           25 
_struct_ref.pdbx_db_isoform            ? 
_struct_ref.pdbx_seq_one_letter_code   ? 
# 
_struct_ref_seq.align_id                      1 
_struct_ref_seq.ref_id                        1 
_struct_ref_seq.pdbx_PDB_id_code              2CZT 
_struct_ref_seq.pdbx_strand_id                A 
_struct_ref_seq.seq_align_beg                 3 
_struct_ref_seq.pdbx_seq_align_beg_ins_code   ? 
_struct_ref_seq.seq_align_end                 167 
_struct_ref_seq.pdbx_seq_align_end_ins_code   ? 
_struct_ref_seq.pdbx_db_accession             O09114 
_struct_ref_seq.db_align_beg                  25 
_struct_ref_seq.pdbx_db_align_beg_ins_code    ? 
_struct_ref_seq.db_align_end                  189 
_struct_ref_seq.pdbx_db_align_end_ins_code    ? 
_struct_ref_seq.pdbx_auth_seq_align_beg       25 
_struct_ref_seq.pdbx_auth_seq_align_end       189 
# 
loop_
_struct_ref_seq_dif.align_id 
_struct_ref_seq_dif.pdbx_pdb_id_code 
_struct_ref_seq_dif.mon_id 
_struct_ref_seq_dif.pdbx_pdb_strand_id 
_struct_ref_seq_dif.seq_num 
_struct_ref_seq_dif.pdbx_pdb_ins_code 
_struct_ref_seq_dif.pdbx_seq_db_name 
_struct_ref_seq_dif.pdbx_seq_db_accession_code 
_struct_ref_seq_dif.db_mon_id 
_struct_ref_seq_dif.pdbx_seq_db_seq_num 
_struct_ref_seq_dif.details 
_struct_ref_seq_dif.pdbx_auth_seq_num 
_struct_ref_seq_dif.pdbx_ordinal 
1 2CZT GLY A 1  ? UNP O09114 ?   ?  'cloning artifact'    23 1 
1 2CZT SER A 2  ? UNP O09114 ?   ?  'cloning artifact'    24 2 
1 2CZT ALA A 43 ? UNP O09114 CYS 65 'engineered mutation' 65 3 
# 
_pdbx_struct_assembly.id                   1 
_pdbx_struct_assembly.details              author_defined_assembly 
_pdbx_struct_assembly.method_details       ? 
_pdbx_struct_assembly.oligomeric_details   monomeric 
_pdbx_struct_assembly.oligomeric_count     1 
# 
_pdbx_struct_assembly_gen.assembly_id       1 
_pdbx_struct_assembly_gen.oper_expression   1 
_pdbx_struct_assembly_gen.asym_id_list      A,B 
# 
_pdbx_struct_oper_list.id                   1 
_pdbx_struct_oper_list.type                 'identity operation' 
_pdbx_struct_oper_list.name                 1_555 
_pdbx_struct_oper_list.symmetry_operation   x,y,z 
_pdbx_struct_oper_list.matrix[1][1]         1.0000000000 
_pdbx_struct_oper_list.matrix[1][2]         0.0000000000 
_pdbx_struct_oper_list.matrix[1][3]         0.0000000000 
_pdbx_struct_oper_list.vector[1]            0.0000000000 
_pdbx_struct_oper_list.matrix[2][1]         0.0000000000 
_pdbx_struct_oper_list.matrix[2][2]         1.0000000000 
_pdbx_struct_oper_list.matrix[2][3]         0.0000000000 
_pdbx_struct_oper_list.vector[2]            0.0000000000 
_pdbx_struct_oper_list.matrix[3][1]         0.0000000000 
_pdbx_struct_oper_list.matrix[3][2]         0.0000000000 
_pdbx_struct_oper_list.matrix[3][3]         1.0000000000 
_pdbx_struct_oper_list.vector[3]            0.0000000000 
# 
_struct_biol.id                    1 
_struct_biol.pdbx_parent_biol_id   ? 
_struct_biol.details               ? 
# 
loop_
_struct_conf.conf_type_id 
_struct_conf.id 
_struct_conf.pdbx_PDB_helix_id 
_struct_conf.beg_label_comp_id 
_struct_conf.beg_label_asym_id 
_struct_conf.beg_label_seq_id 
_struct_conf.pdbx_beg_PDB_ins_code 
_struct_conf.end_label_comp_id 
_struct_conf.end_label_asym_id 
_struct_conf.end_label_seq_id 
_struct_conf.pdbx_end_PDB_ins_code 
_struct_conf.beg_auth_comp_id 
_struct_conf.beg_auth_asym_id 
_struct_conf.beg_auth_seq_id 
_struct_conf.end_auth_comp_id 
_struct_conf.end_auth_asym_id 
_struct_conf.end_auth_seq_id 
_struct_conf.pdbx_PDB_helix_class 
_struct_conf.details 
_struct_conf.pdbx_PDB_helix_length 
HELX_P HELX_P1 1 GLN A 13  ? LEU A 18  ? GLN A 35  LEU A 40  5 ? 6  
HELX_P HELX_P2 2 TRP A 32  ? LYS A 37  ? TRP A 54  LYS A 59  1 ? 6  
HELX_P HELX_P3 3 LYS A 134 ? GLN A 148 ? LYS A 156 GLN A 170 1 ? 15 
HELX_P HELX_P4 4 THR A 151 ? GLU A 153 ? THR A 173 GLU A 175 5 ? 3  
# 
_struct_conf_type.id          HELX_P 
_struct_conf_type.criteria    ? 
_struct_conf_type.reference   ? 
# 
_struct_conn.id                            disulf1 
_struct_conn.conn_type_id                  disulf 
_struct_conn.pdbx_leaving_atom_flag        ? 
_struct_conn.pdbx_PDB_id                   ? 
_struct_conn.ptnr1_label_asym_id           A 
_struct_conn.ptnr1_label_comp_id           CYS 
_struct_conn.ptnr1_label_seq_id            67 
_struct_conn.ptnr1_label_atom_id           SG 
_struct_conn.pdbx_ptnr1_label_alt_id       ? 
_struct_conn.pdbx_ptnr1_PDB_ins_code       ? 
_struct_conn.pdbx_ptnr1_standard_comp_id   ? 
_struct_conn.ptnr1_symmetry                1_555 
_struct_conn.ptnr2_label_asym_id           A 
_struct_conn.ptnr2_label_comp_id           CYS 
_struct_conn.ptnr2_label_seq_id            164 
_struct_conn.ptnr2_label_atom_id           SG 
_struct_conn.pdbx_ptnr2_label_alt_id       ? 
_struct_conn.pdbx_ptnr2_PDB_ins_code       ? 
_struct_conn.ptnr1_auth_asym_id            A 
_struct_conn.ptnr1_auth_comp_id            CYS 
_struct_conn.ptnr1_auth_seq_id             89 
_struct_conn.ptnr2_auth_asym_id            A 
_struct_conn.ptnr2_auth_comp_id            CYS 
_struct_conn.ptnr2_auth_seq_id             186 
_struct_conn.ptnr2_symmetry                1_555 
_struct_conn.pdbx_ptnr3_label_atom_id      ? 
_struct_conn.pdbx_ptnr3_label_seq_id       ? 
_struct_conn.pdbx_ptnr3_label_comp_id      ? 
_struct_conn.pdbx_ptnr3_label_asym_id      ? 
_struct_conn.pdbx_ptnr3_label_alt_id       ? 
_struct_conn.pdbx_ptnr3_PDB_ins_code       ? 
_struct_conn.details                       ? 
_struct_conn.pdbx_dist_value               2.034 
_struct_conn.pdbx_value_order              ? 
_struct_conn.pdbx_role                     ? 
# 
_struct_conn_type.id          disulf 
_struct_conn_type.criteria    ? 
_struct_conn_type.reference   ? 
# 
_pdbx_modification_feature.ordinal                            1 
_pdbx_modification_feature.label_comp_id                      CYS 
_pdbx_modification_feature.label_asym_id                      A 
_pdbx_modification_feature.label_seq_id                       67 
_pdbx_modification_feature.label_alt_id                       ? 
_pdbx_modification_feature.modified_residue_label_comp_id     CYS 
_pdbx_modification_feature.modified_residue_label_asym_id     A 
_pdbx_modification_feature.modified_residue_label_seq_id      164 
_pdbx_modification_feature.modified_residue_label_alt_id      ? 
_pdbx_modification_feature.auth_comp_id                       CYS 
_pdbx_modification_feature.auth_asym_id                       A 
_pdbx_modification_feature.auth_seq_id                        89 
_pdbx_modification_feature.PDB_ins_code                       ? 
_pdbx_modification_feature.symmetry                           1_555 
_pdbx_modification_feature.modified_residue_auth_comp_id      CYS 
_pdbx_modification_feature.modified_residue_auth_asym_id      A 
_pdbx_modification_feature.modified_residue_auth_seq_id       186 
_pdbx_modification_feature.modified_residue_PDB_ins_code      ? 
_pdbx_modification_feature.modified_residue_symmetry          1_555 
_pdbx_modification_feature.comp_id_linking_atom               SG 
_pdbx_modification_feature.modified_residue_id_linking_atom   SG 
_pdbx_modification_feature.modified_residue_id                . 
_pdbx_modification_feature.ref_pcm_id                         . 
_pdbx_modification_feature.ref_comp_id                        . 
_pdbx_modification_feature.type                               None 
_pdbx_modification_feature.category                           'Disulfide bridge' 
# 
_struct_sheet.id               A 
_struct_sheet.type             ? 
_struct_sheet.number_strands   10 
_struct_sheet.details          ? 
# 
loop_
_struct_sheet_order.sheet_id 
_struct_sheet_order.range_id_1 
_struct_sheet_order.range_id_2 
_struct_sheet_order.offset 
_struct_sheet_order.sense 
A 1 2  ? anti-parallel 
A 2 3  ? anti-parallel 
A 3 4  ? anti-parallel 
A 4 5  ? anti-parallel 
A 5 6  ? anti-parallel 
A 6 7  ? anti-parallel 
A 7 8  ? anti-parallel 
A 8 9  ? anti-parallel 
A 9 10 ? anti-parallel 
# 
loop_
_struct_sheet_range.sheet_id 
_struct_sheet_range.id 
_struct_sheet_range.beg_label_comp_id 
_struct_sheet_range.beg_label_asym_id 
_struct_sheet_range.beg_label_seq_id 
_struct_sheet_range.pdbx_beg_PDB_ins_code 
_struct_sheet_range.end_label_comp_id 
_struct_sheet_range.end_label_asym_id 
_struct_sheet_range.end_label_seq_id 
_struct_sheet_range.pdbx_end_PDB_ins_code 
_struct_sheet_range.beg_auth_comp_id 
_struct_sheet_range.beg_auth_asym_id 
_struct_sheet_range.beg_auth_seq_id 
_struct_sheet_range.end_auth_comp_id 
_struct_sheet_range.end_auth_asym_id 
_struct_sheet_range.end_auth_seq_id 
A 1  ILE A 155 ? PHE A 157 ? ILE A 177 PHE A 179 
A 2  GLY A 19  ? SER A 28  ? GLY A 41  SER A 50  
A 3  ARG A 122 ? SER A 128 ? ARG A 144 SER A 150 
A 4  TYR A 106 ? ARG A 112 ? TYR A 128 ARG A 134 
A 5  HIS A 94  ? ASN A 102 ? HIS A 116 ASN A 124 
A 6  HIS A 82  ? TYR A 85  ? HIS A 104 TYR A 107 
A 7  CYS A 67  ? PRO A 76  ? CYS A 89  PRO A 98  
A 8  LEU A 55  ? LEU A 62  ? LEU A 77  LEU A 84  
A 9  LYS A 44  ? PRO A 49  ? LYS A 66  PRO A 71  
A 10 GLY A 19  ? SER A 28  ? GLY A 41  SER A 50  
# 
loop_
_pdbx_struct_sheet_hbond.sheet_id 
_pdbx_struct_sheet_hbond.range_id_1 
_pdbx_struct_sheet_hbond.range_id_2 
_pdbx_struct_sheet_hbond.range_1_label_atom_id 
_pdbx_struct_sheet_hbond.range_1_label_comp_id 
_pdbx_struct_sheet_hbond.range_1_label_asym_id 
_pdbx_struct_sheet_hbond.range_1_label_seq_id 
_pdbx_struct_sheet_hbond.range_1_PDB_ins_code 
_pdbx_struct_sheet_hbond.range_1_auth_atom_id 
_pdbx_struct_sheet_hbond.range_1_auth_comp_id 
_pdbx_struct_sheet_hbond.range_1_auth_asym_id 
_pdbx_struct_sheet_hbond.range_1_auth_seq_id 
_pdbx_struct_sheet_hbond.range_2_label_atom_id 
_pdbx_struct_sheet_hbond.range_2_label_comp_id 
_pdbx_struct_sheet_hbond.range_2_label_asym_id 
_pdbx_struct_sheet_hbond.range_2_label_seq_id 
_pdbx_struct_sheet_hbond.range_2_PDB_ins_code 
_pdbx_struct_sheet_hbond.range_2_auth_atom_id 
_pdbx_struct_sheet_hbond.range_2_auth_comp_id 
_pdbx_struct_sheet_hbond.range_2_auth_asym_id 
_pdbx_struct_sheet_hbond.range_2_auth_seq_id 
A 1 2  O VAL A 156 ? O VAL A 178 N LEU A 26  ? N LEU A 48  
A 2 3  N ALA A 27  ? N ALA A 49  O ALA A 124 ? O ALA A 146 
A 3 4  O THR A 125 ? O THR A 147 N LEU A 109 ? N LEU A 131 
A 4 5  O LEU A 108 ? O LEU A 130 N VAL A 99  ? N VAL A 121 
A 5 6  O VAL A 96  ? O VAL A 118 N TYR A 83  ? N TYR A 105 
A 6 7  O THR A 84  ? O THR A 106 N GLN A 75  ? N GLN A 97  
A 7 8  O MET A 72  ? O MET A 94  N LEU A 57  ? N LEU A 79  
A 8 9  O ASN A 56  ? O ASN A 78  N ALA A 48  ? N ALA A 70  
A 9 10 O VAL A 47  ? O VAL A 69  N GLY A 19  ? N GLY A 41  
# 
_pdbx_entry_details.entry_id                   2CZT 
_pdbx_entry_details.compound_details           ? 
_pdbx_entry_details.source_details             ? 
_pdbx_entry_details.nonpolymer_details         ? 
_pdbx_entry_details.sequence_details           ? 
_pdbx_entry_details.has_ligand_of_interest     ? 
_pdbx_entry_details.has_protein_modification   Y 
# 
loop_
_pdbx_validate_symm_contact.id 
_pdbx_validate_symm_contact.PDB_model_num 
_pdbx_validate_symm_contact.auth_atom_id_1 
_pdbx_validate_symm_contact.auth_asym_id_1 
_pdbx_validate_symm_contact.auth_comp_id_1 
_pdbx_validate_symm_contact.auth_seq_id_1 
_pdbx_validate_symm_contact.PDB_ins_code_1 
_pdbx_validate_symm_contact.label_alt_id_1 
_pdbx_validate_symm_contact.site_symmetry_1 
_pdbx_validate_symm_contact.auth_atom_id_2 
_pdbx_validate_symm_contact.auth_asym_id_2 
_pdbx_validate_symm_contact.auth_comp_id_2 
_pdbx_validate_symm_contact.auth_seq_id_2 
_pdbx_validate_symm_contact.PDB_ins_code_2 
_pdbx_validate_symm_contact.label_alt_id_2 
_pdbx_validate_symm_contact.site_symmetry_2 
_pdbx_validate_symm_contact.dist 
1 1 OH  A TYR 125 ? ? 1_555 OH  A TYR 125 ? ? 4_565 1.66 
2 1 NZ  A LYS 59  ? ? 1_555 ND2 A ASN 87  ? ? 3_655 1.92 
3 1 OD2 A ASP 37  ? ? 1_555 NH2 A ARG 144 ? ? 8_555 1.93 
4 1 CE  A LYS 59  ? ? 1_555 ND2 A ASN 87  ? ? 3_655 2.18 
# 
_pdbx_validate_rmsd_angle.id                         1 
_pdbx_validate_rmsd_angle.PDB_model_num              1 
_pdbx_validate_rmsd_angle.auth_atom_id_1             CB 
_pdbx_validate_rmsd_angle.auth_asym_id_1             A 
_pdbx_validate_rmsd_angle.auth_comp_id_1             ASP 
_pdbx_validate_rmsd_angle.auth_seq_id_1              126 
_pdbx_validate_rmsd_angle.PDB_ins_code_1             ? 
_pdbx_validate_rmsd_angle.label_alt_id_1             ? 
_pdbx_validate_rmsd_angle.auth_atom_id_2             CG 
_pdbx_validate_rmsd_angle.auth_asym_id_2             A 
_pdbx_validate_rmsd_angle.auth_comp_id_2             ASP 
_pdbx_validate_rmsd_angle.auth_seq_id_2              126 
_pdbx_validate_rmsd_angle.PDB_ins_code_2             ? 
_pdbx_validate_rmsd_angle.label_alt_id_2             ? 
_pdbx_validate_rmsd_angle.auth_atom_id_3             OD2 
_pdbx_validate_rmsd_angle.auth_asym_id_3             A 
_pdbx_validate_rmsd_angle.auth_comp_id_3             ASP 
_pdbx_validate_rmsd_angle.auth_seq_id_3              126 
_pdbx_validate_rmsd_angle.PDB_ins_code_3             ? 
_pdbx_validate_rmsd_angle.label_alt_id_3             ? 
_pdbx_validate_rmsd_angle.angle_value                123.90 
_pdbx_validate_rmsd_angle.angle_target_value         118.30 
_pdbx_validate_rmsd_angle.angle_deviation            5.60 
_pdbx_validate_rmsd_angle.angle_standard_deviation   0.90 
_pdbx_validate_rmsd_angle.linker_flag                N 
# 
loop_
_pdbx_validate_torsion.id 
_pdbx_validate_torsion.PDB_model_num 
_pdbx_validate_torsion.auth_comp_id 
_pdbx_validate_torsion.auth_asym_id 
_pdbx_validate_torsion.auth_seq_id 
_pdbx_validate_torsion.PDB_ins_code 
_pdbx_validate_torsion.label_alt_id 
_pdbx_validate_torsion.phi 
_pdbx_validate_torsion.psi 
1  1 ARG A 56  ? ? -65.72  0.65    
2  1 GLU A 57  ? ? -130.76 -57.46  
3  1 SER A 108 ? ? -74.27  -133.84 
4  1 PRO A 110 ? ? -74.97  -96.19  
5  1 SER A 112 ? ? -124.22 -157.08 
6  1 GLU A 127 ? ? -133.94 -55.97  
7  1 THR A 136 ? ? -170.65 125.35  
8  1 PRO A 139 ? ? -39.88  126.48  
9  1 ASP A 184 ? ? -86.63  39.03   
10 1 LYS A 185 ? ? -158.18 -93.55  
11 1 CYS A 186 ? ? -65.73  50.99   
12 1 ILE A 187 ? ? -157.31 -1.04   
13 1 GLN A 188 ? ? -120.18 -69.95  
# 
_pdbx_SG_project.id                    1 
_pdbx_SG_project.project_name          ? 
_pdbx_SG_project.full_name_of_center   'RIKEN Structural Genomics/Proteomics Initiative' 
_pdbx_SG_project.initial_of_center     RSGI 
# 
_pdbx_refine_tls.id               1 
_pdbx_refine_tls.details          ? 
_pdbx_refine_tls.method           refined 
_pdbx_refine_tls.origin_x         -0.0992 
_pdbx_refine_tls.origin_y         0.1902 
_pdbx_refine_tls.origin_z         -0.4914 
_pdbx_refine_tls.T[1][1]          0.1410 
_pdbx_refine_tls.T[2][2]          0.0131 
_pdbx_refine_tls.T[3][3]          0.1976 
_pdbx_refine_tls.T[1][2]          0.0291 
_pdbx_refine_tls.T[1][3]          0.0840 
_pdbx_refine_tls.T[2][3]          -0.0150 
_pdbx_refine_tls.L[1][1]          5.2959 
_pdbx_refine_tls.L[2][2]          4.5177 
_pdbx_refine_tls.L[3][3]          2.9134 
_pdbx_refine_tls.L[1][2]          -0.8220 
_pdbx_refine_tls.L[1][3]          -1.1742 
_pdbx_refine_tls.L[2][3]          -1.1020 
_pdbx_refine_tls.S[1][1]          0.1771 
_pdbx_refine_tls.S[1][2]          -0.2307 
_pdbx_refine_tls.S[1][3]          0.6567 
_pdbx_refine_tls.S[2][1]          0.3090 
_pdbx_refine_tls.S[2][2]          -0.0181 
_pdbx_refine_tls.S[2][3]          0.1522 
_pdbx_refine_tls.S[3][1]          -0.5083 
_pdbx_refine_tls.S[3][2]          -0.0678 
_pdbx_refine_tls.S[3][3]          -0.1590 
_pdbx_refine_tls.pdbx_refine_id   'X-RAY DIFFRACTION' 
# 
_pdbx_refine_tls_group.id                  1 
_pdbx_refine_tls_group.refine_tls_id       1 
_pdbx_refine_tls_group.beg_auth_asym_id    A 
_pdbx_refine_tls_group.beg_auth_seq_id     34 
_pdbx_refine_tls_group.beg_label_asym_id   A 
_pdbx_refine_tls_group.beg_label_seq_id    12 
_pdbx_refine_tls_group.end_auth_asym_id    A 
_pdbx_refine_tls_group.end_auth_seq_id     189 
_pdbx_refine_tls_group.end_label_asym_id   A 
_pdbx_refine_tls_group.end_label_seq_id    167 
_pdbx_refine_tls_group.selection           ? 
_pdbx_refine_tls_group.pdbx_refine_id      'X-RAY DIFFRACTION' 
_pdbx_refine_tls_group.selection_details   ? 
# 
loop_
_pdbx_unobs_or_zero_occ_residues.id 
_pdbx_unobs_or_zero_occ_residues.PDB_model_num 
_pdbx_unobs_or_zero_occ_residues.polymer_flag 
_pdbx_unobs_or_zero_occ_residues.occupancy_flag 
_pdbx_unobs_or_zero_occ_residues.auth_asym_id 
_pdbx_unobs_or_zero_occ_residues.auth_comp_id 
_pdbx_unobs_or_zero_occ_residues.auth_seq_id 
_pdbx_unobs_or_zero_occ_residues.PDB_ins_code 
_pdbx_unobs_or_zero_occ_residues.label_asym_id 
_pdbx_unobs_or_zero_occ_residues.label_comp_id 
_pdbx_unobs_or_zero_occ_residues.label_seq_id 
1  1 Y 1 A GLY 23 ? A GLY 1  
2  1 Y 1 A SER 24 ? A SER 2  
3  1 Y 1 A GLN 25 ? A GLN 3  
4  1 Y 1 A GLY 26 ? A GLY 4  
5  1 Y 1 A HIS 27 ? A HIS 5  
6  1 Y 1 A ASP 28 ? A ASP 6  
7  1 Y 1 A THR 29 ? A THR 7  
8  1 Y 1 A VAL 30 ? A VAL 8  
9  1 Y 1 A GLN 31 ? A GLN 9  
10 1 Y 1 A PRO 32 ? A PRO 10 
11 1 Y 1 A ASN 33 ? A ASN 11 
12 1 Y 1 A GLN 88 ? A GLN 66 
# 
loop_
_chem_comp_atom.comp_id 
_chem_comp_atom.atom_id 
_chem_comp_atom.type_symbol 
_chem_comp_atom.pdbx_aromatic_flag 
_chem_comp_atom.pdbx_stereo_config 
_chem_comp_atom.pdbx_ordinal 
ALA N    N N N 1   
ALA CA   C N S 2   
ALA C    C N N 3   
ALA O    O N N 4   
ALA CB   C N N 5   
ALA OXT  O N N 6   
ALA H    H N N 7   
ALA H2   H N N 8   
ALA HA   H N N 9   
ALA HB1  H N N 10  
ALA HB2  H N N 11  
ALA HB3  H N N 12  
ALA HXT  H N N 13  
ARG N    N N N 14  
ARG CA   C N S 15  
ARG C    C N N 16  
ARG O    O N N 17  
ARG CB   C N N 18  
ARG CG   C N N 19  
ARG CD   C N N 20  
ARG NE   N N N 21  
ARG CZ   C N N 22  
ARG NH1  N N N 23  
ARG NH2  N N N 24  
ARG OXT  O N N 25  
ARG H    H N N 26  
ARG H2   H N N 27  
ARG HA   H N N 28  
ARG HB2  H N N 29  
ARG HB3  H N N 30  
ARG HG2  H N N 31  
ARG HG3  H N N 32  
ARG HD2  H N N 33  
ARG HD3  H N N 34  
ARG HE   H N N 35  
ARG HH11 H N N 36  
ARG HH12 H N N 37  
ARG HH21 H N N 38  
ARG HH22 H N N 39  
ARG HXT  H N N 40  
ASN N    N N N 41  
ASN CA   C N S 42  
ASN C    C N N 43  
ASN O    O N N 44  
ASN CB   C N N 45  
ASN CG   C N N 46  
ASN OD1  O N N 47  
ASN ND2  N N N 48  
ASN OXT  O N N 49  
ASN H    H N N 50  
ASN H2   H N N 51  
ASN HA   H N N 52  
ASN HB2  H N N 53  
ASN HB3  H N N 54  
ASN HD21 H N N 55  
ASN HD22 H N N 56  
ASN HXT  H N N 57  
ASP N    N N N 58  
ASP CA   C N S 59  
ASP C    C N N 60  
ASP O    O N N 61  
ASP CB   C N N 62  
ASP CG   C N N 63  
ASP OD1  O N N 64  
ASP OD2  O N N 65  
ASP OXT  O N N 66  
ASP H    H N N 67  
ASP H2   H N N 68  
ASP HA   H N N 69  
ASP HB2  H N N 70  
ASP HB3  H N N 71  
ASP HD2  H N N 72  
ASP HXT  H N N 73  
CYS N    N N N 74  
CYS CA   C N R 75  
CYS C    C N N 76  
CYS O    O N N 77  
CYS CB   C N N 78  
CYS SG   S N N 79  
CYS OXT  O N N 80  
CYS H    H N N 81  
CYS H2   H N N 82  
CYS HA   H N N 83  
CYS HB2  H N N 84  
CYS HB3  H N N 85  
CYS HG   H N N 86  
CYS HXT  H N N 87  
GLN N    N N N 88  
GLN CA   C N S 89  
GLN C    C N N 90  
GLN O    O N N 91  
GLN CB   C N N 92  
GLN CG   C N N 93  
GLN CD   C N N 94  
GLN OE1  O N N 95  
GLN NE2  N N N 96  
GLN OXT  O N N 97  
GLN H    H N N 98  
GLN H2   H N N 99  
GLN HA   H N N 100 
GLN HB2  H N N 101 
GLN HB3  H N N 102 
GLN HG2  H N N 103 
GLN HG3  H N N 104 
GLN HE21 H N N 105 
GLN HE22 H N N 106 
GLN HXT  H N N 107 
GLU N    N N N 108 
GLU CA   C N S 109 
GLU C    C N N 110 
GLU O    O N N 111 
GLU CB   C N N 112 
GLU CG   C N N 113 
GLU CD   C N N 114 
GLU OE1  O N N 115 
GLU OE2  O N N 116 
GLU OXT  O N N 117 
GLU H    H N N 118 
GLU H2   H N N 119 
GLU HA   H N N 120 
GLU HB2  H N N 121 
GLU HB3  H N N 122 
GLU HG2  H N N 123 
GLU HG3  H N N 124 
GLU HE2  H N N 125 
GLU HXT  H N N 126 
GLY N    N N N 127 
GLY CA   C N N 128 
GLY C    C N N 129 
GLY O    O N N 130 
GLY OXT  O N N 131 
GLY H    H N N 132 
GLY H2   H N N 133 
GLY HA2  H N N 134 
GLY HA3  H N N 135 
GLY HXT  H N N 136 
HIS N    N N N 137 
HIS CA   C N S 138 
HIS C    C N N 139 
HIS O    O N N 140 
HIS CB   C N N 141 
HIS CG   C Y N 142 
HIS ND1  N Y N 143 
HIS CD2  C Y N 144 
HIS CE1  C Y N 145 
HIS NE2  N Y N 146 
HIS OXT  O N N 147 
HIS H    H N N 148 
HIS H2   H N N 149 
HIS HA   H N N 150 
HIS HB2  H N N 151 
HIS HB3  H N N 152 
HIS HD1  H N N 153 
HIS HD2  H N N 154 
HIS HE1  H N N 155 
HIS HE2  H N N 156 
HIS HXT  H N N 157 
HOH O    O N N 158 
HOH H1   H N N 159 
HOH H2   H N N 160 
ILE N    N N N 161 
ILE CA   C N S 162 
ILE C    C N N 163 
ILE O    O N N 164 
ILE CB   C N S 165 
ILE CG1  C N N 166 
ILE CG2  C N N 167 
ILE CD1  C N N 168 
ILE OXT  O N N 169 
ILE H    H N N 170 
ILE H2   H N N 171 
ILE HA   H N N 172 
ILE HB   H N N 173 
ILE HG12 H N N 174 
ILE HG13 H N N 175 
ILE HG21 H N N 176 
ILE HG22 H N N 177 
ILE HG23 H N N 178 
ILE HD11 H N N 179 
ILE HD12 H N N 180 
ILE HD13 H N N 181 
ILE HXT  H N N 182 
LEU N    N N N 183 
LEU CA   C N S 184 
LEU C    C N N 185 
LEU O    O N N 186 
LEU CB   C N N 187 
LEU CG   C N N 188 
LEU CD1  C N N 189 
LEU CD2  C N N 190 
LEU OXT  O N N 191 
LEU H    H N N 192 
LEU H2   H N N 193 
LEU HA   H N N 194 
LEU HB2  H N N 195 
LEU HB3  H N N 196 
LEU HG   H N N 197 
LEU HD11 H N N 198 
LEU HD12 H N N 199 
LEU HD13 H N N 200 
LEU HD21 H N N 201 
LEU HD22 H N N 202 
LEU HD23 H N N 203 
LEU HXT  H N N 204 
LYS N    N N N 205 
LYS CA   C N S 206 
LYS C    C N N 207 
LYS O    O N N 208 
LYS CB   C N N 209 
LYS CG   C N N 210 
LYS CD   C N N 211 
LYS CE   C N N 212 
LYS NZ   N N N 213 
LYS OXT  O N N 214 
LYS H    H N N 215 
LYS H2   H N N 216 
LYS HA   H N N 217 
LYS HB2  H N N 218 
LYS HB3  H N N 219 
LYS HG2  H N N 220 
LYS HG3  H N N 221 
LYS HD2  H N N 222 
LYS HD3  H N N 223 
LYS HE2  H N N 224 
LYS HE3  H N N 225 
LYS HZ1  H N N 226 
LYS HZ2  H N N 227 
LYS HZ3  H N N 228 
LYS HXT  H N N 229 
MET N    N N N 230 
MET CA   C N S 231 
MET C    C N N 232 
MET O    O N N 233 
MET CB   C N N 234 
MET CG   C N N 235 
MET SD   S N N 236 
MET CE   C N N 237 
MET OXT  O N N 238 
MET H    H N N 239 
MET H2   H N N 240 
MET HA   H N N 241 
MET HB2  H N N 242 
MET HB3  H N N 243 
MET HG2  H N N 244 
MET HG3  H N N 245 
MET HE1  H N N 246 
MET HE2  H N N 247 
MET HE3  H N N 248 
MET HXT  H N N 249 
PHE N    N N N 250 
PHE CA   C N S 251 
PHE C    C N N 252 
PHE O    O N N 253 
PHE CB   C N N 254 
PHE CG   C Y N 255 
PHE CD1  C Y N 256 
PHE CD2  C Y N 257 
PHE CE1  C Y N 258 
PHE CE2  C Y N 259 
PHE CZ   C Y N 260 
PHE OXT  O N N 261 
PHE H    H N N 262 
PHE H2   H N N 263 
PHE HA   H N N 264 
PHE HB2  H N N 265 
PHE HB3  H N N 266 
PHE HD1  H N N 267 
PHE HD2  H N N 268 
PHE HE1  H N N 269 
PHE HE2  H N N 270 
PHE HZ   H N N 271 
PHE HXT  H N N 272 
PRO N    N N N 273 
PRO CA   C N S 274 
PRO C    C N N 275 
PRO O    O N N 276 
PRO CB   C N N 277 
PRO CG   C N N 278 
PRO CD   C N N 279 
PRO OXT  O N N 280 
PRO H    H N N 281 
PRO HA   H N N 282 
PRO HB2  H N N 283 
PRO HB3  H N N 284 
PRO HG2  H N N 285 
PRO HG3  H N N 286 
PRO HD2  H N N 287 
PRO HD3  H N N 288 
PRO HXT  H N N 289 
SER N    N N N 290 
SER CA   C N S 291 
SER C    C N N 292 
SER O    O N N 293 
SER CB   C N N 294 
SER OG   O N N 295 
SER OXT  O N N 296 
SER H    H N N 297 
SER H2   H N N 298 
SER HA   H N N 299 
SER HB2  H N N 300 
SER HB3  H N N 301 
SER HG   H N N 302 
SER HXT  H N N 303 
THR N    N N N 304 
THR CA   C N S 305 
THR C    C N N 306 
THR O    O N N 307 
THR CB   C N R 308 
THR OG1  O N N 309 
THR CG2  C N N 310 
THR OXT  O N N 311 
THR H    H N N 312 
THR H2   H N N 313 
THR HA   H N N 314 
THR HB   H N N 315 
THR HG1  H N N 316 
THR HG21 H N N 317 
THR HG22 H N N 318 
THR HG23 H N N 319 
THR HXT  H N N 320 
TRP N    N N N 321 
TRP CA   C N S 322 
TRP C    C N N 323 
TRP O    O N N 324 
TRP CB   C N N 325 
TRP CG   C Y N 326 
TRP CD1  C Y N 327 
TRP CD2  C Y N 328 
TRP NE1  N Y N 329 
TRP CE2  C Y N 330 
TRP CE3  C Y N 331 
TRP CZ2  C Y N 332 
TRP CZ3  C Y N 333 
TRP CH2  C Y N 334 
TRP OXT  O N N 335 
TRP H    H N N 336 
TRP H2   H N N 337 
TRP HA   H N N 338 
TRP HB2  H N N 339 
TRP HB3  H N N 340 
TRP HD1  H N N 341 
TRP HE1  H N N 342 
TRP HE3  H N N 343 
TRP HZ2  H N N 344 
TRP HZ3  H N N 345 
TRP HH2  H N N 346 
TRP HXT  H N N 347 
TYR N    N N N 348 
TYR CA   C N S 349 
TYR C    C N N 350 
TYR O    O N N 351 
TYR CB   C N N 352 
TYR CG   C Y N 353 
TYR CD1  C Y N 354 
TYR CD2  C Y N 355 
TYR CE1  C Y N 356 
TYR CE2  C Y N 357 
TYR CZ   C Y N 358 
TYR OH   O N N 359 
TYR OXT  O N N 360 
TYR H    H N N 361 
TYR H2   H N N 362 
TYR HA   H N N 363 
TYR HB2  H N N 364 
TYR HB3  H N N 365 
TYR HD1  H N N 366 
TYR HD2  H N N 367 
TYR HE1  H N N 368 
TYR HE2  H N N 369 
TYR HH   H N N 370 
TYR HXT  H N N 371 
VAL N    N N N 372 
VAL CA   C N S 373 
VAL C    C N N 374 
VAL O    O N N 375 
VAL CB   C N N 376 
VAL CG1  C N N 377 
VAL CG2  C N N 378 
VAL OXT  O N N 379 
VAL H    H N N 380 
VAL H2   H N N 381 
VAL HA   H N N 382 
VAL HB   H N N 383 
VAL HG11 H N N 384 
VAL HG12 H N N 385 
VAL HG13 H N N 386 
VAL HG21 H N N 387 
VAL HG22 H N N 388 
VAL HG23 H N N 389 
VAL HXT  H N N 390 
# 
loop_
_chem_comp_bond.comp_id 
_chem_comp_bond.atom_id_1 
_chem_comp_bond.atom_id_2 
_chem_comp_bond.value_order 
_chem_comp_bond.pdbx_aromatic_flag 
_chem_comp_bond.pdbx_stereo_config 
_chem_comp_bond.pdbx_ordinal 
ALA N   CA   sing N N 1   
ALA N   H    sing N N 2   
ALA N   H2   sing N N 3   
ALA CA  C    sing N N 4   
ALA CA  CB   sing N N 5   
ALA CA  HA   sing N N 6   
ALA C   O    doub N N 7   
ALA C   OXT  sing N N 8   
ALA CB  HB1  sing N N 9   
ALA CB  HB2  sing N N 10  
ALA CB  HB3  sing N N 11  
ALA OXT HXT  sing N N 12  
ARG N   CA   sing N N 13  
ARG N   H    sing N N 14  
ARG N   H2   sing N N 15  
ARG CA  C    sing N N 16  
ARG CA  CB   sing N N 17  
ARG CA  HA   sing N N 18  
ARG C   O    doub N N 19  
ARG C   OXT  sing N N 20  
ARG CB  CG   sing N N 21  
ARG CB  HB2  sing N N 22  
ARG CB  HB3  sing N N 23  
ARG CG  CD   sing N N 24  
ARG CG  HG2  sing N N 25  
ARG CG  HG3  sing N N 26  
ARG CD  NE   sing N N 27  
ARG CD  HD2  sing N N 28  
ARG CD  HD3  sing N N 29  
ARG NE  CZ   sing N N 30  
ARG NE  HE   sing N N 31  
ARG CZ  NH1  sing N N 32  
ARG CZ  NH2  doub N N 33  
ARG NH1 HH11 sing N N 34  
ARG NH1 HH12 sing N N 35  
ARG NH2 HH21 sing N N 36  
ARG NH2 HH22 sing N N 37  
ARG OXT HXT  sing N N 38  
ASN N   CA   sing N N 39  
ASN N   H    sing N N 40  
ASN N   H2   sing N N 41  
ASN CA  C    sing N N 42  
ASN CA  CB   sing N N 43  
ASN CA  HA   sing N N 44  
ASN C   O    doub N N 45  
ASN C   OXT  sing N N 46  
ASN CB  CG   sing N N 47  
ASN CB  HB2  sing N N 48  
ASN CB  HB3  sing N N 49  
ASN CG  OD1  doub N N 50  
ASN CG  ND2  sing N N 51  
ASN ND2 HD21 sing N N 52  
ASN ND2 HD22 sing N N 53  
ASN OXT HXT  sing N N 54  
ASP N   CA   sing N N 55  
ASP N   H    sing N N 56  
ASP N   H2   sing N N 57  
ASP CA  C    sing N N 58  
ASP CA  CB   sing N N 59  
ASP CA  HA   sing N N 60  
ASP C   O    doub N N 61  
ASP C   OXT  sing N N 62  
ASP CB  CG   sing N N 63  
ASP CB  HB2  sing N N 64  
ASP CB  HB3  sing N N 65  
ASP CG  OD1  doub N N 66  
ASP CG  OD2  sing N N 67  
ASP OD2 HD2  sing N N 68  
ASP OXT HXT  sing N N 69  
CYS N   CA   sing N N 70  
CYS N   H    sing N N 71  
CYS N   H2   sing N N 72  
CYS CA  C    sing N N 73  
CYS CA  CB   sing N N 74  
CYS CA  HA   sing N N 75  
CYS C   O    doub N N 76  
CYS C   OXT  sing N N 77  
CYS CB  SG   sing N N 78  
CYS CB  HB2  sing N N 79  
CYS CB  HB3  sing N N 80  
CYS SG  HG   sing N N 81  
CYS OXT HXT  sing N N 82  
GLN N   CA   sing N N 83  
GLN N   H    sing N N 84  
GLN N   H2   sing N N 85  
GLN CA  C    sing N N 86  
GLN CA  CB   sing N N 87  
GLN CA  HA   sing N N 88  
GLN C   O    doub N N 89  
GLN C   OXT  sing N N 90  
GLN CB  CG   sing N N 91  
GLN CB  HB2  sing N N 92  
GLN CB  HB3  sing N N 93  
GLN CG  CD   sing N N 94  
GLN CG  HG2  sing N N 95  
GLN CG  HG3  sing N N 96  
GLN CD  OE1  doub N N 97  
GLN CD  NE2  sing N N 98  
GLN NE2 HE21 sing N N 99  
GLN NE2 HE22 sing N N 100 
GLN OXT HXT  sing N N 101 
GLU N   CA   sing N N 102 
GLU N   H    sing N N 103 
GLU N   H2   sing N N 104 
GLU CA  C    sing N N 105 
GLU CA  CB   sing N N 106 
GLU CA  HA   sing N N 107 
GLU C   O    doub N N 108 
GLU C   OXT  sing N N 109 
GLU CB  CG   sing N N 110 
GLU CB  HB2  sing N N 111 
GLU CB  HB3  sing N N 112 
GLU CG  CD   sing N N 113 
GLU CG  HG2  sing N N 114 
GLU CG  HG3  sing N N 115 
GLU CD  OE1  doub N N 116 
GLU CD  OE2  sing N N 117 
GLU OE2 HE2  sing N N 118 
GLU OXT HXT  sing N N 119 
GLY N   CA   sing N N 120 
GLY N   H    sing N N 121 
GLY N   H2   sing N N 122 
GLY CA  C    sing N N 123 
GLY CA  HA2  sing N N 124 
GLY CA  HA3  sing N N 125 
GLY C   O    doub N N 126 
GLY C   OXT  sing N N 127 
GLY OXT HXT  sing N N 128 
HIS N   CA   sing N N 129 
HIS N   H    sing N N 130 
HIS N   H2   sing N N 131 
HIS CA  C    sing N N 132 
HIS CA  CB   sing N N 133 
HIS CA  HA   sing N N 134 
HIS C   O    doub N N 135 
HIS C   OXT  sing N N 136 
HIS CB  CG   sing N N 137 
HIS CB  HB2  sing N N 138 
HIS CB  HB3  sing N N 139 
HIS CG  ND1  sing Y N 140 
HIS CG  CD2  doub Y N 141 
HIS ND1 CE1  doub Y N 142 
HIS ND1 HD1  sing N N 143 
HIS CD2 NE2  sing Y N 144 
HIS CD2 HD2  sing N N 145 
HIS CE1 NE2  sing Y N 146 
HIS CE1 HE1  sing N N 147 
HIS NE2 HE2  sing N N 148 
HIS OXT HXT  sing N N 149 
HOH O   H1   sing N N 150 
HOH O   H2   sing N N 151 
ILE N   CA   sing N N 152 
ILE N   H    sing N N 153 
ILE N   H2   sing N N 154 
ILE CA  C    sing N N 155 
ILE CA  CB   sing N N 156 
ILE CA  HA   sing N N 157 
ILE C   O    doub N N 158 
ILE C   OXT  sing N N 159 
ILE CB  CG1  sing N N 160 
ILE CB  CG2  sing N N 161 
ILE CB  HB   sing N N 162 
ILE CG1 CD1  sing N N 163 
ILE CG1 HG12 sing N N 164 
ILE CG1 HG13 sing N N 165 
ILE CG2 HG21 sing N N 166 
ILE CG2 HG22 sing N N 167 
ILE CG2 HG23 sing N N 168 
ILE CD1 HD11 sing N N 169 
ILE CD1 HD12 sing N N 170 
ILE CD1 HD13 sing N N 171 
ILE OXT HXT  sing N N 172 
LEU N   CA   sing N N 173 
LEU N   H    sing N N 174 
LEU N   H2   sing N N 175 
LEU CA  C    sing N N 176 
LEU CA  CB   sing N N 177 
LEU CA  HA   sing N N 178 
LEU C   O    doub N N 179 
LEU C   OXT  sing N N 180 
LEU CB  CG   sing N N 181 
LEU CB  HB2  sing N N 182 
LEU CB  HB3  sing N N 183 
LEU CG  CD1  sing N N 184 
LEU CG  CD2  sing N N 185 
LEU CG  HG   sing N N 186 
LEU CD1 HD11 sing N N 187 
LEU CD1 HD12 sing N N 188 
LEU CD1 HD13 sing N N 189 
LEU CD2 HD21 sing N N 190 
LEU CD2 HD22 sing N N 191 
LEU CD2 HD23 sing N N 192 
LEU OXT HXT  sing N N 193 
LYS N   CA   sing N N 194 
LYS N   H    sing N N 195 
LYS N   H2   sing N N 196 
LYS CA  C    sing N N 197 
LYS CA  CB   sing N N 198 
LYS CA  HA   sing N N 199 
LYS C   O    doub N N 200 
LYS C   OXT  sing N N 201 
LYS CB  CG   sing N N 202 
LYS CB  HB2  sing N N 203 
LYS CB  HB3  sing N N 204 
LYS CG  CD   sing N N 205 
LYS CG  HG2  sing N N 206 
LYS CG  HG3  sing N N 207 
LYS CD  CE   sing N N 208 
LYS CD  HD2  sing N N 209 
LYS CD  HD3  sing N N 210 
LYS CE  NZ   sing N N 211 
LYS CE  HE2  sing N N 212 
LYS CE  HE3  sing N N 213 
LYS NZ  HZ1  sing N N 214 
LYS NZ  HZ2  sing N N 215 
LYS NZ  HZ3  sing N N 216 
LYS OXT HXT  sing N N 217 
MET N   CA   sing N N 218 
MET N   H    sing N N 219 
MET N   H2   sing N N 220 
MET CA  C    sing N N 221 
MET CA  CB   sing N N 222 
MET CA  HA   sing N N 223 
MET C   O    doub N N 224 
MET C   OXT  sing N N 225 
MET CB  CG   sing N N 226 
MET CB  HB2  sing N N 227 
MET CB  HB3  sing N N 228 
MET CG  SD   sing N N 229 
MET CG  HG2  sing N N 230 
MET CG  HG3  sing N N 231 
MET SD  CE   sing N N 232 
MET CE  HE1  sing N N 233 
MET CE  HE2  sing N N 234 
MET CE  HE3  sing N N 235 
MET OXT HXT  sing N N 236 
PHE N   CA   sing N N 237 
PHE N   H    sing N N 238 
PHE N   H2   sing N N 239 
PHE CA  C    sing N N 240 
PHE CA  CB   sing N N 241 
PHE CA  HA   sing N N 242 
PHE C   O    doub N N 243 
PHE C   OXT  sing N N 244 
PHE CB  CG   sing N N 245 
PHE CB  HB2  sing N N 246 
PHE CB  HB3  sing N N 247 
PHE CG  CD1  doub Y N 248 
PHE CG  CD2  sing Y N 249 
PHE CD1 CE1  sing Y N 250 
PHE CD1 HD1  sing N N 251 
PHE CD2 CE2  doub Y N 252 
PHE CD2 HD2  sing N N 253 
PHE CE1 CZ   doub Y N 254 
PHE CE1 HE1  sing N N 255 
PHE CE2 CZ   sing Y N 256 
PHE CE2 HE2  sing N N 257 
PHE CZ  HZ   sing N N 258 
PHE OXT HXT  sing N N 259 
PRO N   CA   sing N N 260 
PRO N   CD   sing N N 261 
PRO N   H    sing N N 262 
PRO CA  C    sing N N 263 
PRO CA  CB   sing N N 264 
PRO CA  HA   sing N N 265 
PRO C   O    doub N N 266 
PRO C   OXT  sing N N 267 
PRO CB  CG   sing N N 268 
PRO CB  HB2  sing N N 269 
PRO CB  HB3  sing N N 270 
PRO CG  CD   sing N N 271 
PRO CG  HG2  sing N N 272 
PRO CG  HG3  sing N N 273 
PRO CD  HD2  sing N N 274 
PRO CD  HD3  sing N N 275 
PRO OXT HXT  sing N N 276 
SER N   CA   sing N N 277 
SER N   H    sing N N 278 
SER N   H2   sing N N 279 
SER CA  C    sing N N 280 
SER CA  CB   sing N N 281 
SER CA  HA   sing N N 282 
SER C   O    doub N N 283 
SER C   OXT  sing N N 284 
SER CB  OG   sing N N 285 
SER CB  HB2  sing N N 286 
SER CB  HB3  sing N N 287 
SER OG  HG   sing N N 288 
SER OXT HXT  sing N N 289 
THR N   CA   sing N N 290 
THR N   H    sing N N 291 
THR N   H2   sing N N 292 
THR CA  C    sing N N 293 
THR CA  CB   sing N N 294 
THR CA  HA   sing N N 295 
THR C   O    doub N N 296 
THR C   OXT  sing N N 297 
THR CB  OG1  sing N N 298 
THR CB  CG2  sing N N 299 
THR CB  HB   sing N N 300 
THR OG1 HG1  sing N N 301 
THR CG2 HG21 sing N N 302 
THR CG2 HG22 sing N N 303 
THR CG2 HG23 sing N N 304 
THR OXT HXT  sing N N 305 
TRP N   CA   sing N N 306 
TRP N   H    sing N N 307 
TRP N   H2   sing N N 308 
TRP CA  C    sing N N 309 
TRP CA  CB   sing N N 310 
TRP CA  HA   sing N N 311 
TRP C   O    doub N N 312 
TRP C   OXT  sing N N 313 
TRP CB  CG   sing N N 314 
TRP CB  HB2  sing N N 315 
TRP CB  HB3  sing N N 316 
TRP CG  CD1  doub Y N 317 
TRP CG  CD2  sing Y N 318 
TRP CD1 NE1  sing Y N 319 
TRP CD1 HD1  sing N N 320 
TRP CD2 CE2  doub Y N 321 
TRP CD2 CE3  sing Y N 322 
TRP NE1 CE2  sing Y N 323 
TRP NE1 HE1  sing N N 324 
TRP CE2 CZ2  sing Y N 325 
TRP CE3 CZ3  doub Y N 326 
TRP CE3 HE3  sing N N 327 
TRP CZ2 CH2  doub Y N 328 
TRP CZ2 HZ2  sing N N 329 
TRP CZ3 CH2  sing Y N 330 
TRP CZ3 HZ3  sing N N 331 
TRP CH2 HH2  sing N N 332 
TRP OXT HXT  sing N N 333 
TYR N   CA   sing N N 334 
TYR N   H    sing N N 335 
TYR N   H2   sing N N 336 
TYR CA  C    sing N N 337 
TYR CA  CB   sing N N 338 
TYR CA  HA   sing N N 339 
TYR C   O    doub N N 340 
TYR C   OXT  sing N N 341 
TYR CB  CG   sing N N 342 
TYR CB  HB2  sing N N 343 
TYR CB  HB3  sing N N 344 
TYR CG  CD1  doub Y N 345 
TYR CG  CD2  sing Y N 346 
TYR CD1 CE1  sing Y N 347 
TYR CD1 HD1  sing N N 348 
TYR CD2 CE2  doub Y N 349 
TYR CD2 HD2  sing N N 350 
TYR CE1 CZ   doub Y N 351 
TYR CE1 HE1  sing N N 352 
TYR CE2 CZ   sing Y N 353 
TYR CE2 HE2  sing N N 354 
TYR CZ  OH   sing N N 355 
TYR OH  HH   sing N N 356 
TYR OXT HXT  sing N N 357 
VAL N   CA   sing N N 358 
VAL N   H    sing N N 359 
VAL N   H2   sing N N 360 
VAL CA  C    sing N N 361 
VAL CA  CB   sing N N 362 
VAL CA  HA   sing N N 363 
VAL C   O    doub N N 364 
VAL C   OXT  sing N N 365 
VAL CB  CG1  sing N N 366 
VAL CB  CG2  sing N N 367 
VAL CB  HB   sing N N 368 
VAL CG1 HG11 sing N N 369 
VAL CG1 HG12 sing N N 370 
VAL CG1 HG13 sing N N 371 
VAL CG2 HG21 sing N N 372 
VAL CG2 HG22 sing N N 373 
VAL CG2 HG23 sing N N 374 
VAL OXT HXT  sing N N 375 
# 
_atom_sites.entry_id                    2CZT 
_atom_sites.fract_transf_matrix[1][1]   0.01869767 
_atom_sites.fract_transf_matrix[1][2]   0.00436426 
_atom_sites.fract_transf_matrix[1][3]   -0.00990370 
_atom_sites.fract_transf_matrix[2][1]   -0.00529203 
_atom_sites.fract_transf_matrix[2][2]   -0.00592360 
_atom_sites.fract_transf_matrix[2][3]   -0.01260144 
_atom_sites.fract_transf_matrix[3][1]   -0.00337756 
_atom_sites.fract_transf_matrix[3][2]   0.00855904 
_atom_sites.fract_transf_matrix[3][3]   -0.00260495 
_atom_sites.fract_transf_vector[1]      0.393002 
_atom_sites.fract_transf_vector[2]      0.212338 
_atom_sites.fract_transf_vector[3]      0.094176 
# 
loop_
_atom_type.symbol 
C 
N 
O 
S 
# 
loop_
_atom_site.group_PDB 
_atom_site.id 
_atom_site.type_symbol 
_atom_site.label_atom_id 
_atom_site.label_alt_id 
_atom_site.label_comp_id 
_atom_site.label_asym_id 
_atom_site.label_entity_id 
_atom_site.label_seq_id 
_atom_site.pdbx_PDB_ins_code 
_atom_site.Cartn_x 
_atom_site.Cartn_y 
_atom_site.Cartn_z 
_atom_site.occupancy 
_atom_site.B_iso_or_equiv 
_atom_site.pdbx_formal_charge 
_atom_site.auth_seq_id 
_atom_site.auth_comp_id 
_atom_site.auth_asym_id 
_atom_site.auth_atom_id 
_atom_site.pdbx_PDB_model_num 
ATOM   1    N N   . PHE A 1 12  ? -3.442  -17.511 -3.268  1.00 40.34 ? 34  PHE A N   1 
ATOM   2    C CA  . PHE A 1 12  ? -2.413  -16.450 -3.527  1.00 41.94 ? 34  PHE A CA  1 
ATOM   3    C C   . PHE A 1 12  ? -1.068  -17.066 -3.943  1.00 40.47 ? 34  PHE A C   1 
ATOM   4    O O   . PHE A 1 12  ? -0.425  -17.737 -3.161  1.00 41.03 ? 34  PHE A O   1 
ATOM   5    C CB  . PHE A 1 12  ? -2.238  -15.579 -2.278  1.00 40.65 ? 34  PHE A CB  1 
ATOM   6    C CG  . PHE A 1 12  ? -1.159  -14.546 -2.399  1.00 43.63 ? 34  PHE A CG  1 
ATOM   7    C CD1 . PHE A 1 12  ? -1.401  -13.348 -3.041  1.00 36.83 ? 34  PHE A CD1 1 
ATOM   8    C CD2 . PHE A 1 12  ? 0.101   -14.767 -1.858  1.00 45.45 ? 34  PHE A CD2 1 
ATOM   9    C CE1 . PHE A 1 12  ? -0.411  -12.388 -3.153  1.00 37.84 ? 34  PHE A CE1 1 
ATOM   10   C CE2 . PHE A 1 12  ? 1.097   -13.803 -1.976  1.00 37.88 ? 34  PHE A CE2 1 
ATOM   11   C CZ  . PHE A 1 12  ? 0.831   -12.614 -2.625  1.00 39.00 ? 34  PHE A CZ  1 
ATOM   12   N N   . GLN A 1 13  ? -0.661  -16.833 -5.184  1.00 39.45 ? 35  GLN A N   1 
ATOM   13   C CA  . GLN A 1 13  ? 0.624   -17.311 -5.674  1.00 36.49 ? 35  GLN A CA  1 
ATOM   14   C C   . GLN A 1 13  ? 1.617   -16.166 -5.631  1.00 34.24 ? 35  GLN A C   1 
ATOM   15   O O   . GLN A 1 13  ? 1.591   -15.300 -6.498  1.00 35.74 ? 35  GLN A O   1 
ATOM   16   C CB  . GLN A 1 13  ? 0.476   -17.804 -7.101  1.00 38.30 ? 35  GLN A CB  1 
ATOM   17   C CG  . GLN A 1 13  ? -0.740  -18.675 -7.306  1.00 42.39 ? 35  GLN A CG  1 
ATOM   18   C CD  . GLN A 1 13  ? -0.577  -19.626 -8.457  1.00 42.46 ? 35  GLN A CD  1 
ATOM   19   O OE1 . GLN A 1 13  ? -0.522  -19.204 -9.613  1.00 47.08 ? 35  GLN A OE1 1 
ATOM   20   N NE2 . GLN A 1 13  ? -0.498  -20.912 -8.153  1.00 43.56 ? 35  GLN A NE2 1 
ATOM   21   N N   . GLN A 1 14  ? 2.481   -16.147 -4.619  1.00 31.48 ? 36  GLN A N   1 
ATOM   22   C CA  . GLN A 1 14  ? 3.404   -15.022 -4.414  1.00 33.81 ? 36  GLN A CA  1 
ATOM   23   C C   . GLN A 1 14  ? 4.246   -14.684 -5.657  1.00 29.60 ? 36  GLN A C   1 
ATOM   24   O O   . GLN A 1 14  ? 4.439   -13.520 -6.005  1.00 30.76 ? 36  GLN A O   1 
ATOM   25   C CB  . GLN A 1 14  ? 4.273   -15.246 -3.162  1.00 36.28 ? 36  GLN A CB  1 
ATOM   26   C CG  . GLN A 1 14  ? 5.328   -14.160 -2.965  1.00 36.08 ? 36  GLN A CG  1 
ATOM   27   C CD  . GLN A 1 14  ? 6.155   -14.350 -1.717  1.00 35.52 ? 36  GLN A CD  1 
ATOM   28   O OE1 . GLN A 1 14  ? 7.134   -15.073 -1.731  1.00 38.30 ? 36  GLN A OE1 1 
ATOM   29   N NE2 . GLN A 1 14  ? 5.754   -13.710 -0.631  1.00 38.10 ? 36  GLN A NE2 1 
ATOM   30   N N   . ASP A 1 15  ? 4.720   -15.708 -6.341  1.00 26.91 ? 37  ASP A N   1 
ATOM   31   C CA  . ASP A 1 15  ? 5.501   -15.508 -7.566  1.00 30.58 ? 37  ASP A CA  1 
ATOM   32   C C   . ASP A 1 15  ? 4.820   -14.655 -8.619  1.00 28.74 ? 37  ASP A C   1 
ATOM   33   O O   . ASP A 1 15  ? 5.453   -13.825 -9.249  1.00 26.60 ? 37  ASP A O   1 
ATOM   34   C CB  . ASP A 1 15  ? 5.867   -16.851 -8.175  1.00 33.03 ? 37  ASP A CB  1 
ATOM   35   C CG  . ASP A 1 15  ? 7.145   -17.395 -7.629  1.00 41.72 ? 37  ASP A CG  1 
ATOM   36   O OD1 . ASP A 1 15  ? 8.191   -16.753 -7.834  1.00 55.99 ? 37  ASP A OD1 1 
ATOM   37   O OD2 . ASP A 1 15  ? 7.220   -18.471 -7.006  1.00 44.91 ? 37  ASP A OD2 1 
ATOM   38   N N   . LYS A 1 16  ? 3.512   -14.850 -8.799  1.00 30.07 ? 38  LYS A N   1 
ATOM   39   C CA  . LYS A 1 16  ? 2.750   -14.052 -9.743  1.00 30.51 ? 38  LYS A CA  1 
ATOM   40   C C   . LYS A 1 16  ? 2.652   -12.560 -9.336  1.00 28.69 ? 38  LYS A C   1 
ATOM   41   O O   . LYS A 1 16  ? 2.272   -11.719 -10.151 1.00 26.12 ? 38  LYS A O   1 
ATOM   42   C CB  . LYS A 1 16  ? 1.328   -14.615 -9.911  1.00 30.05 ? 38  LYS A CB  1 
ATOM   43   C CG  . LYS A 1 16  ? 1.289   -16.130 -10.227 1.00 29.77 ? 38  LYS A CG  1 
ATOM   44   C CD  . LYS A 1 16  ? 1.773   -16.389 -11.635 1.00 33.82 ? 38  LYS A CD  1 
ATOM   45   C CE  . LYS A 1 16  ? 1.340   -17.757 -12.160 1.00 35.72 ? 38  LYS A CE  1 
ATOM   46   N NZ  . LYS A 1 16  ? 1.788   -17.931 -13.587 1.00 35.27 ? 38  LYS A NZ  1 
ATOM   47   N N   . PHE A 1 17  ? 2.936   -12.242 -8.076  1.00 27.69 ? 39  PHE A N   1 
ATOM   48   C CA  . PHE A 1 17  ? 2.780   -10.862 -7.616  1.00 29.49 ? 39  PHE A CA  1 
ATOM   49   C C   . PHE A 1 17  ? 4.062   -10.046 -7.648  1.00 27.59 ? 39  PHE A C   1 
ATOM   50   O O   . PHE A 1 17  ? 4.071   -8.895  -7.217  1.00 25.02 ? 39  PHE A O   1 
ATOM   51   C CB  . PHE A 1 17  ? 2.172   -10.810 -6.236  1.00 28.13 ? 39  PHE A CB  1 
ATOM   52   C CG  . PHE A 1 17  ? 0.847   -11.395 -6.184  1.00 33.81 ? 39  PHE A CG  1 
ATOM   53   C CD1 . PHE A 1 17  ? 0.705   -12.737 -5.940  1.00 36.69 ? 39  PHE A CD1 1 
ATOM   54   C CD2 . PHE A 1 17  ? -0.270  -10.631 -6.424  1.00 38.86 ? 39  PHE A CD2 1 
ATOM   55   C CE1 . PHE A 1 17  ? -0.507  -13.324 -5.912  1.00 39.77 ? 39  PHE A CE1 1 
ATOM   56   C CE2 . PHE A 1 17  ? -1.564  -11.225 -6.349  1.00 47.02 ? 39  PHE A CE2 1 
ATOM   57   C CZ  . PHE A 1 17  ? -1.654  -12.574 -6.115  1.00 45.11 ? 39  PHE A CZ  1 
ATOM   58   N N   . LEU A 1 18  ? 5.127   -10.668 -8.134  1.00 28.33 ? 40  LEU A N   1 
ATOM   59   C CA  . LEU A 1 18  ? 6.433   -10.020 -8.343  1.00 26.14 ? 40  LEU A CA  1 
ATOM   60   C C   . LEU A 1 18  ? 6.380   -9.015  -9.486  1.00 28.73 ? 40  LEU A C   1 
ATOM   61   O O   . LEU A 1 18  ? 5.459   -9.035  -10.303 1.00 27.65 ? 40  LEU A O   1 
ATOM   62   C CB  . LEU A 1 18  ? 7.458   -11.093 -8.673  1.00 30.40 ? 40  LEU A CB  1 
ATOM   63   C CG  . LEU A 1 18  ? 7.641   -12.202 -7.643  1.00 27.02 ? 40  LEU A CG  1 
ATOM   64   C CD1 . LEU A 1 18  ? 8.795   -13.168 -8.034  1.00 27.86 ? 40  LEU A CD1 1 
ATOM   65   C CD2 . LEU A 1 18  ? 7.881   -11.622 -6.230  1.00 25.24 ? 40  LEU A CD2 1 
ATOM   66   N N   . GLY A 1 19  ? 7.360   -8.129  -9.539  1.00 22.51 ? 41  GLY A N   1 
ATOM   67   C CA  . GLY A 1 19  ? 7.413   -7.168  -10.616 1.00 26.60 ? 41  GLY A CA  1 
ATOM   68   C C   . GLY A 1 19  ? 6.890   -5.771  -10.293 1.00 23.71 ? 41  GLY A C   1 
ATOM   69   O O   . GLY A 1 19  ? 6.822   -5.340  -9.155  1.00 25.13 ? 41  GLY A O   1 
ATOM   70   N N   . ARG A 1 20  ? 6.515   -5.057  -11.321 1.00 27.04 ? 42  ARG A N   1 
ATOM   71   C CA  . ARG A 1 20  ? 6.196   -3.642  -11.174 1.00 25.61 ? 42  ARG A CA  1 
ATOM   72   C C   . ARG A 1 20  ? 4.750   -3.326  -10.791 1.00 23.86 ? 42  ARG A C   1 
ATOM   73   O O   . ARG A 1 20  ? 3.815   -3.779  -11.442 1.00 23.77 ? 42  ARG A O   1 
ATOM   74   C CB  . ARG A 1 20  ? 6.542   -2.922  -12.471 1.00 24.44 ? 42  ARG A CB  1 
ATOM   75   C CG  . ARG A 1 20  ? 6.163   -1.446  -12.463 1.00 24.85 ? 42  ARG A CG  1 
ATOM   76   C CD  . ARG A 1 20  ? 6.434   -0.720  -13.788 1.00 28.31 ? 42  ARG A CD  1 
ATOM   77   N NE  . ARG A 1 20  ? 5.418   -1.022  -14.792 1.00 30.29 ? 42  ARG A NE  1 
ATOM   78   C CZ  . ARG A 1 20  ? 5.454   -0.592  -16.046 1.00 28.67 ? 42  ARG A CZ  1 
ATOM   79   N NH1 . ARG A 1 20  ? 6.464   0.164   -16.457 1.00 30.71 ? 42  ARG A NH1 1 
ATOM   80   N NH2 . ARG A 1 20  ? 4.476   -0.909  -16.888 1.00 29.42 ? 42  ARG A NH2 1 
ATOM   81   N N   . TRP A 1 21  ? 4.584   -2.542  -9.732  1.00 24.90 ? 43  TRP A N   1 
ATOM   82   C CA  . TRP A 1 21  ? 3.252   -2.084  -9.304  1.00 25.60 ? 43  TRP A CA  1 
ATOM   83   C C   . TRP A 1 21  ? 3.168   -0.527  -9.169  1.00 26.75 ? 43  TRP A C   1 
ATOM   84   O O   . TRP A 1 21  ? 4.170   0.147   -9.059  1.00 27.10 ? 43  TRP A O   1 
ATOM   85   C CB  . TRP A 1 21  ? 2.843   -2.751  -7.996  1.00 24.75 ? 43  TRP A CB  1 
ATOM   86   C CG  . TRP A 1 21  ? 2.593   -4.234  -8.069  1.00 24.48 ? 43  TRP A CG  1 
ATOM   87   C CD1 . TRP A 1 21  ? 3.488   -5.259  -7.809  1.00 28.06 ? 43  TRP A CD1 1 
ATOM   88   C CD2 . TRP A 1 21  ? 1.359   -4.861  -8.391  1.00 26.32 ? 43  TRP A CD2 1 
ATOM   89   N NE1 . TRP A 1 21  ? 2.853   -6.478  -7.929  1.00 25.16 ? 43  TRP A NE1 1 
ATOM   90   C CE2 . TRP A 1 21  ? 1.552   -6.262  -8.290  1.00 26.19 ? 43  TRP A CE2 1 
ATOM   91   C CE3 . TRP A 1 21  ? 0.088   -4.377  -8.733  1.00 27.16 ? 43  TRP A CE3 1 
ATOM   92   C CZ2 . TRP A 1 21  ? 0.539   -7.174  -8.548  1.00 24.31 ? 43  TRP A CZ2 1 
ATOM   93   C CZ3 . TRP A 1 21  ? -0.911  -5.273  -8.974  1.00 34.25 ? 43  TRP A CZ3 1 
ATOM   94   C CH2 . TRP A 1 21  ? -0.680  -6.676  -8.879  1.00 31.97 ? 43  TRP A CH2 1 
ATOM   95   N N   . TYR A 1 22  ? 1.972   0.039   -9.206  1.00 23.81 ? 44  TYR A N   1 
ATOM   96   C CA  . TYR A 1 22  ? 1.844   1.481   -8.941  1.00 25.84 ? 44  TYR A CA  1 
ATOM   97   C C   . TYR A 1 22  ? 0.892   1.632   -7.780  1.00 24.53 ? 44  TYR A C   1 
ATOM   98   O O   . TYR A 1 22  ? -0.160  1.019   -7.777  1.00 25.23 ? 44  TYR A O   1 
ATOM   99   C CB  . TYR A 1 22  ? 1.330   2.256   -10.163 1.00 23.92 ? 44  TYR A CB  1 
ATOM   100  C CG  . TYR A 1 22  ? 2.266   2.181   -11.365 1.00 29.67 ? 44  TYR A CG  1 
ATOM   101  C CD1 . TYR A 1 22  ? 1.994   1.321   -12.421 1.00 27.68 ? 44  TYR A CD1 1 
ATOM   102  C CD2 . TYR A 1 22  ? 3.411   2.958   -11.431 1.00 29.94 ? 44  TYR A CD2 1 
ATOM   103  C CE1 . TYR A 1 22  ? 2.824   1.238   -13.498 1.00 25.25 ? 44  TYR A CE1 1 
ATOM   104  C CE2 . TYR A 1 22  ? 4.288   2.864   -12.525 1.00 24.57 ? 44  TYR A CE2 1 
ATOM   105  C CZ  . TYR A 1 22  ? 3.959   2.024   -13.558 1.00 28.73 ? 44  TYR A CZ  1 
ATOM   106  O OH  . TYR A 1 22  ? 4.776   1.894   -14.657 1.00 31.01 ? 44  TYR A OH  1 
ATOM   107  N N   . SER A 1 23  ? 1.261   2.402   -6.771  1.00 23.94 ? 45  SER A N   1 
ATOM   108  C CA  . SER A 1 23  ? 0.330   2.605   -5.668  1.00 26.58 ? 45  SER A CA  1 
ATOM   109  C C   . SER A 1 23  ? -0.689  3.624   -6.134  1.00 28.01 ? 45  SER A C   1 
ATOM   110  O O   . SER A 1 23  ? -0.333  4.763   -6.451  1.00 29.34 ? 45  SER A O   1 
ATOM   111  C CB  . SER A 1 23  ? 1.046   3.087   -4.419  1.00 25.36 ? 45  SER A CB  1 
ATOM   112  O OG  . SER A 1 23  ? 1.909   4.158   -4.753  1.00 28.75 ? 45  SER A OG  1 
ATOM   113  N N   . ALA A 1 24  ? -1.956  3.221   -6.169  1.00 28.33 ? 46  ALA A N   1 
ATOM   114  C CA  . ALA A 1 24  ? -2.991  4.062   -6.753  1.00 28.62 ? 46  ALA A CA  1 
ATOM   115  C C   . ALA A 1 24  ? -4.031  4.517   -5.756  1.00 28.20 ? 46  ALA A C   1 
ATOM   116  O O   . ALA A 1 24  ? -4.715  5.497   -6.001  1.00 27.97 ? 46  ALA A O   1 
ATOM   117  C CB  . ALA A 1 24  ? -3.664  3.356   -7.926  1.00 28.10 ? 46  ALA A CB  1 
ATOM   118  N N   . GLY A 1 25  ? -4.171  3.810   -4.642  1.00 26.36 ? 47  GLY A N   1 
ATOM   119  C CA  . GLY A 1 25  ? -5.143  4.190   -3.634  1.00 26.49 ? 47  GLY A CA  1 
ATOM   120  C C   . GLY A 1 25  ? -4.642  4.010   -2.221  1.00 29.06 ? 47  GLY A C   1 
ATOM   121  O O   . GLY A 1 25  ? -3.896  3.054   -1.916  1.00 28.52 ? 47  GLY A O   1 
ATOM   122  N N   . LEU A 1 26  ? -5.055  4.912   -1.339  1.00 27.51 ? 48  LEU A N   1 
ATOM   123  C CA  . LEU A 1 26  ? -4.638  4.860   0.058   1.00 30.97 ? 48  LEU A CA  1 
ATOM   124  C C   . LEU A 1 26  ? -5.730  5.317   1.023   1.00 31.45 ? 48  LEU A C   1 
ATOM   125  O O   . LEU A 1 26  ? -6.220  6.443   0.912   1.00 29.62 ? 48  LEU A O   1 
ATOM   126  C CB  . LEU A 1 26  ? -3.442  5.766   0.236   1.00 31.07 ? 48  LEU A CB  1 
ATOM   127  C CG  . LEU A 1 26  ? -2.061  5.243   0.535   1.00 39.23 ? 48  LEU A CG  1 
ATOM   128  C CD1 . LEU A 1 26  ? -1.083  5.892   -0.414  1.00 42.04 ? 48  LEU A CD1 1 
ATOM   129  C CD2 . LEU A 1 26  ? -1.737  5.599   1.977   1.00 43.17 ? 48  LEU A CD2 1 
ATOM   130  N N   . ALA A 1 27  ? -6.101  4.485   1.992   1.00 29.38 ? 49  ALA A N   1 
ATOM   131  C CA  . ALA A 1 27  ? -7.163  4.878   2.932   1.00 30.34 ? 49  ALA A CA  1 
ATOM   132  C C   . ALA A 1 27  ? -6.723  4.606   4.353   1.00 32.02 ? 49  ALA A C   1 
ATOM   133  O O   . ALA A 1 27  ? -6.376  3.472   4.693   1.00 31.99 ? 49  ALA A O   1 
ATOM   134  C CB  . ALA A 1 27  ? -8.448  4.146   2.633   1.00 30.58 ? 49  ALA A CB  1 
ATOM   135  N N   . SER A 1 28  ? -6.722  5.636   5.190   1.00 31.78 ? 50  SER A N   1 
ATOM   136  C CA  . SER A 1 28  ? -6.206  5.470   6.540   1.00 33.14 ? 50  SER A CA  1 
ATOM   137  C C   . SER A 1 28  ? -6.829  6.365   7.598   1.00 36.87 ? 50  SER A C   1 
ATOM   138  O O   . SER A 1 28  ? -7.627  7.260   7.308   1.00 34.79 ? 50  SER A O   1 
ATOM   139  C CB  . SER A 1 28  ? -4.708  5.714   6.556   1.00 34.99 ? 50  SER A CB  1 
ATOM   140  O OG  . SER A 1 28  ? -4.172  5.401   7.829   1.00 39.02 ? 50  SER A OG  1 
ATOM   141  N N   . ASN A 1 29  ? -6.424  6.106   8.837   1.00 38.28 ? 51  ASN A N   1 
ATOM   142  C CA  . ASN A 1 29  ? -6.846  6.898   9.972   1.00 40.01 ? 51  ASN A CA  1 
ATOM   143  C C   . ASN A 1 29  ? -5.639  7.211   10.853  1.00 41.47 ? 51  ASN A C   1 
ATOM   144  O O   . ASN A 1 29  ? -5.779  7.715   11.962  1.00 42.60 ? 51  ASN A O   1 
ATOM   145  C CB  . ASN A 1 29  ? -7.946  6.182   10.760  1.00 39.49 ? 51  ASN A CB  1 
ATOM   146  C CG  . ASN A 1 29  ? -7.477  4.876   11.375  1.00 41.62 ? 51  ASN A CG  1 
ATOM   147  O OD1 . ASN A 1 29  ? -6.391  4.389   11.077  1.00 41.21 ? 51  ASN A OD1 1 
ATOM   148  N ND2 . ASN A 1 29  ? -8.306  4.298   12.235  1.00 43.56 ? 51  ASN A ND2 1 
ATOM   149  N N   . SER A 1 30  ? -4.446  6.915   10.342  1.00 44.66 ? 52  SER A N   1 
ATOM   150  C CA  . SER A 1 30  ? -3.212  7.172   11.077  1.00 47.22 ? 52  SER A CA  1 
ATOM   151  C C   . SER A 1 30  ? -2.960  8.658   11.210  1.00 49.16 ? 52  SER A C   1 
ATOM   152  O O   . SER A 1 30  ? -3.410  9.448   10.373  1.00 49.85 ? 52  SER A O   1 
ATOM   153  C CB  . SER A 1 30  ? -2.018  6.531   10.373  1.00 47.60 ? 52  SER A CB  1 
ATOM   154  O OG  . SER A 1 30  ? -1.915  5.154   10.695  1.00 51.00 ? 52  SER A OG  1 
ATOM   155  N N   . SER A 1 31  ? -2.230  9.046   12.253  1.00 49.80 ? 53  SER A N   1 
ATOM   156  C CA  . SER A 1 31  ? -1.896  10.455  12.428  1.00 50.69 ? 53  SER A CA  1 
ATOM   157  C C   . SER A 1 31  ? -1.105  10.937  11.213  1.00 50.35 ? 53  SER A C   1 
ATOM   158  O O   . SER A 1 31  ? -1.472  11.937  10.571  1.00 51.11 ? 53  SER A O   1 
ATOM   159  C CB  . SER A 1 31  ? -1.092  10.670  13.716  1.00 51.05 ? 53  SER A CB  1 
ATOM   160  O OG  . SER A 1 31  ? -1.875  10.375  14.866  1.00 52.76 ? 53  SER A OG  1 
ATOM   161  N N   . TRP A 1 32  ? -0.031  10.212  10.905  1.00 49.75 ? 54  TRP A N   1 
ATOM   162  C CA  . TRP A 1 32  ? 0.852   10.542  9.795   1.00 50.18 ? 54  TRP A CA  1 
ATOM   163  C C   . TRP A 1 32  ? 0.094   10.821  8.507   1.00 50.35 ? 54  TRP A C   1 
ATOM   164  O O   . TRP A 1 32  ? 0.363   11.803  7.814   1.00 51.29 ? 54  TRP A O   1 
ATOM   165  C CB  . TRP A 1 32  ? 1.853   9.418   9.551   1.00 49.96 ? 54  TRP A CB  1 
ATOM   166  C CG  . TRP A 1 32  ? 2.745   9.712   8.398   1.00 50.90 ? 54  TRP A CG  1 
ATOM   167  C CD1 . TRP A 1 32  ? 3.804   10.568  8.385   1.00 52.28 ? 54  TRP A CD1 1 
ATOM   168  C CD2 . TRP A 1 32  ? 2.655   9.164   7.077   1.00 51.90 ? 54  TRP A CD2 1 
ATOM   169  N NE1 . TRP A 1 32  ? 4.383   10.588  7.139   1.00 53.36 ? 54  TRP A NE1 1 
ATOM   170  C CE2 . TRP A 1 32  ? 3.699   9.729   6.317   1.00 52.97 ? 54  TRP A CE2 1 
ATOM   171  C CE3 . TRP A 1 32  ? 1.800   8.237   6.460   1.00 51.55 ? 54  TRP A CE3 1 
ATOM   172  C CZ2 . TRP A 1 32  ? 3.909   9.408   4.973   1.00 52.71 ? 54  TRP A CZ2 1 
ATOM   173  C CZ3 . TRP A 1 32  ? 2.005   7.921   5.130   1.00 50.86 ? 54  TRP A CZ3 1 
ATOM   174  C CH2 . TRP A 1 32  ? 3.053   8.505   4.400   1.00 51.95 ? 54  TRP A CH2 1 
ATOM   175  N N   . PHE A 1 33  ? -0.850  9.951   8.185   1.00 50.42 ? 55  PHE A N   1 
ATOM   176  C CA  . PHE A 1 33  ? -1.636  10.093  6.970   1.00 49.73 ? 55  PHE A CA  1 
ATOM   177  C C   . PHE A 1 33  ? -2.605  11.264  7.059   1.00 49.52 ? 55  PHE A C   1 
ATOM   178  O O   . PHE A 1 33  ? -2.890  11.918  6.056   1.00 49.19 ? 55  PHE A O   1 
ATOM   179  C CB  . PHE A 1 33  ? -2.397  8.795   6.694   1.00 49.99 ? 55  PHE A CB  1 
ATOM   180  C CG  . PHE A 1 33  ? -3.305  8.865   5.508   1.00 49.02 ? 55  PHE A CG  1 
ATOM   181  C CD1 . PHE A 1 33  ? -2.792  8.823   4.227   1.00 48.18 ? 55  PHE A CD1 1 
ATOM   182  C CD2 . PHE A 1 33  ? -4.674  8.969   5.675   1.00 47.24 ? 55  PHE A CD2 1 
ATOM   183  C CE1 . PHE A 1 33  ? -3.628  8.891   3.137   1.00 50.28 ? 55  PHE A CE1 1 
ATOM   184  C CE2 . PHE A 1 33  ? -5.516  9.030   4.589   1.00 46.23 ? 55  PHE A CE2 1 
ATOM   185  C CZ  . PHE A 1 33  ? -4.996  8.994   3.322   1.00 48.61 ? 55  PHE A CZ  1 
ATOM   186  N N   . ARG A 1 34  ? -3.109  11.525  8.265   1.00 49.64 ? 56  ARG A N   1 
ATOM   187  C CA  . ARG A 1 34  ? -4.061  12.610  8.493   1.00 49.77 ? 56  ARG A CA  1 
ATOM   188  C C   . ARG A 1 34  ? -3.469  13.994  8.260   1.00 47.72 ? 56  ARG A C   1 
ATOM   189  O O   . ARG A 1 34  ? -4.159  15.003  8.435   1.00 48.21 ? 56  ARG A O   1 
ATOM   190  C CB  . ARG A 1 34  ? -4.622  12.547  9.912   1.00 50.43 ? 56  ARG A CB  1 
ATOM   191  C CG  . ARG A 1 34  ? -5.535  11.367  10.168  1.00 56.86 ? 56  ARG A CG  1 
ATOM   192  C CD  . ARG A 1 34  ? -6.724  11.268  9.214   1.00 62.20 ? 56  ARG A CD  1 
ATOM   193  N NE  . ARG A 1 34  ? -7.691  10.267  9.666   1.00 63.37 ? 56  ARG A NE  1 
ATOM   194  C CZ  . ARG A 1 34  ? -8.696  9.804   8.930   1.00 62.48 ? 56  ARG A CZ  1 
ATOM   195  N NH1 . ARG A 1 34  ? -8.888  10.243  7.692   1.00 59.34 ? 56  ARG A NH1 1 
ATOM   196  N NH2 . ARG A 1 34  ? -9.518  8.900   9.438   1.00 64.71 ? 56  ARG A NH2 1 
ATOM   197  N N   . GLU A 1 35  ? -2.200  14.040  7.875   1.00 46.48 ? 57  GLU A N   1 
ATOM   198  C CA  . GLU A 1 35  ? -1.526  15.302  7.624   1.00 46.81 ? 57  GLU A CA  1 
ATOM   199  C C   . GLU A 1 35  ? -0.782  15.320  6.271   1.00 46.19 ? 57  GLU A C   1 
ATOM   200  O O   . GLU A 1 35  ? -1.065  16.168  5.418   1.00 46.19 ? 57  GLU A O   1 
ATOM   201  C CB  . GLU A 1 35  ? -0.570  15.646  8.786   1.00 47.63 ? 57  GLU A CB  1 
ATOM   202  C CG  . GLU A 1 35  ? -1.213  15.621  10.178  1.00 47.79 ? 57  GLU A CG  1 
ATOM   203  C CD  . GLU A 1 35  ? -0.208  15.788  11.315  1.00 47.08 ? 57  GLU A CD  1 
ATOM   204  O OE1 . GLU A 1 35  ? 0.839   15.103  11.304  1.00 52.31 ? 57  GLU A OE1 1 
ATOM   205  O OE2 . GLU A 1 35  ? -0.468  16.599  12.234  1.00 48.58 ? 57  GLU A OE2 1 
ATOM   206  N N   . LYS A 1 36  ? 0.142   14.376  6.074   1.00 44.63 ? 58  LYS A N   1 
ATOM   207  C CA  . LYS A 1 36  ? 0.950   14.298  4.853   1.00 44.28 ? 58  LYS A CA  1 
ATOM   208  C C   . LYS A 1 36  ? 0.137   13.774  3.667   1.00 43.44 ? 58  LYS A C   1 
ATOM   209  O O   . LYS A 1 36  ? 0.675   13.471  2.597   1.00 42.48 ? 58  LYS A O   1 
ATOM   210  C CB  . LYS A 1 36  ? 2.192   13.420  5.087   1.00 45.28 ? 58  LYS A CB  1 
ATOM   211  C CG  . LYS A 1 36  ? 3.427   13.797  4.242   1.00 46.70 ? 58  LYS A CG  1 
ATOM   212  C CD  . LYS A 1 36  ? 3.917   15.234  4.530   1.00 45.27 ? 58  LYS A CD  1 
ATOM   213  C CE  . LYS A 1 36  ? 5.206   15.560  3.775   1.00 46.12 ? 58  LYS A CE  1 
ATOM   214  N NZ  . LYS A 1 36  ? 5.733   16.932  4.053   1.00 43.63 ? 58  LYS A NZ  1 
ATOM   215  N N   . LYS A 1 37  ? -1.169  13.682  3.880   1.00 42.23 ? 59  LYS A N   1 
ATOM   216  C CA  . LYS A 1 37  ? -2.113  13.215  2.874   1.00 40.10 ? 59  LYS A CA  1 
ATOM   217  C C   . LYS A 1 37  ? -2.032  13.983  1.555   1.00 38.95 ? 59  LYS A C   1 
ATOM   218  O O   . LYS A 1 37  ? -1.739  13.408  0.512   1.00 35.78 ? 59  LYS A O   1 
ATOM   219  C CB  . LYS A 1 37  ? -3.523  13.327  3.441   1.00 41.51 ? 59  LYS A CB  1 
ATOM   220  C CG  . LYS A 1 37  ? -4.599  12.851  2.517   1.00 43.91 ? 59  LYS A CG  1 
ATOM   221  C CD  . LYS A 1 37  ? -5.954  13.057  3.145   1.00 47.61 ? 59  LYS A CD  1 
ATOM   222  C CE  . LYS A 1 37  ? -7.047  12.869  2.116   1.00 51.03 ? 59  LYS A CE  1 
ATOM   223  N NZ  . LYS A 1 37  ? -8.351  13.450  2.550   1.00 43.84 ? 59  LYS A NZ  1 
ATOM   224  N N   . ALA A 1 38  ? -2.285  15.290  1.599   1.00 38.88 ? 60  ALA A N   1 
ATOM   225  C CA  . ALA A 1 38  ? -2.311  16.075  0.358   1.00 37.91 ? 60  ALA A CA  1 
ATOM   226  C C   . ALA A 1 38  ? -1.006  16.029  -0.445  1.00 38.19 ? 60  ALA A C   1 
ATOM   227  O O   . ALA A 1 38  ? -0.997  16.228  -1.667  1.00 38.33 ? 60  ALA A O   1 
ATOM   228  C CB  . ALA A 1 38  ? -2.730  17.518  0.623   1.00 38.29 ? 60  ALA A CB  1 
ATOM   229  N N   . VAL A 1 39  ? 0.078   15.709  0.245   1.00 36.07 ? 61  VAL A N   1 
ATOM   230  C CA  . VAL A 1 39  ? 1.409   15.713  -0.341  1.00 35.72 ? 61  VAL A CA  1 
ATOM   231  C C   . VAL A 1 39  ? 1.806   14.436  -1.086  1.00 35.16 ? 61  VAL A C   1 
ATOM   232  O O   . VAL A 1 39  ? 2.830   14.408  -1.764  1.00 33.51 ? 61  VAL A O   1 
ATOM   233  C CB  . VAL A 1 39  ? 2.445   15.957  0.778   1.00 36.63 ? 61  VAL A CB  1 
ATOM   234  C CG1 . VAL A 1 39  ? 3.824   16.072  0.214   1.00 37.22 ? 61  VAL A CG1 1 
ATOM   235  C CG2 . VAL A 1 39  ? 2.086   17.215  1.566   1.00 33.90 ? 61  VAL A CG2 1 
ATOM   236  N N   . LEU A 1 40  ? 1.003   13.381  -0.966  1.00 34.31 ? 62  LEU A N   1 
ATOM   237  C CA  . LEU A 1 40  ? 1.401   12.083  -1.518  1.00 34.31 ? 62  LEU A CA  1 
ATOM   238  C C   . LEU A 1 40  ? 0.977   11.840  -2.959  1.00 33.19 ? 62  LEU A C   1 
ATOM   239  O O   . LEU A 1 40  ? -0.162  12.070  -3.326  1.00 35.65 ? 62  LEU A O   1 
ATOM   240  C CB  . LEU A 1 40  ? 0.864   10.953  -0.640  1.00 33.08 ? 62  LEU A CB  1 
ATOM   241  C CG  . LEU A 1 40  ? 1.497   10.845  0.740   1.00 37.88 ? 62  LEU A CG  1 
ATOM   242  C CD1 . LEU A 1 40  ? 0.897   9.663   1.468   1.00 41.34 ? 62  LEU A CD1 1 
ATOM   243  C CD2 . LEU A 1 40  ? 3.021   10.680  0.598   1.00 44.19 ? 62  LEU A CD2 1 
ATOM   244  N N   . TYR A 1 41  ? 1.914   11.369  -3.770  1.00 30.83 ? 63  TYR A N   1 
ATOM   245  C CA  . TYR A 1 41  ? 1.600   10.972  -5.135  1.00 28.43 ? 63  TYR A CA  1 
ATOM   246  C C   . TYR A 1 41  ? 1.737   9.452   -5.273  1.00 29.31 ? 63  TYR A C   1 
ATOM   247  O O   . TYR A 1 41  ? 2.268   8.774   -4.395  1.00 27.89 ? 63  TYR A O   1 
ATOM   248  C CB  . TYR A 1 41  ? 2.560   11.599  -6.139  1.00 28.17 ? 63  TYR A CB  1 
ATOM   249  C CG  . TYR A 1 41  ? 2.581   13.130  -6.172  1.00 25.37 ? 63  TYR A CG  1 
ATOM   250  C CD1 . TYR A 1 41  ? 3.028   13.866  -5.063  1.00 21.78 ? 63  TYR A CD1 1 
ATOM   251  C CD2 . TYR A 1 41  ? 2.200   13.823  -7.325  1.00 25.80 ? 63  TYR A CD2 1 
ATOM   252  C CE1 . TYR A 1 41  ? 3.061   15.267  -5.083  1.00 32.22 ? 63  TYR A CE1 1 
ATOM   253  C CE2 . TYR A 1 41  ? 2.235   15.215  -7.363  1.00 25.59 ? 63  TYR A CE2 1 
ATOM   254  C CZ  . TYR A 1 41  ? 2.669   15.938  -6.239  1.00 26.74 ? 63  TYR A CZ  1 
ATOM   255  O OH  . TYR A 1 41  ? 2.701   17.325  -6.291  1.00 42.31 ? 63  TYR A OH  1 
ATOM   256  N N   . MET A 1 42  ? 1.271   8.969   -6.420  1.00 26.66 ? 64  MET A N   1 
ATOM   257  C CA  . MET A 1 42  ? 1.409   7.616   -6.859  1.00 26.72 ? 64  MET A CA  1 
ATOM   258  C C   . MET A 1 42  ? 2.898   7.306   -6.919  1.00 27.82 ? 64  MET A C   1 
ATOM   259  O O   . MET A 1 42  ? 3.703   8.143   -7.368  1.00 25.49 ? 64  MET A O   1 
ATOM   260  C CB  . MET A 1 42  ? 0.715   7.466   -8.222  1.00 26.47 ? 64  MET A CB  1 
ATOM   261  C CG  . MET A 1 42  ? 1.295   6.403   -9.146  1.00 29.06 ? 64  MET A CG  1 
ATOM   262  S SD  . MET A 1 42  ? 0.299   6.075   -10.639 1.00 33.43 ? 64  MET A SD  1 
ATOM   263  C CE  . MET A 1 42  ? -1.224  6.011   -10.012 1.00 30.21 ? 64  MET A CE  1 
ATOM   264  N N   . ALA A 1 43  ? 3.272   6.122   -6.411  1.00 26.05 ? 65  ALA A N   1 
ATOM   265  C CA  . ALA A 1 43  ? 4.651   5.673   -6.415  1.00 29.62 ? 65  ALA A CA  1 
ATOM   266  C C   . ALA A 1 43  ? 4.751   4.375   -7.173  1.00 27.18 ? 65  ALA A C   1 
ATOM   267  O O   . ALA A 1 43  ? 3.775   3.655   -7.310  1.00 26.75 ? 65  ALA A O   1 
ATOM   268  C CB  . ALA A 1 43  ? 5.177   5.482   -4.995  1.00 29.93 ? 65  ALA A CB  1 
ATOM   269  N N   . LYS A 1 44  ? 5.938   4.096   -7.689  1.00 29.15 ? 66  LYS A N   1 
ATOM   270  C CA  . LYS A 1 44  ? 6.203   2.863   -8.434  1.00 30.55 ? 66  LYS A CA  1 
ATOM   271  C C   . LYS A 1 44  ? 6.870   1.948   -7.452  1.00 28.97 ? 66  LYS A C   1 
ATOM   272  O O   . LYS A 1 44  ? 7.802   2.354   -6.770  1.00 29.89 ? 66  LYS A O   1 
ATOM   273  C CB  . LYS A 1 44  ? 7.169   3.148   -9.594  1.00 30.73 ? 66  LYS A CB  1 
ATOM   274  C CG  . LYS A 1 44  ? 7.271   2.024   -10.604 1.00 33.54 ? 66  LYS A CG  1 
ATOM   275  C CD  . LYS A 1 44  ? 8.692   1.851   -11.154 1.00 34.75 ? 66  LYS A CD  1 
ATOM   276  C CE  . LYS A 1 44  ? 9.008   2.845   -12.232 1.00 43.62 ? 66  LYS A CE  1 
ATOM   277  N NZ  . LYS A 1 44  ? 10.400  2.654   -12.767 1.00 40.51 ? 66  LYS A NZ  1 
ATOM   278  N N   . THR A 1 45  ? 6.394   0.717   -7.355  1.00 28.69 ? 67  THR A N   1 
ATOM   279  C CA  . THR A 1 45  ? 6.954   -0.237  -6.419  1.00 30.89 ? 67  THR A CA  1 
ATOM   280  C C   . THR A 1 45  ? 7.320   -1.517  -7.170  1.00 28.94 ? 67  THR A C   1 
ATOM   281  O O   . THR A 1 45  ? 6.483   -2.124  -7.819  1.00 27.50 ? 67  THR A O   1 
ATOM   282  C CB  . THR A 1 45  ? 5.938   -0.550  -5.282  1.00 31.62 ? 67  THR A CB  1 
ATOM   283  O OG1 . THR A 1 45  ? 5.896   0.543   -4.359  1.00 32.29 ? 67  THR A OG1 1 
ATOM   284  C CG2 . THR A 1 45  ? 6.445   -1.697  -4.395  1.00 29.41 ? 67  THR A CG2 1 
ATOM   285  N N   . VAL A 1 46  ? 8.585   -1.887  -7.117  1.00 29.68 ? 68  VAL A N   1 
ATOM   286  C CA  . VAL A 1 46  ? 9.014   -3.127  -7.733  1.00 26.38 ? 68  VAL A CA  1 
ATOM   287  C C   . VAL A 1 46  ? 9.141   -4.144  -6.628  1.00 26.68 ? 68  VAL A C   1 
ATOM   288  O O   . VAL A 1 46  ? 9.816   -3.906  -5.633  1.00 25.55 ? 68  VAL A O   1 
ATOM   289  C CB  . VAL A 1 46  ? 10.327  -2.989  -8.516  1.00 28.00 ? 68  VAL A CB  1 
ATOM   290  C CG1 . VAL A 1 46  ? 10.748  -4.365  -9.128  1.00 26.12 ? 68  VAL A CG1 1 
ATOM   291  C CG2 . VAL A 1 46  ? 10.159  -1.955  -9.604  1.00 26.77 ? 68  VAL A CG2 1 
ATOM   292  N N   . VAL A 1 47  ? 8.463   -5.266  -6.830  1.00 24.23 ? 69  VAL A N   1 
ATOM   293  C CA  . VAL A 1 47  ? 8.382   -6.353  -5.889  1.00 27.10 ? 69  VAL A CA  1 
ATOM   294  C C   . VAL A 1 47  ? 9.275   -7.517  -6.368  1.00 25.27 ? 69  VAL A C   1 
ATOM   295  O O   . VAL A 1 47  ? 9.173   -7.967  -7.507  1.00 25.80 ? 69  VAL A O   1 
ATOM   296  C CB  . VAL A 1 47  ? 6.863   -6.837  -5.688  1.00 23.91 ? 69  VAL A CB  1 
ATOM   297  C CG1 . VAL A 1 47  ? 6.726   -8.026  -4.712  1.00 23.96 ? 69  VAL A CG1 1 
ATOM   298  C CG2 . VAL A 1 47  ? 5.989   -5.698  -5.186  1.00 28.32 ? 69  VAL A CG2 1 
ATOM   299  N N   . ALA A 1 48  ? 10.061  -8.051  -5.438  1.00 24.56 ? 70  ALA A N   1 
ATOM   300  C CA  . ALA A 1 48  ? 10.977  -9.187  -5.690  1.00 25.72 ? 70  ALA A CA  1 
ATOM   301  C C   . ALA A 1 48  ? 11.141  -9.886  -4.370  1.00 25.54 ? 70  ALA A C   1 
ATOM   302  O O   . ALA A 1 48  ? 10.818  -9.321  -3.346  1.00 24.92 ? 70  ALA A O   1 
ATOM   303  C CB  . ALA A 1 48  ? 12.351  -8.696  -6.210  1.00 21.70 ? 70  ALA A CB  1 
ATOM   304  N N   . PRO A 1 49  ? 11.637  -11.127 -4.373  1.00 27.45 ? 71  PRO A N   1 
ATOM   305  C CA  . PRO A 1 49  ? 11.737  -11.898 -3.131  1.00 26.28 ? 71  PRO A CA  1 
ATOM   306  C C   . PRO A 1 49  ? 12.634  -11.302 -2.028  1.00 30.53 ? 71  PRO A C   1 
ATOM   307  O O   . PRO A 1 49  ? 13.633  -10.609 -2.325  1.00 32.52 ? 71  PRO A O   1 
ATOM   308  C CB  . PRO A 1 49  ? 12.275  -13.256 -3.621  1.00 30.09 ? 71  PRO A CB  1 
ATOM   309  C CG  . PRO A 1 49  ? 11.791  -13.340 -4.989  1.00 27.59 ? 71  PRO A CG  1 
ATOM   310  C CD  . PRO A 1 49  ? 12.059  -11.919 -5.541  1.00 24.04 ? 71  PRO A CD  1 
ATOM   311  N N   . SER A 1 50  ? 12.291  -11.587 -0.769  1.00 27.63 ? 72  SER A N   1 
ATOM   312  C CA  . SER A 1 50  ? 13.118  -11.157 0.361   1.00 26.26 ? 72  SER A CA  1 
ATOM   313  C C   . SER A 1 50  ? 13.890  -12.350 0.912   1.00 25.76 ? 72  SER A C   1 
ATOM   314  O O   . SER A 1 50  ? 13.699  -13.478 0.453   1.00 26.42 ? 72  SER A O   1 
ATOM   315  C CB  . SER A 1 50  ? 12.265  -10.556 1.462   1.00 25.79 ? 72  SER A CB  1 
ATOM   316  O OG  . SER A 1 50  ? 11.575  -11.590 2.124   1.00 27.12 ? 72  SER A OG  1 
ATOM   317  N N   . THR A 1 51  ? 14.735  -12.111 1.913   1.00 26.60 ? 73  THR A N   1 
ATOM   318  C CA  . THR A 1 51  ? 15.633  -13.162 2.409   1.00 28.84 ? 73  THR A CA  1 
ATOM   319  C C   . THR A 1 51  ? 14.893  -14.319 3.032   1.00 30.91 ? 73  THR A C   1 
ATOM   320  O O   . THR A 1 51  ? 15.183  -15.487 2.753   1.00 31.78 ? 73  THR A O   1 
ATOM   321  C CB  . THR A 1 51  ? 16.605  -12.616 3.442   1.00 27.79 ? 73  THR A CB  1 
ATOM   322  O OG1 . THR A 1 51  ? 17.336  -11.512 2.894   1.00 24.35 ? 73  THR A OG1 1 
ATOM   323  C CG2 . THR A 1 51  ? 17.690  -13.680 3.758   1.00 32.50 ? 73  THR A CG2 1 
ATOM   324  N N   . GLU A 1 52  ? 13.929  -13.988 3.880   1.00 30.12 ? 74  GLU A N   1 
ATOM   325  C CA  . GLU A 1 52  ? 13.166  -15.006 4.594   1.00 33.91 ? 74  GLU A CA  1 
ATOM   326  C C   . GLU A 1 52  ? 12.086  -15.683 3.766   1.00 30.13 ? 74  GLU A C   1 
ATOM   327  O O   . GLU A 1 52  ? 11.370  -16.515 4.262   1.00 33.56 ? 74  GLU A O   1 
ATOM   328  C CB  . GLU A 1 52  ? 12.546  -14.402 5.853   1.00 33.48 ? 74  GLU A CB  1 
ATOM   329  C CG  . GLU A 1 52  ? 13.559  -14.122 6.950   1.00 39.59 ? 74  GLU A CG  1 
ATOM   330  C CD  . GLU A 1 52  ? 14.568  -15.240 7.111   1.00 48.10 ? 74  GLU A CD  1 
ATOM   331  O OE1 . GLU A 1 52  ? 14.182  -16.420 7.266   1.00 50.96 ? 74  GLU A OE1 1 
ATOM   332  O OE2 . GLU A 1 52  ? 15.773  -14.937 7.077   1.00 56.54 ? 74  GLU A OE2 1 
ATOM   333  N N   . GLY A 1 53  ? 11.979  -15.370 2.492   1.00 31.93 ? 75  GLY A N   1 
ATOM   334  C CA  . GLY A 1 53  ? 10.879  -15.943 1.735   1.00 32.13 ? 75  GLY A CA  1 
ATOM   335  C C   . GLY A 1 53  ? 9.732   -14.957 1.649   1.00 32.35 ? 75  GLY A C   1 
ATOM   336  O O   . GLY A 1 53  ? 8.662   -15.273 1.120   1.00 32.75 ? 75  GLY A O   1 
ATOM   337  N N   . GLY A 1 54  ? 9.955   -13.748 2.160   1.00 31.44 ? 76  GLY A N   1 
ATOM   338  C CA  . GLY A 1 54  ? 8.976   -12.680 2.014   1.00 30.66 ? 76  GLY A CA  1 
ATOM   339  C C   . GLY A 1 54  ? 9.134   -11.833 0.749   1.00 30.08 ? 76  GLY A C   1 
ATOM   340  O O   . GLY A 1 54  ? 9.547   -12.330 -0.305  1.00 27.96 ? 76  GLY A O   1 
ATOM   341  N N   . LEU A 1 55  ? 8.768   -10.550 0.844   1.00 27.80 ? 77  LEU A N   1 
ATOM   342  C CA  . LEU A 1 55  ? 8.810   -9.637  -0.290  1.00 27.97 ? 77  LEU A CA  1 
ATOM   343  C C   . LEU A 1 55  ? 9.623   -8.383  0.002   1.00 30.07 ? 77  LEU A C   1 
ATOM   344  O O   . LEU A 1 55  ? 9.519   -7.785  1.072   1.00 24.36 ? 77  LEU A O   1 
ATOM   345  C CB  . LEU A 1 55  ? 7.378   -9.217  -0.713  1.00 27.73 ? 77  LEU A CB  1 
ATOM   346  C CG  . LEU A 1 55  ? 6.468   -10.344 -1.218  1.00 36.39 ? 77  LEU A CG  1 
ATOM   347  C CD1 . LEU A 1 55  ? 5.005   -9.907  -1.395  1.00 31.02 ? 77  LEU A CD1 1 
ATOM   348  C CD2 . LEU A 1 55  ? 7.041   -10.999 -2.509  1.00 29.58 ? 77  LEU A CD2 1 
ATOM   349  N N   . ASN A 1 56  ? 10.476  -8.008  -0.953  1.00 28.84 ? 78  ASN A N   1 
ATOM   350  C CA  . ASN A 1 56  ? 11.204  -6.756  -0.889  1.00 25.10 ? 78  ASN A CA  1 
ATOM   351  C C   . ASN A 1 56  ? 10.388  -5.752  -1.712  1.00 26.33 ? 78  ASN A C   1 
ATOM   352  O O   . ASN A 1 56  ? 10.082  -6.028  -2.870  1.00 27.28 ? 78  ASN A O   1 
ATOM   353  C CB  . ASN A 1 56  ? 12.567  -6.918  -1.569  1.00 28.64 ? 78  ASN A CB  1 
ATOM   354  C CG  . ASN A 1 56  ? 13.674  -7.395  -0.626  1.00 25.47 ? 78  ASN A CG  1 
ATOM   355  O OD1 . ASN A 1 56  ? 13.453  -7.687  0.539   1.00 21.53 ? 78  ASN A OD1 1 
ATOM   356  N ND2 . ASN A 1 56  ? 14.905  -7.408  -1.142  1.00 25.54 ? 78  ASN A ND2 1 
ATOM   357  N N   . LEU A 1 57  ? 9.998   -4.613  -1.139  1.00 26.71 ? 79  LEU A N   1 
ATOM   358  C CA  . LEU A 1 57  ? 9.270   -3.604  -1.941  1.00 27.72 ? 79  LEU A CA  1 
ATOM   359  C C   . LEU A 1 57  ? 10.158  -2.368  -2.157  1.00 28.45 ? 79  LEU A C   1 
ATOM   360  O O   . LEU A 1 57  ? 10.427  -1.593  -1.216  1.00 28.42 ? 79  LEU A O   1 
ATOM   361  C CB  . LEU A 1 57  ? 7.946   -3.179  -1.305  1.00 28.98 ? 79  LEU A CB  1 
ATOM   362  C CG  . LEU A 1 57  ? 6.927   -4.190  -0.790  1.00 31.59 ? 79  LEU A CG  1 
ATOM   363  C CD1 . LEU A 1 57  ? 5.495   -3.591  -0.814  1.00 34.38 ? 79  LEU A CD1 1 
ATOM   364  C CD2 . LEU A 1 57  ? 7.000   -5.532  -1.498  1.00 36.53 ? 79  LEU A CD2 1 
ATOM   365  N N   . THR A 1 58  ? 10.650  -2.207  -3.382  1.00 25.65 ? 80  THR A N   1 
ATOM   366  C CA  . THR A 1 58  ? 11.462  -1.045  -3.704  1.00 25.21 ? 80  THR A CA  1 
ATOM   367  C C   . THR A 1 58  ? 10.611  -0.007  -4.399  1.00 25.15 ? 80  THR A C   1 
ATOM   368  O O   . THR A 1 58  ? 10.177  -0.211  -5.527  1.00 23.26 ? 80  THR A O   1 
ATOM   369  C CB  . THR A 1 58  ? 12.652  -1.435  -4.602  1.00 24.19 ? 80  THR A CB  1 
ATOM   370  O OG1 . THR A 1 58  ? 13.446  -2.409  -3.926  1.00 22.15 ? 80  THR A OG1 1 
ATOM   371  C CG2 . THR A 1 58  ? 13.592  -0.224  -4.785  1.00 28.08 ? 80  THR A CG2 1 
ATOM   372  N N   . SER A 1 59  ? 10.368  1.102   -3.715  1.00 24.98 ? 81  SER A N   1 
ATOM   373  C CA  . SER A 1 59  ? 9.549   2.161   -4.295  1.00 28.44 ? 81  SER A CA  1 
ATOM   374  C C   . SER A 1 59  ? 10.322  3.418   -4.637  1.00 28.07 ? 81  SER A C   1 
ATOM   375  O O   . SER A 1 59  ? 11.198  3.861   -3.889  1.00 26.08 ? 81  SER A O   1 
ATOM   376  C CB  . SER A 1 59  ? 8.393   2.531   -3.366  1.00 26.92 ? 81  SER A CB  1 
ATOM   377  O OG  . SER A 1 59  ? 7.838   1.366   -2.762  1.00 29.10 ? 81  SER A OG  1 
ATOM   378  N N   . THR A 1 60  ? 9.967   3.983   -5.779  1.00 29.04 ? 82  THR A N   1 
ATOM   379  C CA  . THR A 1 60  ? 10.506  5.252   -6.209  1.00 30.55 ? 82  THR A CA  1 
ATOM   380  C C   . THR A 1 60  ? 9.361   6.236   -6.120  1.00 31.95 ? 82  THR A C   1 
ATOM   381  O O   . THR A 1 60  ? 8.278   5.992   -6.678  1.00 31.57 ? 82  THR A O   1 
ATOM   382  C CB  . THR A 1 60  ? 11.043  5.136   -7.619  1.00 31.78 ? 82  THR A CB  1 
ATOM   383  O OG1 . THR A 1 60  ? 12.054  4.106   -7.638  1.00 32.67 ? 82  THR A OG1 1 
ATOM   384  C CG2 . THR A 1 60  ? 11.805  6.424   -8.000  1.00 30.68 ? 82  THR A CG2 1 
ATOM   385  N N   . PHE A 1 61  ? 9.575   7.324   -5.384  1.00 31.36 ? 83  PHE A N   1 
ATOM   386  C CA  . PHE A 1 61  ? 8.506   8.300   -5.163  1.00 30.56 ? 83  PHE A CA  1 
ATOM   387  C C   . PHE A 1 61  ? 8.970   9.760   -5.192  1.00 30.73 ? 83  PHE A C   1 
ATOM   388  O O   . PHE A 1 61  ? 10.151  10.065  -5.003  1.00 30.52 ? 83  PHE A O   1 
ATOM   389  C CB  . PHE A 1 61  ? 7.815   8.029   -3.833  1.00 29.08 ? 83  PHE A CB  1 
ATOM   390  C CG  . PHE A 1 61  ? 8.755   7.963   -2.670  1.00 30.84 ? 83  PHE A CG  1 
ATOM   391  C CD1 . PHE A 1 61  ? 8.830   9.004   -1.772  1.00 33.95 ? 83  PHE A CD1 1 
ATOM   392  C CD2 . PHE A 1 61  ? 9.567   6.860   -2.474  1.00 32.94 ? 83  PHE A CD2 1 
ATOM   393  C CE1 . PHE A 1 61  ? 9.700   8.961   -0.700  1.00 33.73 ? 83  PHE A CE1 1 
ATOM   394  C CE2 . PHE A 1 61  ? 10.458  6.809   -1.394  1.00 34.55 ? 83  PHE A CE2 1 
ATOM   395  C CZ  . PHE A 1 61  ? 10.519  7.871   -0.505  1.00 33.25 ? 83  PHE A CZ  1 
ATOM   396  N N   . LEU A 1 62  ? 8.007   10.641  -5.438  1.00 29.64 ? 84  LEU A N   1 
ATOM   397  C CA  . LEU A 1 62  ? 8.241   12.072  -5.450  1.00 30.84 ? 84  LEU A CA  1 
ATOM   398  C C   . LEU A 1 62  ? 8.085   12.622  -4.046  1.00 31.52 ? 84  LEU A C   1 
ATOM   399  O O   . LEU A 1 62  ? 7.021   12.503  -3.424  1.00 28.17 ? 84  LEU A O   1 
ATOM   400  C CB  . LEU A 1 62  ? 7.261   12.764  -6.384  1.00 29.47 ? 84  LEU A CB  1 
ATOM   401  C CG  . LEU A 1 62  ? 7.407   14.296  -6.480  1.00 33.70 ? 84  LEU A CG  1 
ATOM   402  C CD1 . LEU A 1 62  ? 8.854   14.733  -6.538  1.00 33.75 ? 84  LEU A CD1 1 
ATOM   403  C CD2 . LEU A 1 62  ? 6.656   14.842  -7.681  1.00 37.77 ? 84  LEU A CD2 1 
ATOM   404  N N   . ARG A 1 63  ? 9.168   13.195  -3.533  1.00 34.70 ? 85  ARG A N   1 
ATOM   405  C CA  . ARG A 1 63  ? 9.121   13.841  -2.231  1.00 37.59 ? 85  ARG A CA  1 
ATOM   406  C C   . ARG A 1 63  ? 9.867   15.174  -2.264  1.00 36.98 ? 85  ARG A C   1 
ATOM   407  O O   . ARG A 1 63  ? 11.102  15.211  -2.342  1.00 38.12 ? 85  ARG A O   1 
ATOM   408  C CB  . ARG A 1 63  ? 9.667   12.926  -1.144  1.00 37.27 ? 85  ARG A CB  1 
ATOM   409  C CG  . ARG A 1 63  ? 9.982   13.649  0.151   1.00 40.15 ? 85  ARG A CG  1 
ATOM   410  C CD  . ARG A 1 63  ? 9.565   12.894  1.373   1.00 45.24 ? 85  ARG A CD  1 
ATOM   411  N NE  . ARG A 1 63  ? 9.930   13.579  2.612   1.00 48.66 ? 85  ARG A NE  1 
ATOM   412  C CZ  . ARG A 1 63  ? 9.546   13.171  3.817   1.00 49.20 ? 85  ARG A CZ  1 
ATOM   413  N NH1 . ARG A 1 63  ? 8.786   12.085  3.930   1.00 46.72 ? 85  ARG A NH1 1 
ATOM   414  N NH2 . ARG A 1 63  ? 9.923   13.834  4.907   1.00 47.63 ? 85  ARG A NH2 1 
ATOM   415  N N   . LYS A 1 64  ? 9.099   16.261  -2.223  1.00 39.18 ? 86  LYS A N   1 
ATOM   416  C CA  . LYS A 1 64  ? 9.640   17.616  -2.220  1.00 40.02 ? 86  LYS A CA  1 
ATOM   417  C C   . LYS A 1 64  ? 10.345  17.876  -3.526  1.00 40.28 ? 86  LYS A C   1 
ATOM   418  O O   . LYS A 1 64  ? 11.499  18.281  -3.546  1.00 38.42 ? 86  LYS A O   1 
ATOM   419  C CB  . LYS A 1 64  ? 10.590  17.806  -1.038  1.00 40.89 ? 86  LYS A CB  1 
ATOM   420  C CG  . LYS A 1 64  ? 9.910   17.576  0.309   1.00 46.91 ? 86  LYS A CG  1 
ATOM   421  C CD  . LYS A 1 64  ? 10.918  17.271  1.433   1.00 56.39 ? 86  LYS A CD  1 
ATOM   422  C CE  . LYS A 1 64  ? 10.198  16.906  2.753   1.00 61.48 ? 86  LYS A CE  1 
ATOM   423  N NZ  . LYS A 1 64  ? 11.052  16.155  3.770   1.00 64.01 ? 86  LYS A NZ  1 
ATOM   424  N N   . ASN A 1 65  ? 9.629   17.630  -4.617  1.00 42.03 ? 87  ASN A N   1 
ATOM   425  C CA  . ASN A 1 65  ? 10.169  17.779  -5.964  1.00 43.37 ? 87  ASN A CA  1 
ATOM   426  C C   . ASN A 1 65  ? 11.614  17.328  -6.031  1.00 42.97 ? 87  ASN A C   1 
ATOM   427  O O   . ASN A 1 65  ? 11.924  16.208  -5.631  1.00 44.43 ? 87  ASN A O   1 
ATOM   428  C CB  . ASN A 1 65  ? 10.014  19.213  -6.456  1.00 45.53 ? 87  ASN A CB  1 
ATOM   429  C CG  . ASN A 1 65  ? 8.604   19.730  -6.267  1.00 49.58 ? 87  ASN A CG  1 
ATOM   430  O OD1 . ASN A 1 65  ? 8.171   19.995  -5.141  1.00 51.82 ? 87  ASN A OD1 1 
ATOM   431  N ND2 . ASN A 1 65  ? 7.865   19.854  -7.369  1.00 52.15 ? 87  ASN A ND2 1 
ATOM   432  N N   . CYS A 1 67  ? 12.082  13.299  -5.357  1.00 36.18 ? 89  CYS A N   1 
ATOM   433  C CA  . CYS A 1 67  ? 12.591  12.094  -6.002  1.00 40.48 ? 89  CYS A CA  1 
ATOM   434  C C   . CYS A 1 67  ? 13.425  11.248  -5.041  1.00 37.78 ? 89  CYS A C   1 
ATOM   435  O O   . CYS A 1 67  ? 14.576  11.574  -4.757  1.00 38.88 ? 89  CYS A O   1 
ATOM   436  C CB  . CYS A 1 67  ? 13.399  12.446  -7.252  1.00 40.35 ? 89  CYS A CB  1 
ATOM   437  S SG  . CYS A 1 67  ? 12.778  11.609  -8.731  1.00 45.95 ? 89  CYS A SG  1 
ATOM   438  N N   . GLU A 1 68  ? 12.837  10.158  -4.551  1.00 35.71 ? 90  GLU A N   1 
ATOM   439  C CA  . GLU A 1 68  ? 13.477  9.316   -3.546  1.00 34.23 ? 90  GLU A CA  1 
ATOM   440  C C   . GLU A 1 68  ? 13.205  7.816   -3.738  1.00 33.31 ? 90  GLU A C   1 
ATOM   441  O O   . GLU A 1 68  ? 12.326  7.414   -4.492  1.00 31.28 ? 90  GLU A O   1 
ATOM   442  C CB  . GLU A 1 68  ? 13.037  9.767   -2.141  1.00 33.97 ? 90  GLU A CB  1 
ATOM   443  C CG  . GLU A 1 68  ? 13.956  9.332   -1.009  1.00 35.69 ? 90  GLU A CG  1 
ATOM   444  C CD  . GLU A 1 68  ? 14.098  10.372  0.113   1.00 41.63 ? 90  GLU A CD  1 
ATOM   445  O OE1 . GLU A 1 68  ? 13.072  10.871  0.626   1.00 43.61 ? 90  GLU A OE1 1 
ATOM   446  O OE2 . GLU A 1 68  ? 15.258  10.674  0.505   1.00 29.55 ? 90  GLU A OE2 1 
ATOM   447  N N   . THR A 1 69  ? 13.976  6.992   -3.042  1.00 32.75 ? 91  THR A N   1 
ATOM   448  C CA  . THR A 1 69  ? 13.822  5.548   -3.125  1.00 32.66 ? 91  THR A CA  1 
ATOM   449  C C   . THR A 1 69  ? 13.991  4.900   -1.774  1.00 31.69 ? 91  THR A C   1 
ATOM   450  O O   . THR A 1 69  ? 14.999  5.110   -1.102  1.00 36.19 ? 91  THR A O   1 
ATOM   451  C CB  . THR A 1 69  ? 14.890  4.948   -4.072  1.00 32.92 ? 91  THR A CB  1 
ATOM   452  O OG1 . THR A 1 69  ? 14.413  4.959   -5.424  1.00 29.79 ? 91  THR A OG1 1 
ATOM   453  C CG2 . THR A 1 69  ? 15.064  3.460   -3.790  1.00 35.90 ? 91  THR A CG2 1 
ATOM   454  N N   . LYS A 1 70  ? 13.017  4.096   -1.372  1.00 32.37 ? 92  LYS A N   1 
ATOM   455  C CA  . LYS A 1 70  ? 13.179  3.297   -0.174  1.00 32.96 ? 92  LYS A CA  1 
ATOM   456  C C   . LYS A 1 70  ? 12.727  1.846   -0.356  1.00 31.79 ? 92  LYS A C   1 
ATOM   457  O O   . LYS A 1 70  ? 11.861  1.540   -1.170  1.00 32.55 ? 92  LYS A O   1 
ATOM   458  C CB  . LYS A 1 70  ? 12.516  3.937   1.052   1.00 34.51 ? 92  LYS A CB  1 
ATOM   459  C CG  . LYS A 1 70  ? 13.561  4.589   1.995   1.00 38.23 ? 92  LYS A CG  1 
ATOM   460  C CD  . LYS A 1 70  ? 14.904  3.841   1.952   1.00 39.41 ? 92  LYS A CD  1 
ATOM   461  C CE  . LYS A 1 70  ? 14.910  2.560   2.804   1.00 38.41 ? 92  LYS A CE  1 
ATOM   462  N NZ  . LYS A 1 70  ? 16.199  1.821   2.655   1.00 40.96 ? 92  LYS A NZ  1 
ATOM   463  N N   . ILE A 1 71  ? 13.334  0.965   0.419   1.00 30.47 ? 93  ILE A N   1 
ATOM   464  C CA  . ILE A 1 71  ? 12.986  -0.436  0.366   1.00 31.83 ? 93  ILE A CA  1 
ATOM   465  C C   . ILE A 1 71  ? 12.362  -0.884  1.681   1.00 31.82 ? 93  ILE A C   1 
ATOM   466  O O   . ILE A 1 71  ? 12.897  -0.666  2.763   1.00 32.42 ? 93  ILE A O   1 
ATOM   467  C CB  . ILE A 1 71  ? 14.198  -1.313  0.001   1.00 31.00 ? 93  ILE A CB  1 
ATOM   468  C CG1 . ILE A 1 71  ? 13.807  -2.791  0.114   1.00 34.82 ? 93  ILE A CG1 1 
ATOM   469  C CG2 . ILE A 1 71  ? 15.350  -1.027  0.922   1.00 34.73 ? 93  ILE A CG2 1 
ATOM   470  C CD1 . ILE A 1 71  ? 14.966  -3.745  -0.154  1.00 42.29 ? 93  ILE A CD1 1 
ATOM   471  N N   . MET A 1 72  ? 11.194  -1.482  1.570   1.00 30.17 ? 94  MET A N   1 
ATOM   472  C CA  . MET A 1 72  ? 10.502  -1.990  2.721   1.00 32.24 ? 94  MET A CA  1 
ATOM   473  C C   . MET A 1 72  ? 10.504  -3.508  2.618   1.00 30.07 ? 94  MET A C   1 
ATOM   474  O O   . MET A 1 72  ? 10.276  -4.060  1.539   1.00 30.07 ? 94  MET A O   1 
ATOM   475  C CB  . MET A 1 72  ? 9.087   -1.445  2.729   1.00 27.42 ? 94  MET A CB  1 
ATOM   476  C CG  . MET A 1 72  ? 9.029   0.052   2.788   1.00 38.57 ? 94  MET A CG  1 
ATOM   477  S SD  . MET A 1 72  ? 7.363   0.538   3.129   1.00 58.75 ? 94  MET A SD  1 
ATOM   478  C CE  . MET A 1 72  ? 6.576   0.147   1.563   1.00 51.12 ? 94  MET A CE  1 
ATOM   479  N N   . VAL A 1 73  ? 10.808  -4.175  3.728   1.00 31.89 ? 95  VAL A N   1 
ATOM   480  C CA  . VAL A 1 73  ? 10.804  -5.635  3.772   1.00 30.69 ? 95  VAL A CA  1 
ATOM   481  C C   . VAL A 1 73  ? 9.516   -6.204  4.450   1.00 31.30 ? 95  VAL A C   1 
ATOM   482  O O   . VAL A 1 73  ? 9.249   -5.989  5.648   1.00 30.78 ? 95  VAL A O   1 
ATOM   483  C CB  . VAL A 1 73  ? 12.044  -6.232  4.468   1.00 28.93 ? 95  VAL A CB  1 
ATOM   484  C CG1 . VAL A 1 73  ? 11.848  -7.711  4.655   1.00 32.18 ? 95  VAL A CG1 1 
ATOM   485  C CG2 . VAL A 1 73  ? 13.342  -5.990  3.631   1.00 29.20 ? 95  VAL A CG2 1 
ATOM   486  N N   . LEU A 1 74  ? 8.718   -6.927  3.668   1.00 28.61 ? 96  LEU A N   1 
ATOM   487  C CA  . LEU A 1 74  ? 7.504   -7.576  4.185   1.00 25.59 ? 96  LEU A CA  1 
ATOM   488  C C   . LEU A 1 74  ? 7.846   -9.005  4.618   1.00 26.37 ? 96  LEU A C   1 
ATOM   489  O O   . LEU A 1 74  ? 8.053   -9.875  3.779   1.00 25.36 ? 96  LEU A O   1 
ATOM   490  C CB  . LEU A 1 74  ? 6.416   -7.610  3.117   1.00 24.97 ? 96  LEU A CB  1 
ATOM   491  C CG  . LEU A 1 74  ? 5.557   -6.363  2.837   1.00 26.78 ? 96  LEU A CG  1 
ATOM   492  C CD1 . LEU A 1 74  ? 4.692   -6.571  1.590   1.00 33.63 ? 96  LEU A CD1 1 
ATOM   493  C CD2 . LEU A 1 74  ? 4.777   -5.853  3.997   1.00 36.90 ? 96  LEU A CD2 1 
ATOM   494  N N   . GLN A 1 75  ? 7.913   -9.249  5.921   1.00 24.06 ? 97  GLN A N   1 
ATOM   495  C CA  . GLN A 1 75  ? 8.248   -10.588 6.401   1.00 26.76 ? 97  GLN A CA  1 
ATOM   496  C C   . GLN A 1 75  ? 7.023   -11.509 6.394   1.00 28.00 ? 97  GLN A C   1 
ATOM   497  O O   . GLN A 1 75  ? 5.940   -11.102 6.809   1.00 27.25 ? 97  GLN A O   1 
ATOM   498  C CB  . GLN A 1 75  ? 8.803   -10.506 7.815   1.00 26.91 ? 97  GLN A CB  1 
ATOM   499  C CG  . GLN A 1 75  ? 10.034  -9.648  7.959   1.00 30.52 ? 97  GLN A CG  1 
ATOM   500  C CD  . GLN A 1 75  ? 11.304  -10.425 7.623   1.00 34.53 ? 97  GLN A CD  1 
ATOM   501  O OE1 . GLN A 1 75  ? 11.315  -11.229 6.686   1.00 36.19 ? 97  GLN A OE1 1 
ATOM   502  N NE2 . GLN A 1 75  ? 12.360  -10.195 8.386   1.00 37.14 ? 97  GLN A NE2 1 
ATOM   503  N N   . PRO A 1 76  ? 7.222   -12.759 5.995   1.00 29.52 ? 98  PRO A N   1 
ATOM   504  C CA  . PRO A 1 76  ? 6.150   -13.761 5.955   1.00 29.23 ? 98  PRO A CA  1 
ATOM   505  C C   . PRO A 1 76  ? 5.514   -13.910 7.329   1.00 29.67 ? 98  PRO A C   1 
ATOM   506  O O   . PRO A 1 76  ? 6.224   -13.909 8.308   1.00 25.40 ? 98  PRO A O   1 
ATOM   507  C CB  . PRO A 1 76  ? 6.892   -15.053 5.575   1.00 29.73 ? 98  PRO A CB  1 
ATOM   508  C CG  . PRO A 1 76  ? 8.152   -14.603 4.951   1.00 28.92 ? 98  PRO A CG  1 
ATOM   509  C CD  . PRO A 1 76  ? 8.523   -13.332 5.593   1.00 29.73 ? 98  PRO A CD  1 
ATOM   510  N N   . ALA A 1 77  ? 4.187   -14.001 7.381   1.00 30.94 ? 99  ALA A N   1 
ATOM   511  C CA  . ALA A 1 77  ? 3.443   -14.025 8.635   1.00 30.80 ? 99  ALA A CA  1 
ATOM   512  C C   . ALA A 1 77  ? 2.724   -15.332 8.959   1.00 32.49 ? 99  ALA A C   1 
ATOM   513  O O   . ALA A 1 77  ? 1.760   -15.331 9.726   1.00 37.03 ? 99  ALA A O   1 
ATOM   514  C CB  . ALA A 1 77  ? 2.447   -12.835 8.695   1.00 26.77 ? 99  ALA A CB  1 
ATOM   515  N N   . GLY A 1 78  ? 3.161   -16.438 8.381   1.00 34.85 ? 100 GLY A N   1 
ATOM   516  C CA  . GLY A 1 78  ? 2.607   -17.737 8.761   1.00 35.76 ? 100 GLY A CA  1 
ATOM   517  C C   . GLY A 1 78  ? 1.596   -18.337 7.798   1.00 36.29 ? 100 GLY A C   1 
ATOM   518  O O   . GLY A 1 78  ? 1.212   -19.510 7.947   1.00 35.46 ? 100 GLY A O   1 
ATOM   519  N N   . ALA A 1 79  ? 1.134   -17.531 6.842   1.00 31.34 ? 101 ALA A N   1 
ATOM   520  C CA  . ALA A 1 79  ? 0.191   -17.990 5.821   1.00 30.72 ? 101 ALA A CA  1 
ATOM   521  C C   . ALA A 1 79  ? 0.435   -17.229 4.534   1.00 33.45 ? 101 ALA A C   1 
ATOM   522  O O   . ALA A 1 79  ? 0.851   -16.073 4.556   1.00 30.90 ? 101 ALA A O   1 
ATOM   523  C CB  . ALA A 1 79  ? -1.254  -17.771 6.284   1.00 30.46 ? 101 ALA A CB  1 
ATOM   524  N N   . PRO A 1 80  ? 0.151   -17.866 3.407   1.00 33.17 ? 102 PRO A N   1 
ATOM   525  C CA  . PRO A 1 80  ? 0.362   -17.229 2.106   1.00 32.45 ? 102 PRO A CA  1 
ATOM   526  C C   . PRO A 1 80  ? -0.503  -15.970 1.991   1.00 31.70 ? 102 PRO A C   1 
ATOM   527  O O   . PRO A 1 80  ? -1.690  -16.037 2.303   1.00 33.61 ? 102 PRO A O   1 
ATOM   528  C CB  . PRO A 1 80  ? -0.108  -18.284 1.110   1.00 33.19 ? 102 PRO A CB  1 
ATOM   529  C CG  . PRO A 1 80  ? -0.026  -19.614 1.884   1.00 35.89 ? 102 PRO A CG  1 
ATOM   530  C CD  . PRO A 1 80  ? -0.380  -19.240 3.308   1.00 32.95 ? 102 PRO A CD  1 
ATOM   531  N N   . GLY A 1 81  ? 0.099   -14.850 1.586   1.00 29.64 ? 103 GLY A N   1 
ATOM   532  C CA  . GLY A 1 81  ? -0.609  -13.599 1.408   1.00 32.43 ? 103 GLY A CA  1 
ATOM   533  C C   . GLY A 1 81  ? -0.659  -12.772 2.684   1.00 33.29 ? 103 GLY A C   1 
ATOM   534  O O   . GLY A 1 81  ? -1.297  -11.704 2.735   1.00 30.16 ? 103 GLY A O   1 
ATOM   535  N N   . HIS A 1 82  ? 0.037   -13.262 3.709   1.00 25.78 ? 104 HIS A N   1 
ATOM   536  C CA  . HIS A 1 82  ? 0.074   -12.592 4.984   1.00 25.49 ? 104 HIS A CA  1 
ATOM   537  C C   . HIS A 1 82  ? 1.474   -12.170 5.373   1.00 26.10 ? 104 HIS A C   1 
ATOM   538  O O   . HIS A 1 82  ? 2.398   -12.986 5.367   1.00 27.01 ? 104 HIS A O   1 
ATOM   539  C CB  . HIS A 1 82  ? -0.560  -13.509 6.028   1.00 26.97 ? 104 HIS A CB  1 
ATOM   540  C CG  . HIS A 1 82  ? -2.017  -13.705 5.798   1.00 30.67 ? 104 HIS A CG  1 
ATOM   541  N ND1 . HIS A 1 82  ? -2.970  -12.921 6.416   1.00 25.93 ? 104 HIS A ND1 1 
ATOM   542  C CD2 . HIS A 1 82  ? -2.683  -14.522 4.952   1.00 25.89 ? 104 HIS A CD2 1 
ATOM   543  C CE1 . HIS A 1 82  ? -4.169  -13.286 5.991   1.00 31.38 ? 104 HIS A CE1 1 
ATOM   544  N NE2 . HIS A 1 82  ? -4.024  -14.264 5.113   1.00 28.13 ? 104 HIS A NE2 1 
ATOM   545  N N   . TYR A 1 83  ? 1.641   -10.920 5.769   1.00 21.64 ? 105 TYR A N   1 
ATOM   546  C CA  . TYR A 1 83  ? 2.978   -10.434 6.086   1.00 27.10 ? 105 TYR A CA  1 
ATOM   547  C C   . TYR A 1 83  ? 2.992   -9.516  7.276   1.00 27.53 ? 105 TYR A C   1 
ATOM   548  O O   . TYR A 1 83  ? 1.943   -9.091  7.764   1.00 26.64 ? 105 TYR A O   1 
ATOM   549  C CB  . TYR A 1 83  ? 3.532   -9.652  4.890   1.00 27.34 ? 105 TYR A CB  1 
ATOM   550  C CG  . TYR A 1 83  ? 3.493   -10.405 3.594   1.00 31.95 ? 105 TYR A CG  1 
ATOM   551  C CD1 . TYR A 1 83  ? 2.358   -10.401 2.796   1.00 28.51 ? 105 TYR A CD1 1 
ATOM   552  C CD2 . TYR A 1 83  ? 4.598   -11.129 3.169   1.00 30.24 ? 105 TYR A CD2 1 
ATOM   553  C CE1 . TYR A 1 83  ? 2.334   -11.124 1.608   1.00 37.35 ? 105 TYR A CE1 1 
ATOM   554  C CE2 . TYR A 1 83  ? 4.593   -11.830 1.984   1.00 30.66 ? 105 TYR A CE2 1 
ATOM   555  C CZ  . TYR A 1 83  ? 3.471   -11.845 1.223   1.00 33.60 ? 105 TYR A CZ  1 
ATOM   556  O OH  . TYR A 1 83  ? 3.500   -12.563 0.058   1.00 38.26 ? 105 TYR A OH  1 
ATOM   557  N N   . THR A 1 84  ? 4.195   -9.187  7.721   1.00 26.62 ? 106 THR A N   1 
ATOM   558  C CA  . THR A 1 84  ? 4.389   -8.151  8.734   1.00 28.60 ? 106 THR A CA  1 
ATOM   559  C C   . THR A 1 84  ? 5.417   -7.159  8.227   1.00 32.21 ? 106 THR A C   1 
ATOM   560  O O   . THR A 1 84  ? 6.296   -7.502  7.416   1.00 27.01 ? 106 THR A O   1 
ATOM   561  C CB  . THR A 1 84  ? 4.885   -8.733  10.062  1.00 29.26 ? 106 THR A CB  1 
ATOM   562  O OG1 . THR A 1 84  ? 5.937   -9.657  9.798   1.00 31.30 ? 106 THR A OG1 1 
ATOM   563  C CG2 . THR A 1 84  ? 3.815   -9.611  10.708  1.00 27.94 ? 106 THR A CG2 1 
ATOM   564  N N   . TYR A 1 85  ? 5.312   -5.930  8.725   1.00 35.18 ? 107 TYR A N   1 
ATOM   565  C CA  . TYR A 1 85  ? 6.250   -4.872  8.382   1.00 39.69 ? 107 TYR A CA  1 
ATOM   566  C C   . TYR A 1 85  ? 6.561   -4.044  9.629   1.00 42.78 ? 107 TYR A C   1 
ATOM   567  O O   . TYR A 1 85  ? 5.668   -3.776  10.452  1.00 40.16 ? 107 TYR A O   1 
ATOM   568  C CB  . TYR A 1 85  ? 5.679   -3.989  7.281   1.00 41.61 ? 107 TYR A CB  1 
ATOM   569  C CG  . TYR A 1 85  ? 6.488   -2.755  7.062   1.00 44.46 ? 107 TYR A CG  1 
ATOM   570  C CD1 . TYR A 1 85  ? 7.813   -2.849  6.659   1.00 46.72 ? 107 TYR A CD1 1 
ATOM   571  C CD2 . TYR A 1 85  ? 5.942   -1.497  7.270   1.00 44.30 ? 107 TYR A CD2 1 
ATOM   572  C CE1 . TYR A 1 85  ? 8.578   -1.732  6.459   1.00 47.74 ? 107 TYR A CE1 1 
ATOM   573  C CE2 . TYR A 1 85  ? 6.703   -0.362  7.071   1.00 51.46 ? 107 TYR A CE2 1 
ATOM   574  C CZ  . TYR A 1 85  ? 8.018   -0.488  6.667   1.00 52.47 ? 107 TYR A CZ  1 
ATOM   575  O OH  . TYR A 1 85  ? 8.792   0.623   6.464   1.00 56.25 ? 107 TYR A OH  1 
ATOM   576  N N   . SER A 1 86  ? 7.828   -3.641  9.748   1.00 47.65 ? 108 SER A N   1 
ATOM   577  C CA  . SER A 1 86  ? 8.322   -2.907  10.911  1.00 51.16 ? 108 SER A CA  1 
ATOM   578  C C   . SER A 1 86  ? 7.884   -1.452  10.972  1.00 53.22 ? 108 SER A C   1 
ATOM   579  O O   . SER A 1 86  ? 6.710   -1.145  10.763  1.00 54.26 ? 108 SER A O   1 
ATOM   580  C CB  . SER A 1 86  ? 9.834   -2.962  10.945  1.00 50.55 ? 108 SER A CB  1 
ATOM   581  O OG  . SER A 1 86  ? 10.373  -2.291  9.818   1.00 53.99 ? 108 SER A OG  1 
ATOM   582  N N   . SER A 1 87  ? 8.815   -0.538  11.260  1.00 55.91 ? 109 SER A N   1 
ATOM   583  C CA  . SER A 1 87  ? 8.443   0.891   11.416  1.00 56.81 ? 109 SER A CA  1 
ATOM   584  C C   . SER A 1 87  ? 8.609   1.736   10.152  1.00 58.34 ? 109 SER A C   1 
ATOM   585  O O   . SER A 1 87  ? 9.733   2.080   9.746   1.00 58.61 ? 109 SER A O   1 
ATOM   586  C CB  . SER A 1 87  ? 9.212   1.528   12.575  1.00 56.22 ? 109 SER A CB  1 
ATOM   587  O OG  . SER A 1 87  ? 8.992   0.833   13.793  1.00 55.58 ? 109 SER A OG  1 
ATOM   588  N N   . PRO A 1 88  ? 7.489   2.104   9.539   1.00 58.98 ? 110 PRO A N   1 
ATOM   589  C CA  . PRO A 1 88  ? 7.501   2.895   8.304   1.00 58.90 ? 110 PRO A CA  1 
ATOM   590  C C   . PRO A 1 88  ? 7.844   4.367   8.525   1.00 59.14 ? 110 PRO A C   1 
ATOM   591  O O   . PRO A 1 88  ? 9.015   4.746   8.584   1.00 58.48 ? 110 PRO A O   1 
ATOM   592  C CB  . PRO A 1 88  ? 6.050   2.779   7.850   1.00 59.83 ? 110 PRO A CB  1 
ATOM   593  C CG  . PRO A 1 88  ? 5.318   2.810   9.152   1.00 58.55 ? 110 PRO A CG  1 
ATOM   594  C CD  . PRO A 1 88  ? 6.111   1.809   9.977   1.00 59.02 ? 110 PRO A CD  1 
ATOM   595  N N   . HIS A 1 89  ? 6.799   5.185   8.629   1.00 59.42 ? 111 HIS A N   1 
ATOM   596  C CA  . HIS A 1 89  ? 6.912   6.614   8.870   1.00 59.34 ? 111 HIS A CA  1 
ATOM   597  C C   . HIS A 1 89  ? 6.626   6.864   10.339  1.00 58.74 ? 111 HIS A C   1 
ATOM   598  O O   . HIS A 1 89  ? 6.730   7.992   10.842  1.00 58.11 ? 111 HIS A O   1 
ATOM   599  C CB  . HIS A 1 89  ? 5.899   7.364   8.011   1.00 59.95 ? 111 HIS A CB  1 
ATOM   600  C CG  . HIS A 1 89  ? 6.082   7.148   6.542   1.00 63.49 ? 111 HIS A CG  1 
ATOM   601  N ND1 . HIS A 1 89  ? 7.075   7.771   5.816   1.00 66.17 ? 111 HIS A ND1 1 
ATOM   602  C CD2 . HIS A 1 89  ? 5.406   6.367   5.667   1.00 65.32 ? 111 HIS A CD2 1 
ATOM   603  C CE1 . HIS A 1 89  ? 6.999   7.386   4.554   1.00 67.55 ? 111 HIS A CE1 1 
ATOM   604  N NE2 . HIS A 1 89  ? 5.995   6.536   4.436   1.00 66.30 ? 111 HIS A NE2 1 
ATOM   605  N N   . SER A 1 90  ? 6.260   5.780   11.014  1.00 58.04 ? 112 SER A N   1 
ATOM   606  C CA  . SER A 1 90  ? 5.960   5.798   12.431  1.00 56.99 ? 112 SER A CA  1 
ATOM   607  C C   . SER A 1 90  ? 6.864   4.765   13.089  1.00 55.80 ? 112 SER A C   1 
ATOM   608  O O   . SER A 1 90  ? 7.916   4.416   12.542  1.00 56.13 ? 112 SER A O   1 
ATOM   609  C CB  . SER A 1 90  ? 4.494   5.434   12.647  1.00 56.76 ? 112 SER A CB  1 
ATOM   610  O OG  . SER A 1 90  ? 4.213   4.170   12.074  1.00 56.89 ? 112 SER A OG  1 
ATOM   611  N N   . GLY A 1 91  ? 6.457   4.280   14.253  1.00 53.60 ? 113 GLY A N   1 
ATOM   612  C CA  . GLY A 1 91  ? 7.231   3.285   14.971  1.00 50.63 ? 113 GLY A CA  1 
ATOM   613  C C   . GLY A 1 91  ? 6.357   2.165   15.493  1.00 48.41 ? 113 GLY A C   1 
ATOM   614  O O   . GLY A 1 91  ? 6.064   2.101   16.687  1.00 48.42 ? 113 GLY A O   1 
ATOM   615  N N   . SER A 1 92  ? 5.928   1.285   14.595  1.00 45.43 ? 114 SER A N   1 
ATOM   616  C CA  . SER A 1 92  ? 5.071   0.172   14.984  1.00 42.89 ? 114 SER A CA  1 
ATOM   617  C C   . SER A 1 92  ? 5.215   -1.012  14.021  1.00 40.71 ? 114 SER A C   1 
ATOM   618  O O   . SER A 1 92  ? 5.925   -0.940  13.018  1.00 39.42 ? 114 SER A O   1 
ATOM   619  C CB  . SER A 1 92  ? 3.611   0.626   15.022  1.00 42.96 ? 114 SER A CB  1 
ATOM   620  O OG  . SER A 1 92  ? 2.807   -0.288  15.759  1.00 44.86 ? 114 SER A OG  1 
ATOM   621  N N   . ILE A 1 93  ? 4.537   -2.098  14.331  1.00 38.67 ? 115 ILE A N   1 
ATOM   622  C CA  . ILE A 1 93  ? 4.512   -3.225  13.424  1.00 37.91 ? 115 ILE A CA  1 
ATOM   623  C C   . ILE A 1 93  ? 3.123   -3.358  12.776  1.00 36.64 ? 115 ILE A C   1 
ATOM   624  O O   . ILE A 1 93  ? 2.086   -3.043  13.362  1.00 38.39 ? 115 ILE A O   1 
ATOM   625  C CB  . ILE A 1 93  ? 5.017   -4.502  14.110  1.00 37.11 ? 115 ILE A CB  1 
ATOM   626  C CG1 . ILE A 1 93  ? 4.805   -5.721  13.225  1.00 38.04 ? 115 ILE A CG1 1 
ATOM   627  C CG2 . ILE A 1 93  ? 4.268   -4.733  15.382  1.00 40.93 ? 115 ILE A CG2 1 
ATOM   628  C CD1 . ILE A 1 93  ? 5.007   -7.017  13.964  1.00 42.38 ? 115 ILE A CD1 1 
ATOM   629  N N   . HIS A 1 94  ? 3.152   -3.797  11.530  1.00 36.00 ? 116 HIS A N   1 
ATOM   630  C CA  . HIS A 1 94  ? 2.000   -3.868  10.669  1.00 33.88 ? 116 HIS A CA  1 
ATOM   631  C C   . HIS A 1 94  ? 1.747   -5.286  10.234  1.00 32.43 ? 116 HIS A C   1 
ATOM   632  O O   . HIS A 1 94  ? 2.670   -6.017  9.859   1.00 30.55 ? 116 HIS A O   1 
ATOM   633  C CB  . HIS A 1 94  ? 2.250   -3.042  9.408   1.00 34.06 ? 116 HIS A CB  1 
ATOM   634  C CG  . HIS A 1 94  ? 2.188   -1.567  9.623   1.00 38.28 ? 116 HIS A CG  1 
ATOM   635  N ND1 . HIS A 1 94  ? 1.048   -0.926  10.044  1.00 36.02 ? 116 HIS A ND1 1 
ATOM   636  C CD2 . HIS A 1 94  ? 3.120   -0.601  9.447   1.00 42.66 ? 116 HIS A CD2 1 
ATOM   637  C CE1 . HIS A 1 94  ? 1.281   0.372   10.129  1.00 39.59 ? 116 HIS A CE1 1 
ATOM   638  N NE2 . HIS A 1 94  ? 2.532   0.595   9.780   1.00 36.80 ? 116 HIS A NE2 1 
ATOM   639  N N   . SER A 1 95  ? 0.476   -5.641  10.261  1.00 29.49 ? 117 SER A N   1 
ATOM   640  C CA  . SER A 1 95  ? 0.000   -6.931  9.821   1.00 29.78 ? 117 SER A CA  1 
ATOM   641  C C   . SER A 1 95  ? -0.663  -6.670  8.482   1.00 29.04 ? 117 SER A C   1 
ATOM   642  O O   . SER A 1 95  ? -1.725  -6.063  8.415   1.00 25.61 ? 117 SER A O   1 
ATOM   643  C CB  . SER A 1 95  ? -0.991  -7.522  10.830  1.00 25.96 ? 117 SER A CB  1 
ATOM   644  O OG  . SER A 1 95  ? -0.284  -8.106  11.908  1.00 30.61 ? 117 SER A OG  1 
ATOM   645  N N   . VAL A 1 96  ? -0.001  -7.093  7.412   1.00 29.18 ? 118 VAL A N   1 
ATOM   646  C CA  . VAL A 1 96  ? -0.488  -6.851  6.065   1.00 30.33 ? 118 VAL A CA  1 
ATOM   647  C C   . VAL A 1 96  ? -1.100  -8.095  5.456   1.00 31.81 ? 118 VAL A C   1 
ATOM   648  O O   . VAL A 1 96  ? -0.534  -9.191  5.535   1.00 28.22 ? 118 VAL A O   1 
ATOM   649  C CB  . VAL A 1 96  ? 0.666   -6.375  5.126   1.00 31.99 ? 118 VAL A CB  1 
ATOM   650  C CG1 . VAL A 1 96  ? 0.150   -6.095  3.749   1.00 36.29 ? 118 VAL A CG1 1 
ATOM   651  C CG2 . VAL A 1 96  ? 1.339   -5.148  5.684   1.00 35.91 ? 118 VAL A CG2 1 
ATOM   652  N N   . SER A 1 97  ? -2.231  -7.891  4.797   1.00 28.20 ? 119 SER A N   1 
ATOM   653  C CA  . SER A 1 97  ? -2.985  -8.969  4.188   1.00 29.23 ? 119 SER A CA  1 
ATOM   654  C C   . SER A 1 97  ? -3.469  -8.579  2.803   1.00 30.87 ? 119 SER A C   1 
ATOM   655  O O   . SER A 1 97  ? -3.721  -7.395  2.515   1.00 30.59 ? 119 SER A O   1 
ATOM   656  C CB  . SER A 1 97  ? -4.212  -9.352  5.068   1.00 29.00 ? 119 SER A CB  1 
ATOM   657  O OG  . SER A 1 97  ? -5.199  -8.324  5.104   1.00 27.02 ? 119 SER A OG  1 
ATOM   658  N N   . VAL A 1 98  ? -3.576  -9.583  1.943   1.00 27.89 ? 120 VAL A N   1 
ATOM   659  C CA  . VAL A 1 98  ? -4.086  -9.369  0.604   1.00 34.01 ? 120 VAL A CA  1 
ATOM   660  C C   . VAL A 1 98  ? -5.584  -9.639  0.682   1.00 32.96 ? 120 VAL A C   1 
ATOM   661  O O   . VAL A 1 98  ? -6.030  -10.776 0.909   1.00 35.10 ? 120 VAL A O   1 
ATOM   662  C CB  . VAL A 1 98  ? -3.435  -10.293 -0.452  1.00 35.77 ? 120 VAL A CB  1 
ATOM   663  C CG1 . VAL A 1 98  ? -4.329  -10.361 -1.687  1.00 43.61 ? 120 VAL A CG1 1 
ATOM   664  C CG2 . VAL A 1 98  ? -1.942  -9.850  -0.823  1.00 36.08 ? 120 VAL A CG2 1 
ATOM   665  N N   . VAL A 1 99  ? -6.374  -8.589  0.553   1.00 29.71 ? 121 VAL A N   1 
ATOM   666  C CA  . VAL A 1 99  ? -7.823  -8.743  0.612   1.00 30.72 ? 121 VAL A CA  1 
ATOM   667  C C   . VAL A 1 99  ? -8.337  -9.442  -0.643  1.00 31.66 ? 121 VAL A C   1 
ATOM   668  O O   . VAL A 1 99  ? -9.143  -10.362 -0.576  1.00 31.70 ? 121 VAL A O   1 
ATOM   669  C CB  . VAL A 1 99  ? -8.505  -7.370  0.767   1.00 29.64 ? 121 VAL A CB  1 
ATOM   670  C CG1 . VAL A 1 99  ? -10.028 -7.488  0.678   1.00 30.86 ? 121 VAL A CG1 1 
ATOM   671  C CG2 . VAL A 1 99  ? -8.069  -6.724  2.071   1.00 33.01 ? 121 VAL A CG2 1 
ATOM   672  N N   . GLU A 1 100 ? -7.829  -9.022  -1.790  1.00 30.83 ? 122 GLU A N   1 
ATOM   673  C CA  . GLU A 1 100 ? -8.225  -9.569  -3.071  1.00 31.99 ? 122 GLU A CA  1 
ATOM   674  C C   . GLU A 1 100 ? -7.205  -9.107  -4.088  1.00 32.31 ? 122 GLU A C   1 
ATOM   675  O O   . GLU A 1 100 ? -6.752  -7.971  -4.020  1.00 33.99 ? 122 GLU A O   1 
ATOM   676  C CB  . GLU A 1 100 ? -9.601  -9.011  -3.466  1.00 33.28 ? 122 GLU A CB  1 
ATOM   677  C CG  . GLU A 1 100 ? -10.029 -9.396  -4.862  1.00 38.40 ? 122 GLU A CG  1 
ATOM   678  C CD  . GLU A 1 100 ? -11.374 -8.832  -5.238  1.00 41.72 ? 122 GLU A CD  1 
ATOM   679  O OE1 . GLU A 1 100 ? -11.719 -8.928  -6.427  1.00 49.18 ? 122 GLU A OE1 1 
ATOM   680  O OE2 . GLU A 1 100 ? -12.088 -8.293  -4.370  1.00 48.55 ? 122 GLU A OE2 1 
ATOM   681  N N   . ALA A 1 101 ? -6.838  -9.970  -5.029  1.00 31.54 ? 123 ALA A N   1 
ATOM   682  C CA  . ALA A 1 101 ? -5.925  -9.553  -6.078  1.00 33.16 ? 123 ALA A CA  1 
ATOM   683  C C   . ALA A 1 101 ? -6.160  -10.305 -7.369  1.00 33.41 ? 123 ALA A C   1 
ATOM   684  O O   . ALA A 1 101 ? -6.664  -11.440 -7.354  1.00 33.13 ? 123 ALA A O   1 
ATOM   685  C CB  . ALA A 1 101 ? -4.468  -9.728  -5.639  1.00 33.67 ? 123 ALA A CB  1 
ATOM   686  N N   . ASN A 1 102 ? -5.841  -9.621  -8.467  1.00 29.98 ? 124 ASN A N   1 
ATOM   687  C CA  . ASN A 1 102 ? -5.733  -10.183 -9.802  1.00 28.15 ? 124 ASN A CA  1 
ATOM   688  C C   . ASN A 1 102 ? -4.331  -9.788  -10.186 1.00 27.47 ? 124 ASN A C   1 
ATOM   689  O O   . ASN A 1 102 ? -4.094  -8.634  -10.531 1.00 23.04 ? 124 ASN A O   1 
ATOM   690  C CB  . ASN A 1 102 ? -6.663  -9.523  -10.812 1.00 31.02 ? 124 ASN A CB  1 
ATOM   691  C CG  . ASN A 1 102 ? -6.440  -10.043 -12.259 1.00 28.35 ? 124 ASN A CG  1 
ATOM   692  O OD1 . ASN A 1 102 ? -5.317  -10.222 -12.727 1.00 31.58 ? 124 ASN A OD1 1 
ATOM   693  N ND2 . ASN A 1 102 ? -7.523  -10.266 -12.952 1.00 31.75 ? 124 ASN A ND2 1 
ATOM   694  N N   . TYR A 1 103 ? -3.422  -10.750 -10.157 1.00 22.95 ? 125 TYR A N   1 
ATOM   695  C CA  . TYR A 1 103 ? -2.016  -10.478 -10.395 1.00 27.24 ? 125 TYR A CA  1 
ATOM   696  C C   . TYR A 1 103 ? -1.712  -9.697  -11.659 1.00 25.67 ? 125 TYR A C   1 
ATOM   697  O O   . TYR A 1 103 ? -0.656  -9.092  -11.759 1.00 27.16 ? 125 TYR A O   1 
ATOM   698  C CB  . TYR A 1 103 ? -1.175  -11.764 -10.328 1.00 25.54 ? 125 TYR A CB  1 
ATOM   699  C CG  . TYR A 1 103 ? -1.456  -12.747 -11.435 1.00 32.53 ? 125 TYR A CG  1 
ATOM   700  C CD1 . TYR A 1 103 ? -0.887  -12.562 -12.685 1.00 38.13 ? 125 TYR A CD1 1 
ATOM   701  C CD2 . TYR A 1 103 ? -2.301  -13.850 -11.235 1.00 38.11 ? 125 TYR A CD2 1 
ATOM   702  C CE1 . TYR A 1 103 ? -1.101  -13.436 -13.718 1.00 37.11 ? 125 TYR A CE1 1 
ATOM   703  C CE2 . TYR A 1 103 ? -2.556  -14.738 -12.262 1.00 41.29 ? 125 TYR A CE2 1 
ATOM   704  C CZ  . TYR A 1 103 ? -1.936  -14.516 -13.509 1.00 43.06 ? 125 TYR A CZ  1 
ATOM   705  O OH  . TYR A 1 103 ? -2.173  -15.370 -14.548 1.00 46.26 ? 125 TYR A OH  1 
ATOM   706  N N   . ASP A 1 104 ? -2.625  -9.700  -12.616 1.00 24.79 ? 126 ASP A N   1 
ATOM   707  C CA  . ASP A 1 104 ? -2.400  -8.980  -13.858 1.00 27.00 ? 126 ASP A CA  1 
ATOM   708  C C   . ASP A 1 104 ? -3.007  -7.596  -13.864 1.00 28.46 ? 126 ASP A C   1 
ATOM   709  O O   . ASP A 1 104 ? -2.851  -6.854  -14.834 1.00 25.45 ? 126 ASP A O   1 
ATOM   710  C CB  . ASP A 1 104 ? -3.033  -9.730  -15.011 1.00 28.50 ? 126 ASP A CB  1 
ATOM   711  C CG  . ASP A 1 104 ? -2.066  -10.577 -15.728 1.00 29.09 ? 126 ASP A CG  1 
ATOM   712  O OD1 . ASP A 1 104 ? -1.125  -10.022 -16.274 1.00 37.30 ? 126 ASP A OD1 1 
ATOM   713  O OD2 . ASP A 1 104 ? -2.129  -11.792 -15.771 1.00 29.19 ? 126 ASP A OD2 1 
ATOM   714  N N   . GLU A 1 105 ? -3.718  -7.244  -12.802 1.00 28.57 ? 127 GLU A N   1 
ATOM   715  C CA  . GLU A 1 105 ? -4.415  -5.966  -12.806 1.00 29.09 ? 127 GLU A CA  1 
ATOM   716  C C   . GLU A 1 105 ? -4.228  -5.170  -11.515 1.00 29.81 ? 127 GLU A C   1 
ATOM   717  O O   . GLU A 1 105 ? -3.726  -4.049  -11.564 1.00 26.56 ? 127 GLU A O   1 
ATOM   718  C CB  . GLU A 1 105 ? -5.887  -6.231  -13.103 1.00 30.04 ? 127 GLU A CB  1 
ATOM   719  C CG  . GLU A 1 105 ? -6.765  -5.029  -13.350 1.00 32.87 ? 127 GLU A CG  1 
ATOM   720  C CD  . GLU A 1 105 ? -8.205  -5.458  -13.566 1.00 38.40 ? 127 GLU A CD  1 
ATOM   721  O OE1 . GLU A 1 105 ? -8.416  -6.672  -13.856 1.00 34.92 ? 127 GLU A OE1 1 
ATOM   722  O OE2 . GLU A 1 105 ? -9.114  -4.597  -13.438 1.00 33.13 ? 127 GLU A OE2 1 
ATOM   723  N N   . TYR A 1 106 ? -4.566  -5.763  -10.363 1.00 27.48 ? 128 TYR A N   1 
ATOM   724  C CA  . TYR A 1 106 ? -4.503  -5.031  -9.095  1.00 28.37 ? 128 TYR A CA  1 
ATOM   725  C C   . TYR A 1 106 ? -4.335  -5.878  -7.864  1.00 29.36 ? 128 TYR A C   1 
ATOM   726  O O   . TYR A 1 106 ? -4.456  -7.104  -7.888  1.00 30.86 ? 128 TYR A O   1 
ATOM   727  C CB  . TYR A 1 106 ? -5.811  -4.258  -8.894  1.00 28.49 ? 128 TYR A CB  1 
ATOM   728  C CG  . TYR A 1 106 ? -6.959  -5.193  -8.582  1.00 29.35 ? 128 TYR A CG  1 
ATOM   729  C CD1 . TYR A 1 106 ? -7.623  -5.849  -9.612  1.00 32.35 ? 128 TYR A CD1 1 
ATOM   730  C CD2 . TYR A 1 106 ? -7.361  -5.450  -7.269  1.00 25.57 ? 128 TYR A CD2 1 
ATOM   731  C CE1 . TYR A 1 106 ? -8.666  -6.720  -9.358  1.00 31.17 ? 128 TYR A CE1 1 
ATOM   732  C CE2 . TYR A 1 106 ? -8.422  -6.340  -7.005  1.00 30.47 ? 128 TYR A CE2 1 
ATOM   733  C CZ  . TYR A 1 106 ? -9.057  -6.965  -8.070  1.00 31.28 ? 128 TYR A CZ  1 
ATOM   734  O OH  . TYR A 1 106 ? -10.101 -7.833  -7.883  1.00 39.17 ? 128 TYR A OH  1 
ATOM   735  N N   . ALA A 1 107 ? -4.098  -5.212  -6.742  1.00 29.17 ? 129 ALA A N   1 
ATOM   736  C CA  . ALA A 1 107 ? -4.081  -5.908  -5.458  1.00 29.07 ? 129 ALA A CA  1 
ATOM   737  C C   . ALA A 1 107 ? -4.563  -4.942  -4.414  1.00 30.12 ? 129 ALA A C   1 
ATOM   738  O O   . ALA A 1 107 ? -4.137  -3.772  -4.403  1.00 29.61 ? 129 ALA A O   1 
ATOM   739  C CB  . ALA A 1 107 ? -2.700  -6.441  -5.113  1.00 30.45 ? 129 ALA A CB  1 
ATOM   740  N N   . LEU A 1 108 ? -5.497  -5.423  -3.585  1.00 26.36 ? 130 LEU A N   1 
ATOM   741  C CA  . LEU A 1 108 ? -6.081  -4.668  -2.484  1.00 26.22 ? 130 LEU A CA  1 
ATOM   742  C C   . LEU A 1 108 ? -5.474  -5.163  -1.181  1.00 29.56 ? 130 LEU A C   1 
ATOM   743  O O   . LEU A 1 108 ? -5.706  -6.294  -0.771  1.00 30.38 ? 130 LEU A O   1 
ATOM   744  C CB  . LEU A 1 108 ? -7.591  -4.900  -2.460  1.00 29.26 ? 130 LEU A CB  1 
ATOM   745  C CG  . LEU A 1 108 ? -8.497  -4.278  -1.421  1.00 27.81 ? 130 LEU A CG  1 
ATOM   746  C CD1 . LEU A 1 108 ? -8.298  -2.760  -1.414  1.00 30.42 ? 130 LEU A CD1 1 
ATOM   747  C CD2 . LEU A 1 108 ? -9.891  -4.619  -1.875  1.00 35.34 ? 130 LEU A CD2 1 
ATOM   748  N N   . LEU A 1 109 ? -4.657  -4.340  -0.553  1.00 30.42 ? 131 LEU A N   1 
ATOM   749  C CA  . LEU A 1 109 ? -4.021  -4.735  0.681   1.00 29.56 ? 131 LEU A CA  1 
ATOM   750  C C   . LEU A 1 109 ? -4.688  -4.062  1.884   1.00 28.76 ? 131 LEU A C   1 
ATOM   751  O O   . LEU A 1 109 ? -5.244  -2.963  1.759   1.00 27.79 ? 131 LEU A O   1 
ATOM   752  C CB  . LEU A 1 109 ? -2.558  -4.337  0.628   1.00 31.14 ? 131 LEU A CB  1 
ATOM   753  C CG  . LEU A 1 109 ? -1.678  -4.946  -0.472  1.00 36.00 ? 131 LEU A CG  1 
ATOM   754  C CD1 . LEU A 1 109 ? -0.237  -4.812  -0.042  1.00 37.34 ? 131 LEU A CD1 1 
ATOM   755  C CD2 . LEU A 1 109 ? -2.001  -6.399  -0.623  1.00 35.98 ? 131 LEU A CD2 1 
ATOM   756  N N   . PHE A 1 110 ? -4.620  -4.733  3.031   1.00 26.16 ? 132 PHE A N   1 
ATOM   757  C CA  . PHE A 1 110 ? -5.111  -4.215  4.298   1.00 25.60 ? 132 PHE A CA  1 
ATOM   758  C C   . PHE A 1 110 ? -4.013  -4.339  5.334   1.00 27.16 ? 132 PHE A C   1 
ATOM   759  O O   . PHE A 1 110 ? -3.462  -5.432  5.554   1.00 26.37 ? 132 PHE A O   1 
ATOM   760  C CB  . PHE A 1 110 ? -6.361  -4.961  4.774   1.00 28.16 ? 132 PHE A CB  1 
ATOM   761  C CG  . PHE A 1 110 ? -6.810  -4.578  6.159   1.00 27.40 ? 132 PHE A CG  1 
ATOM   762  C CD1 . PHE A 1 110 ? -7.460  -3.371  6.379   1.00 38.85 ? 132 PHE A CD1 1 
ATOM   763  C CD2 . PHE A 1 110 ? -6.580  -5.413  7.236   1.00 29.41 ? 132 PHE A CD2 1 
ATOM   764  C CE1 . PHE A 1 110 ? -7.914  -3.010  7.659   1.00 33.47 ? 132 PHE A CE1 1 
ATOM   765  C CE2 . PHE A 1 110 ? -7.010  -5.062  8.510   1.00 35.80 ? 132 PHE A CE2 1 
ATOM   766  C CZ  . PHE A 1 110 ? -7.677  -3.844  8.716   1.00 30.47 ? 132 PHE A CZ  1 
ATOM   767  N N   . SER A 1 111 ? -3.645  -3.210  5.925   1.00 24.10 ? 133 SER A N   1 
ATOM   768  C CA  . SER A 1 111 ? -2.622  -3.187  6.961   1.00 27.03 ? 133 SER A CA  1 
ATOM   769  C C   . SER A 1 111 ? -3.266  -2.742  8.278   1.00 24.85 ? 133 SER A C   1 
ATOM   770  O O   . SER A 1 111 ? -4.000  -1.756  8.310   1.00 22.30 ? 133 SER A O   1 
ATOM   771  C CB  . SER A 1 111 ? -1.539  -2.180  6.598   1.00 23.82 ? 133 SER A CB  1 
ATOM   772  O OG  . SER A 1 111 ? -0.740  -2.636  5.522   1.00 36.80 ? 133 SER A OG  1 
ATOM   773  N N   . ARG A 1 112 ? -2.979  -3.445  9.363   1.00 24.55 ? 134 ARG A N   1 
ATOM   774  C CA  . ARG A 1 112 ? -3.501  -3.055  10.677  1.00 24.21 ? 134 ARG A CA  1 
ATOM   775  C C   . ARG A 1 112 ? -2.380  -3.152  11.694  1.00 24.46 ? 134 ARG A C   1 
ATOM   776  O O   . ARG A 1 112 ? -1.489  -4.008  11.581  1.00 24.90 ? 134 ARG A O   1 
ATOM   777  C CB  . ARG A 1 112 ? -4.705  -3.926  11.106  1.00 24.76 ? 134 ARG A CB  1 
ATOM   778  C CG  . ARG A 1 112 ? -4.380  -5.399  11.358  1.00 25.46 ? 134 ARG A CG  1 
ATOM   779  C CD  . ARG A 1 112 ? -5.484  -6.204  12.113  1.00 29.55 ? 134 ARG A CD  1 
ATOM   780  N NE  . ARG A 1 112 ? -5.241  -7.658  12.129  1.00 30.85 ? 134 ARG A NE  1 
ATOM   781  C CZ  . ARG A 1 112 ? -4.193  -8.248  12.713  1.00 37.89 ? 134 ARG A CZ  1 
ATOM   782  N NH1 . ARG A 1 112 ? -3.296  -7.518  13.350  1.00 38.18 ? 134 ARG A NH1 1 
ATOM   783  N NH2 . ARG A 1 112 ? -4.039  -9.565  12.672  1.00 32.89 ? 134 ARG A NH2 1 
ATOM   784  N N   . GLY A 1 113 ? -2.403  -2.245  12.652  1.00 23.81 ? 135 GLY A N   1 
ATOM   785  C CA  . GLY A 1 113 ? -1.444  -2.216  13.735  1.00 24.64 ? 135 GLY A CA  1 
ATOM   786  C C   . GLY A 1 113 ? -2.063  -1.571  14.967  1.00 25.62 ? 135 GLY A C   1 
ATOM   787  O O   . GLY A 1 113 ? -3.260  -1.322  15.000  1.00 25.85 ? 135 GLY A O   1 
ATOM   788  N N   . THR A 1 114 ? -1.246  -1.318  15.982  1.00 26.66 ? 136 THR A N   1 
ATOM   789  C CA  . THR A 1 114 ? -1.694  -0.673  17.220  1.00 27.15 ? 136 THR A CA  1 
ATOM   790  C C   . THR A 1 114 ? -0.532  -0.288  18.137  1.00 28.05 ? 136 THR A C   1 
ATOM   791  O O   . THR A 1 114 ? 0.313   -1.119  18.494  1.00 27.43 ? 136 THR A O   1 
ATOM   792  C CB  . THR A 1 114 ? -2.708  -1.549  17.999  1.00 27.64 ? 136 THR A CB  1 
ATOM   793  O OG1 . THR A 1 114 ? -3.146  -0.842  19.173  1.00 26.68 ? 136 THR A OG1 1 
ATOM   794  C CG2 . THR A 1 114 ? -2.060  -2.793  18.549  1.00 26.93 ? 136 THR A CG2 1 
ATOM   795  N N   . LYS A 1 115 ? -0.486  0.983   18.510  1.00 28.76 ? 137 LYS A N   1 
ATOM   796  C CA  . LYS A 1 115 ? 0.534   1.426   19.443  1.00 29.85 ? 137 LYS A CA  1 
ATOM   797  C C   . LYS A 1 115 ? 0.097   1.092   20.853  1.00 29.11 ? 137 LYS A C   1 
ATOM   798  O O   . LYS A 1 115 ? 0.806   1.403   21.808  1.00 30.95 ? 137 LYS A O   1 
ATOM   799  C CB  . LYS A 1 115 ? 0.798   2.921   19.305  1.00 29.82 ? 137 LYS A CB  1 
ATOM   800  C CG  . LYS A 1 115 ? 1.796   3.228   18.228  1.00 35.68 ? 137 LYS A CG  1 
ATOM   801  C CD  . LYS A 1 115 ? 1.681   4.659   17.772  1.00 45.63 ? 137 LYS A CD  1 
ATOM   802  C CE  . LYS A 1 115 ? 2.750   4.962   16.747  1.00 50.63 ? 137 LYS A CE  1 
ATOM   803  N NZ  . LYS A 1 115 ? 2.523   6.299   16.135  1.00 55.26 ? 137 LYS A NZ  1 
ATOM   804  N N   . GLY A 1 116 ? -1.075  0.463   20.964  1.00 28.22 ? 138 GLY A N   1 
ATOM   805  C CA  . GLY A 1 116 ? -1.645  0.033   22.231  1.00 26.69 ? 138 GLY A CA  1 
ATOM   806  C C   . GLY A 1 116 ? -3.166  0.154   22.282  1.00 25.29 ? 138 GLY A C   1 
ATOM   807  O O   . GLY A 1 116 ? -3.786  0.808   21.438  1.00 24.95 ? 138 GLY A O   1 
ATOM   808  N N   . PRO A 1 117 ? -3.783  -0.502  23.259  1.00 24.12 ? 139 PRO A N   1 
ATOM   809  C CA  . PRO A 1 117 ? -5.234  -0.394  23.454  1.00 22.63 ? 139 PRO A CA  1 
ATOM   810  C C   . PRO A 1 117 ? -5.735  1.032   23.236  1.00 22.43 ? 139 PRO A C   1 
ATOM   811  O O   . PRO A 1 117 ? -5.215  1.980   23.825  1.00 20.70 ? 139 PRO A O   1 
ATOM   812  C CB  . PRO A 1 117 ? -5.409  -0.815  24.907  1.00 22.25 ? 139 PRO A CB  1 
ATOM   813  C CG  . PRO A 1 117 ? -4.316  -1.818  25.125  1.00 21.65 ? 139 PRO A CG  1 
ATOM   814  C CD  . PRO A 1 117 ? -3.158  -1.415  24.233  1.00 24.13 ? 139 PRO A CD  1 
ATOM   815  N N   . GLY A 1 118 ? -6.725  1.182   22.367  1.00 23.37 ? 140 GLY A N   1 
ATOM   816  C CA  . GLY A 1 118 ? -7.274  2.483   22.046  1.00 25.21 ? 140 GLY A CA  1 
ATOM   817  C C   . GLY A 1 118 ? -6.405  3.285   21.094  1.00 27.03 ? 140 GLY A C   1 
ATOM   818  O O   . GLY A 1 118 ? -6.661  4.471   20.872  1.00 26.87 ? 140 GLY A O   1 
ATOM   819  N N   . GLN A 1 119 ? -5.367  2.646   20.547  1.00 27.55 ? 141 GLN A N   1 
ATOM   820  C CA  . GLN A 1 119 ? -4.445  3.304   19.615  1.00 29.30 ? 141 GLN A CA  1 
ATOM   821  C C   . GLN A 1 119 ? -4.234  2.438   18.382  1.00 31.58 ? 141 GLN A C   1 
ATOM   822  O O   . GLN A 1 119 ? -3.089  2.067   18.088  1.00 30.77 ? 141 GLN A O   1 
ATOM   823  C CB  . GLN A 1 119 ? -3.058  3.496   20.245  1.00 28.21 ? 141 GLN A CB  1 
ATOM   824  C CG  . GLN A 1 119 ? -3.015  3.995   21.661  1.00 26.02 ? 141 GLN A CG  1 
ATOM   825  C CD  . GLN A 1 119 ? -1.709  4.716   21.972  1.00 22.18 ? 141 GLN A CD  1 
ATOM   826  O OE1 . GLN A 1 119 ? -1.221  4.681   23.104  1.00 20.65 ? 141 GLN A OE1 1 
ATOM   827  N NE2 . GLN A 1 119 ? -1.147  5.377   20.968  1.00 23.35 ? 141 GLN A NE2 1 
ATOM   828  N N   . ASP A 1 120 ? -5.312  2.090   17.678  1.00 34.32 ? 142 ASP A N   1 
ATOM   829  C CA  . ASP A 1 120 ? -5.175  1.239   16.501  1.00 37.55 ? 142 ASP A CA  1 
ATOM   830  C C   . ASP A 1 120 ? -5.618  1.882   15.197  1.00 37.83 ? 142 ASP A C   1 
ATOM   831  O O   . ASP A 1 120 ? -6.772  2.275   15.038  1.00 38.48 ? 142 ASP A O   1 
ATOM   832  C CB  . ASP A 1 120 ? -5.869  -0.104  16.706  1.00 38.02 ? 142 ASP A CB  1 
ATOM   833  C CG  . ASP A 1 120 ? -7.344  -0.073  16.308  1.00 45.07 ? 142 ASP A CG  1 
ATOM   834  O OD1 . ASP A 1 120 ? -7.933  1.039   16.262  1.00 50.45 ? 142 ASP A OD1 1 
ATOM   835  O OD2 . ASP A 1 120 ? -7.995  -1.111  16.030  1.00 52.38 ? 142 ASP A OD2 1 
ATOM   836  N N   . PHE A 1 121 ? -4.703  1.959   14.245  1.00 39.16 ? 143 PHE A N   1 
ATOM   837  C CA  . PHE A 1 121 ? -5.078  2.479   12.945  1.00 40.15 ? 143 PHE A CA  1 
ATOM   838  C C   . PHE A 1 121 ? -5.251  1.355   11.942  1.00 38.83 ? 143 PHE A C   1 
ATOM   839  O O   . PHE A 1 121 ? -4.905  0.192   12.186  1.00 39.80 ? 143 PHE A O   1 
ATOM   840  C CB  . PHE A 1 121 ? -4.037  3.455   12.428  1.00 38.60 ? 143 PHE A CB  1 
ATOM   841  C CG  . PHE A 1 121 ? -2.719  2.816   12.150  1.00 41.70 ? 143 PHE A CG  1 
ATOM   842  C CD1 . PHE A 1 121 ? -2.435  2.295   10.899  1.00 40.45 ? 143 PHE A CD1 1 
ATOM   843  C CD2 . PHE A 1 121 ? -1.768  2.724   13.145  1.00 42.40 ? 143 PHE A CD2 1 
ATOM   844  C CE1 . PHE A 1 121 ? -1.220  1.709   10.645  1.00 48.27 ? 143 PHE A CE1 1 
ATOM   845  C CE2 . PHE A 1 121 ? -0.563  2.148   12.907  1.00 41.82 ? 143 PHE A CE2 1 
ATOM   846  C CZ  . PHE A 1 121 ? -0.278  1.638   11.653  1.00 48.65 ? 143 PHE A CZ  1 
ATOM   847  N N   . ARG A 1 122 ? -5.817  1.717   10.807  1.00 39.31 ? 144 ARG A N   1 
ATOM   848  C CA  . ARG A 1 122 ? -5.956  0.793   9.709   1.00 37.94 ? 144 ARG A CA  1 
ATOM   849  C C   . ARG A 1 122 ? -5.512  1.545   8.488   1.00 36.65 ? 144 ARG A C   1 
ATOM   850  O O   . ARG A 1 122 ? -5.675  2.770   8.420   1.00 35.40 ? 144 ARG A O   1 
ATOM   851  C CB  . ARG A 1 122 ? -7.406  0.388   9.542   1.00 37.89 ? 144 ARG A CB  1 
ATOM   852  C CG  . ARG A 1 122 ? -7.941  -0.307  10.740  1.00 41.34 ? 144 ARG A CG  1 
ATOM   853  C CD  . ARG A 1 122 ? -9.387  -0.674  10.634  1.00 44.45 ? 144 ARG A CD  1 
ATOM   854  N NE  . ARG A 1 122 ? -9.884  -1.109  11.931  1.00 48.87 ? 144 ARG A NE  1 
ATOM   855  C CZ  . ARG A 1 122 ? -11.161 -1.304  12.206  1.00 51.14 ? 144 ARG A CZ  1 
ATOM   856  N NH1 . ARG A 1 122 ? -12.080 -1.106  11.268  1.00 57.03 ? 144 ARG A NH1 1 
ATOM   857  N NH2 . ARG A 1 122 ? -11.521 -1.706  13.417  1.00 47.79 ? 144 ARG A NH2 1 
ATOM   858  N N   . MET A 1 123 ? -4.963  0.812   7.530   1.00 33.79 ? 145 MET A N   1 
ATOM   859  C CA  . MET A 1 123 ? -4.558  1.393   6.269   1.00 34.42 ? 145 MET A CA  1 
ATOM   860  C C   . MET A 1 123 ? -4.932  0.496   5.105   1.00 34.17 ? 145 MET A C   1 
ATOM   861  O O   . MET A 1 123 ? -4.530  -0.662  5.057   1.00 35.34 ? 145 MET A O   1 
ATOM   862  C CB  . MET A 1 123 ? -3.061  1.637   6.277   1.00 35.52 ? 145 MET A CB  1 
ATOM   863  C CG  . MET A 1 123 ? -2.510  2.044   4.936   1.00 41.87 ? 145 MET A CG  1 
ATOM   864  S SD  . MET A 1 123 ? -0.849  2.660   5.105   1.00 50.30 ? 145 MET A SD  1 
ATOM   865  C CE  . MET A 1 123 ? -1.151  4.342   4.935   1.00 41.78 ? 145 MET A CE  1 
ATOM   866  N N   . ALA A 1 124 ? -5.732  1.014   4.186   1.00 31.63 ? 146 ALA A N   1 
ATOM   867  C CA  . ALA A 1 124 ? -6.058  0.280   2.969   1.00 29.57 ? 146 ALA A CA  1 
ATOM   868  C C   . ALA A 1 124 ? -5.228  0.807   1.791   1.00 30.67 ? 146 ALA A C   1 
ATOM   869  O O   . ALA A 1 124 ? -5.216  2.017   1.509   1.00 27.75 ? 146 ALA A O   1 
ATOM   870  C CB  . ALA A 1 124 ? -7.547  0.345   2.664   1.00 27.02 ? 146 ALA A CB  1 
ATOM   871  N N   . THR A 1 125 ? -4.536  -0.091  1.103   1.00 29.32 ? 147 THR A N   1 
ATOM   872  C CA  . THR A 1 125 ? -3.676  0.308   -0.005  1.00 32.36 ? 147 THR A CA  1 
ATOM   873  C C   . THR A 1 125 ? -4.097  -0.388  -1.275  1.00 31.21 ? 147 THR A C   1 
ATOM   874  O O   . THR A 1 125 ? -4.288  -1.607  -1.279  1.00 30.66 ? 147 THR A O   1 
ATOM   875  C CB  . THR A 1 125 ? -2.216  -0.051  0.301   1.00 34.57 ? 147 THR A CB  1 
ATOM   876  O OG1 . THR A 1 125 ? -1.815  0.527   1.557   1.00 40.10 ? 147 THR A OG1 1 
ATOM   877  C CG2 . THR A 1 125 ? -1.266  0.598   -0.704  1.00 38.11 ? 147 THR A CG2 1 
ATOM   878  N N   . LEU A 1 126 ? -4.254  0.374   -2.352  1.00 29.32 ? 148 LEU A N   1 
ATOM   879  C CA  . LEU A 1 126 ? -4.575  -0.192  -3.661  1.00 28.91 ? 148 LEU A CA  1 
ATOM   880  C C   . LEU A 1 126 ? -3.400  -0.048  -4.636  1.00 28.51 ? 148 LEU A C   1 
ATOM   881  O O   . LEU A 1 126 ? -3.034  1.077   -5.046  1.00 26.73 ? 148 LEU A O   1 
ATOM   882  C CB  . LEU A 1 126 ? -5.785  0.489   -4.284  1.00 33.95 ? 148 LEU A CB  1 
ATOM   883  C CG  . LEU A 1 126 ? -6.250  -0.053  -5.645  1.00 32.68 ? 148 LEU A CG  1 
ATOM   884  C CD1 . LEU A 1 126 ? -6.684  -1.511  -5.491  1.00 32.15 ? 148 LEU A CD1 1 
ATOM   885  C CD2 . LEU A 1 126 ? -7.398  0.767   -6.147  1.00 37.16 ? 148 LEU A CD2 1 
ATOM   886  N N   . TYR A 1 127 ? -2.832  -1.185  -5.016  1.00 23.75 ? 149 TYR A N   1 
ATOM   887  C CA  . TYR A 1 127 ? -1.766  -1.239  -5.998  1.00 27.16 ? 149 TYR A CA  1 
ATOM   888  C C   . TYR A 1 127 ? -2.351  -1.608  -7.361  1.00 26.80 ? 149 TYR A C   1 
ATOM   889  O O   . TYR A 1 127 ? -3.333  -2.322  -7.440  1.00 25.86 ? 149 TYR A O   1 
ATOM   890  C CB  . TYR A 1 127 ? -0.691  -2.249  -5.567  1.00 26.88 ? 149 TYR A CB  1 
ATOM   891  C CG  . TYR A 1 127 ? 0.327   -1.658  -4.613  1.00 32.88 ? 149 TYR A CG  1 
ATOM   892  C CD1 . TYR A 1 127 ? 0.364   -2.029  -3.266  1.00 46.00 ? 149 TYR A CD1 1 
ATOM   893  C CD2 . TYR A 1 127 ? 1.265   -0.767  -5.053  1.00 26.94 ? 149 TYR A CD2 1 
ATOM   894  C CE1 . TYR A 1 127 ? 1.322   -1.489  -2.399  1.00 44.40 ? 149 TYR A CE1 1 
ATOM   895  C CE2 . TYR A 1 127 ? 2.201   -0.243  -4.210  1.00 39.30 ? 149 TYR A CE2 1 
ATOM   896  C CZ  . TYR A 1 127 ? 2.225   -0.585  -2.888  1.00 43.65 ? 149 TYR A CZ  1 
ATOM   897  O OH  . TYR A 1 127 ? 3.189   -0.013  -2.067  1.00 50.80 ? 149 TYR A OH  1 
ATOM   898  N N   . SER A 1 128 ? -1.735  -1.109  -8.432  1.00 24.29 ? 150 SER A N   1 
ATOM   899  C CA  . SER A 1 128 ? -2.182  -1.374  -9.785  1.00 23.15 ? 150 SER A CA  1 
ATOM   900  C C   . SER A 1 128 ? -0.981  -1.658  -10.691 1.00 23.59 ? 150 SER A C   1 
ATOM   901  O O   . SER A 1 128 ? 0.097   -1.054  -10.533 1.00 21.74 ? 150 SER A O   1 
ATOM   902  C CB  . SER A 1 128 ? -2.905  -0.120  -10.332 1.00 24.77 ? 150 SER A CB  1 
ATOM   903  O OG  . SER A 1 128 ? -3.430  -0.354  -11.631 1.00 25.08 ? 150 SER A OG  1 
ATOM   904  N N   . ARG A 1 129 ? -1.181  -2.537  -11.667 1.00 24.12 ? 151 ARG A N   1 
ATOM   905  C CA  . ARG A 1 129 ? -0.135  -2.830  -12.651 1.00 24.53 ? 151 ARG A CA  1 
ATOM   906  C C   . ARG A 1 129 ? 0.000   -1.674  -13.648 1.00 27.70 ? 151 ARG A C   1 
ATOM   907  O O   . ARG A 1 129 ? 1.074   -1.453  -14.197 1.00 28.64 ? 151 ARG A O   1 
ATOM   908  C CB  . ARG A 1 129 ? -0.451  -4.122  -13.401 1.00 22.55 ? 151 ARG A CB  1 
ATOM   909  C CG  . ARG A 1 129 ? -0.298  -5.392  -12.567 1.00 22.89 ? 151 ARG A CG  1 
ATOM   910  C CD  . ARG A 1 129 ? 1.109   -5.648  -12.078 1.00 26.18 ? 151 ARG A CD  1 
ATOM   911  N NE  . ARG A 1 129 ? 1.229   -7.036  -11.633 1.00 23.02 ? 151 ARG A NE  1 
ATOM   912  C CZ  . ARG A 1 129 ? 2.354   -7.586  -11.253 1.00 25.36 ? 151 ARG A CZ  1 
ATOM   913  N NH1 . ARG A 1 129 ? 3.462   -6.852  -11.225 1.00 22.61 ? 151 ARG A NH1 1 
ATOM   914  N NH2 . ARG A 1 129 ? 2.377   -8.873  -10.881 1.00 21.97 ? 151 ARG A NH2 1 
ATOM   915  N N   . THR A 1 130 ? -1.095  -0.960  -13.884 1.00 25.70 ? 152 THR A N   1 
ATOM   916  C CA  . THR A 1 130 ? -1.088  0.211   -14.787 1.00 28.09 ? 152 THR A CA  1 
ATOM   917  C C   . THR A 1 130 ? -1.215  1.495   -13.986 1.00 29.44 ? 152 THR A C   1 
ATOM   918  O O   . THR A 1 130 ? -1.637  1.491   -12.825 1.00 29.55 ? 152 THR A O   1 
ATOM   919  C CB  . THR A 1 130 ? -2.307  0.195   -15.746 1.00 25.65 ? 152 THR A CB  1 
ATOM   920  O OG1 . THR A 1 130 ? -3.507  0.192   -14.972 1.00 28.16 ? 152 THR A OG1 1 
ATOM   921  C CG2 . THR A 1 130 ? -2.414  -1.103  -16.502 1.00 27.98 ? 152 THR A CG2 1 
ATOM   922  N N   . GLN A 1 131 ? -0.934  2.609   -14.632 1.00 30.57 ? 153 GLN A N   1 
ATOM   923  C CA  . GLN A 1 131 ? -1.071  3.887   -13.969 1.00 33.96 ? 153 GLN A CA  1 
ATOM   924  C C   . GLN A 1 131 ? -2.511  4.406   -14.003 1.00 36.06 ? 153 GLN A C   1 
ATOM   925  O O   . GLN A 1 131 ? -2.886  5.278   -13.218 1.00 37.46 ? 153 GLN A O   1 
ATOM   926  C CB  . GLN A 1 131 ? -0.108  4.893   -14.582 1.00 33.75 ? 153 GLN A CB  1 
ATOM   927  C CG  . GLN A 1 131 ? 1.338   4.537   -14.327 1.00 32.02 ? 153 GLN A CG  1 
ATOM   928  C CD  . GLN A 1 131 ? 2.288   5.407   -15.120 1.00 36.38 ? 153 GLN A CD  1 
ATOM   929  O OE1 . GLN A 1 131 ? 2.476   6.572   -14.803 1.00 29.26 ? 153 GLN A OE1 1 
ATOM   930  N NE2 . GLN A 1 131 ? 2.888   4.837   -16.152 1.00 38.73 ? 153 GLN A NE2 1 
ATOM   931  N N   . THR A 1 132 ? -3.331  3.869   -14.901 1.00 38.16 ? 154 THR A N   1 
ATOM   932  C CA  . THR A 1 132 ? -4.716  4.321   -14.990 1.00 40.17 ? 154 THR A CA  1 
ATOM   933  C C   . THR A 1 132 ? -5.576  3.372   -14.197 1.00 40.17 ? 154 THR A C   1 
ATOM   934  O O   . THR A 1 132 ? -5.282  2.178   -14.130 1.00 42.16 ? 154 THR A O   1 
ATOM   935  C CB  . THR A 1 132 ? -5.187  4.439   -16.470 1.00 40.83 ? 154 THR A CB  1 
ATOM   936  O OG1 . THR A 1 132 ? -6.576  4.786   -16.520 1.00 46.81 ? 154 THR A OG1 1 
ATOM   937  C CG2 . THR A 1 132 ? -5.146  3.086   -17.168 1.00 44.42 ? 154 THR A CG2 1 
ATOM   938  N N   . LEU A 1 133 ? -6.615  3.893   -13.558 1.00 39.06 ? 155 LEU A N   1 
ATOM   939  C CA  . LEU A 1 133 ? -7.440  3.068   -12.688 1.00 39.53 ? 155 LEU A CA  1 
ATOM   940  C C   . LEU A 1 133 ? -8.902  3.105   -13.121 1.00 41.17 ? 155 LEU A C   1 
ATOM   941  O O   . LEU A 1 133 ? -9.477  4.184   -13.278 1.00 42.21 ? 155 LEU A O   1 
ATOM   942  C CB  . LEU A 1 133 ? -7.296  3.593   -11.260 1.00 39.45 ? 155 LEU A CB  1 
ATOM   943  C CG  . LEU A 1 133 ? -7.704  2.834   -10.000 1.00 37.13 ? 155 LEU A CG  1 
ATOM   944  C CD1 . LEU A 1 133 ? -6.974  1.493   -9.855  1.00 33.37 ? 155 LEU A CD1 1 
ATOM   945  C CD2 . LEU A 1 133 ? -7.398  3.714   -8.810  1.00 31.68 ? 155 LEU A CD2 1 
ATOM   946  N N   . LYS A 1 134 ? -9.501  1.936   -13.321 1.00 40.82 ? 156 LYS A N   1 
ATOM   947  C CA  . LYS A 1 134 ? -10.897 1.875   -13.735 1.00 41.34 ? 156 LYS A CA  1 
ATOM   948  C C   . LYS A 1 134 ? -11.823 2.128   -12.561 1.00 40.11 ? 156 LYS A C   1 
ATOM   949  O O   . LYS A 1 134 ? -11.519 1.758   -11.422 1.00 39.30 ? 156 LYS A O   1 
ATOM   950  C CB  . LYS A 1 134 ? -11.242 0.543   -14.430 1.00 41.45 ? 156 LYS A CB  1 
ATOM   951  C CG  . LYS A 1 134 ? -10.631 -0.683  -13.796 1.00 46.35 ? 156 LYS A CG  1 
ATOM   952  C CD  . LYS A 1 134 ? -11.092 -1.997  -14.459 1.00 53.58 ? 156 LYS A CD  1 
ATOM   953  C CE  . LYS A 1 134 ? -10.711 -2.093  -15.948 1.00 57.44 ? 156 LYS A CE  1 
ATOM   954  N NZ  . LYS A 1 134 ? -11.301 -3.322  -16.621 1.00 55.53 ? 156 LYS A NZ  1 
ATOM   955  N N   . ASP A 1 135 ? -12.959 2.760   -12.853 1.00 39.38 ? 157 ASP A N   1 
ATOM   956  C CA  . ASP A 1 135 ? -13.938 3.113   -11.837 1.00 38.44 ? 157 ASP A CA  1 
ATOM   957  C C   . ASP A 1 135 ? -14.330 1.927   -10.963 1.00 39.09 ? 157 ASP A C   1 
ATOM   958  O O   . ASP A 1 135 ? -14.433 2.052   -9.735  1.00 37.49 ? 157 ASP A O   1 
ATOM   959  C CB  . ASP A 1 135 ? -15.175 3.720   -12.495 1.00 40.32 ? 157 ASP A CB  1 
ATOM   960  C CG  . ASP A 1 135 ? -14.878 5.034   -13.162 1.00 39.89 ? 157 ASP A CG  1 
ATOM   961  O OD1 . ASP A 1 135 ? -15.826 5.731   -13.576 1.00 44.50 ? 157 ASP A OD1 1 
ATOM   962  O OD2 . ASP A 1 135 ? -13.718 5.463   -13.308 1.00 44.49 ? 157 ASP A OD2 1 
ATOM   963  N N   . GLU A 1 136 ? -14.537 0.775   -11.595 1.00 39.40 ? 158 GLU A N   1 
ATOM   964  C CA  . GLU A 1 136 ? -14.925 -0.430  -10.865 1.00 39.36 ? 158 GLU A CA  1 
ATOM   965  C C   . GLU A 1 136 ? -13.958 -0.665  -9.723  1.00 37.03 ? 158 GLU A C   1 
ATOM   966  O O   . GLU A 1 136 ? -14.362 -1.010  -8.612  1.00 34.86 ? 158 GLU A O   1 
ATOM   967  C CB  . GLU A 1 136 ? -14.941 -1.650  -11.788 1.00 40.38 ? 158 GLU A CB  1 
ATOM   968  C CG  . GLU A 1 136 ? -15.836 -1.503  -13.006 1.00 46.41 ? 158 GLU A CG  1 
ATOM   969  C CD  . GLU A 1 136 ? -15.300 -2.246  -14.210 1.00 51.67 ? 158 GLU A CD  1 
ATOM   970  O OE1 . GLU A 1 136 ? -15.268 -3.504  -14.147 1.00 52.85 ? 158 GLU A OE1 1 
ATOM   971  O OE2 . GLU A 1 136 ? -14.892 -1.567  -15.195 1.00 50.98 ? 158 GLU A OE2 1 
ATOM   972  N N   . LEU A 1 137 ? -12.672 -0.474  -10.003 1.00 37.75 ? 159 LEU A N   1 
ATOM   973  C CA  . LEU A 1 137 ? -11.632 -0.665  -8.989  1.00 38.57 ? 159 LEU A CA  1 
ATOM   974  C C   . LEU A 1 137 ? -11.731 0.387   -7.890  1.00 38.21 ? 159 LEU A C   1 
ATOM   975  O O   . LEU A 1 137 ? -11.635 0.064   -6.703  1.00 38.46 ? 159 LEU A O   1 
ATOM   976  C CB  . LEU A 1 137 ? -10.245 -0.602  -9.623  1.00 39.47 ? 159 LEU A CB  1 
ATOM   977  C CG  . LEU A 1 137 ? -9.746  -1.813  -10.409 1.00 41.97 ? 159 LEU A CG  1 
ATOM   978  C CD1 . LEU A 1 137 ? -8.408  -1.484  -11.060 1.00 43.52 ? 159 LEU A CD1 1 
ATOM   979  C CD2 . LEU A 1 137 ? -9.606  -2.979  -9.488  1.00 44.44 ? 159 LEU A CD2 1 
ATOM   980  N N   . LYS A 1 138 ? -11.911 1.647   -8.289  1.00 35.48 ? 160 LYS A N   1 
ATOM   981  C CA  . LYS A 1 138 ? -12.046 2.728   -7.320  1.00 33.81 ? 160 LYS A CA  1 
ATOM   982  C C   . LYS A 1 138 ? -13.180 2.415   -6.360  1.00 33.12 ? 160 LYS A C   1 
ATOM   983  O O   . LYS A 1 138 ? -13.039 2.597   -5.152  1.00 31.67 ? 160 LYS A O   1 
ATOM   984  C CB  . LYS A 1 138 ? -12.304 4.071   -8.010  1.00 33.61 ? 160 LYS A CB  1 
ATOM   985  C CG  . LYS A 1 138 ? -11.124 4.646   -8.770  1.00 33.75 ? 160 LYS A CG  1 
ATOM   986  C CD  . LYS A 1 138 ? -11.363 6.128   -9.072  1.00 36.61 ? 160 LYS A CD  1 
ATOM   987  C CE  . LYS A 1 138 ? -10.162 6.773   -9.750  1.00 38.76 ? 160 LYS A CE  1 
ATOM   988  N NZ  . LYS A 1 138 ? -10.359 8.239   -9.930  1.00 35.20 ? 160 LYS A NZ  1 
ATOM   989  N N   . GLU A 1 139 ? -14.281 1.906   -6.906  1.00 32.57 ? 161 GLU A N   1 
ATOM   990  C CA  . GLU A 1 139 ? -15.463 1.561   -6.124  1.00 34.34 ? 161 GLU A CA  1 
ATOM   991  C C   . GLU A 1 139 ? -15.166 0.411   -5.180  1.00 31.87 ? 161 GLU A C   1 
ATOM   992  O O   . GLU A 1 139 ? -15.516 0.443   -3.991  1.00 28.60 ? 161 GLU A O   1 
ATOM   993  C CB  . GLU A 1 139 ? -16.625 1.183   -7.052  1.00 35.54 ? 161 GLU A CB  1 
ATOM   994  C CG  . GLU A 1 139 ? -18.007 1.155   -6.406  1.00 47.68 ? 161 GLU A CG  1 
ATOM   995  C CD  . GLU A 1 139 ? -18.360 -0.181  -5.749  1.00 59.56 ? 161 GLU A CD  1 
ATOM   996  O OE1 . GLU A 1 139 ? -18.532 -1.200  -6.471  1.00 61.32 ? 161 GLU A OE1 1 
ATOM   997  O OE2 . GLU A 1 139 ? -18.491 -0.210  -4.500  1.00 63.30 ? 161 GLU A OE2 1 
ATOM   998  N N   . LYS A 1 140 ? -14.517 -0.624  -5.696  1.00 31.79 ? 162 LYS A N   1 
ATOM   999  C CA  . LYS A 1 140 ? -14.213 -1.738  -4.816  1.00 29.06 ? 162 LYS A CA  1 
ATOM   1000 C C   . LYS A 1 140 ? -13.423 -1.163  -3.660  1.00 28.94 ? 162 LYS A C   1 
ATOM   1001 O O   . LYS A 1 140 ? -13.724 -1.444  -2.494  1.00 31.29 ? 162 LYS A O   1 
ATOM   1002 C CB  . LYS A 1 140 ? -13.444 -2.848  -5.520  1.00 30.02 ? 162 LYS A CB  1 
ATOM   1003 C CG  . LYS A 1 140 ? -13.156 -4.042  -4.615  1.00 33.63 ? 162 LYS A CG  1 
ATOM   1004 C CD  . LYS A 1 140 ? -12.113 -4.991  -5.219  1.00 36.30 ? 162 LYS A CD  1 
ATOM   1005 C CE  . LYS A 1 140 ? -12.499 -5.441  -6.628  1.00 34.72 ? 162 LYS A CE  1 
ATOM   1006 N NZ  . LYS A 1 140 ? -13.326 -6.665  -6.596  1.00 34.13 ? 162 LYS A NZ  1 
ATOM   1007 N N   . PHE A 1 141 ? -12.463 -0.297  -3.977  1.00 25.74 ? 163 PHE A N   1 
ATOM   1008 C CA  . PHE A 1 141 ? -11.592 0.275   -2.953  1.00 27.18 ? 163 PHE A CA  1 
ATOM   1009 C C   . PHE A 1 141 ? -12.359 1.156   -1.969  1.00 27.18 ? 163 PHE A C   1 
ATOM   1010 O O   . PHE A 1 141 ? -12.085 1.178   -0.758  1.00 26.71 ? 163 PHE A O   1 
ATOM   1011 C CB  . PHE A 1 141 ? -10.433 1.072   -3.589  1.00 28.41 ? 163 PHE A CB  1 
ATOM   1012 C CG  . PHE A 1 141 ? -9.406  1.519   -2.590  1.00 29.59 ? 163 PHE A CG  1 
ATOM   1013 C CD1 . PHE A 1 141 ? -9.253  2.848   -2.286  1.00 27.33 ? 163 PHE A CD1 1 
ATOM   1014 C CD2 . PHE A 1 141 ? -8.600  0.593   -1.941  1.00 24.53 ? 163 PHE A CD2 1 
ATOM   1015 C CE1 . PHE A 1 141 ? -8.316  3.267   -1.349  1.00 22.62 ? 163 PHE A CE1 1 
ATOM   1016 C CE2 . PHE A 1 141 ? -7.678  1.011   -1.006  1.00 25.46 ? 163 PHE A CE2 1 
ATOM   1017 C CZ  . PHE A 1 141 ? -7.554  2.373   -0.705  1.00 27.76 ? 163 PHE A CZ  1 
ATOM   1018 N N   . THR A 1 142 ? -13.319 1.891   -2.513  1.00 27.90 ? 164 THR A N   1 
ATOM   1019 C CA  . THR A 1 142 ? -14.160 2.762   -1.723  1.00 27.68 ? 164 THR A CA  1 
ATOM   1020 C C   . THR A 1 142 ? -14.922 1.920   -0.735  1.00 28.69 ? 164 THR A C   1 
ATOM   1021 O O   . THR A 1 142 ? -14.886 2.153   0.481   1.00 27.59 ? 164 THR A O   1 
ATOM   1022 C CB  . THR A 1 142 ? -15.121 3.474   -2.654  1.00 27.93 ? 164 THR A CB  1 
ATOM   1023 O OG1 . THR A 1 142 ? -14.377 4.282   -3.552  1.00 24.72 ? 164 THR A OG1 1 
ATOM   1024 C CG2 . THR A 1 142 ? -16.016 4.476   -1.884  1.00 29.22 ? 164 THR A CG2 1 
ATOM   1025 N N   . THR A 1 143 ? -15.592 0.908   -1.265  1.00 32.37 ? 165 THR A N   1 
ATOM   1026 C CA  . THR A 1 143 ? -16.333 -0.035  -0.430  1.00 33.62 ? 165 THR A CA  1 
ATOM   1027 C C   . THR A 1 143 ? -15.527 -0.680  0.693   1.00 29.38 ? 165 THR A C   1 
ATOM   1028 O O   . THR A 1 143 ? -15.948 -0.638  1.867   1.00 26.10 ? 165 THR A O   1 
ATOM   1029 C CB  . THR A 1 143 ? -16.965 -1.134  -1.273  1.00 34.98 ? 165 THR A CB  1 
ATOM   1030 O OG1 . THR A 1 143 ? -17.610 -0.550  -2.410  1.00 34.65 ? 165 THR A OG1 1 
ATOM   1031 C CG2 . THR A 1 143 ? -18.109 -1.795  -0.489  1.00 36.87 ? 165 THR A CG2 1 
ATOM   1032 N N   . PHE A 1 144 ? -14.392 -1.308  0.354   1.00 31.61 ? 166 PHE A N   1 
ATOM   1033 C CA  . PHE A 1 144 ? -13.575 -1.944  1.389   1.00 29.42 ? 166 PHE A CA  1 
ATOM   1034 C C   . PHE A 1 144 ? -13.234 -0.979  2.492   1.00 32.29 ? 166 PHE A C   1 
ATOM   1035 O O   . PHE A 1 144 ? -13.338 -1.321  3.664   1.00 30.98 ? 166 PHE A O   1 
ATOM   1036 C CB  . PHE A 1 144 ? -12.246 -2.472  0.873   1.00 29.47 ? 166 PHE A CB  1 
ATOM   1037 C CG  . PHE A 1 144 ? -11.378 -3.056  1.960   1.00 37.06 ? 166 PHE A CG  1 
ATOM   1038 C CD1 . PHE A 1 144 ? -11.709 -4.272  2.554   1.00 34.73 ? 166 PHE A CD1 1 
ATOM   1039 C CD2 . PHE A 1 144 ? -10.249 -2.391  2.414   1.00 37.80 ? 166 PHE A CD2 1 
ATOM   1040 C CE1 . PHE A 1 144 ? -10.920 -4.815  3.559   1.00 29.33 ? 166 PHE A CE1 1 
ATOM   1041 C CE2 . PHE A 1 144 ? -9.458  -2.938  3.421   1.00 35.51 ? 166 PHE A CE2 1 
ATOM   1042 C CZ  . PHE A 1 144 ? -9.798  -4.146  3.997   1.00 29.35 ? 166 PHE A CZ  1 
ATOM   1043 N N   . SER A 1 145 ? -12.793 0.218   2.103   1.00 32.93 ? 167 SER A N   1 
ATOM   1044 C CA  . SER A 1 145 ? -12.368 1.228   3.060   1.00 32.27 ? 167 SER A CA  1 
ATOM   1045 C C   . SER A 1 145 ? -13.509 1.598   4.023   1.00 30.98 ? 167 SER A C   1 
ATOM   1046 O O   . SER A 1 145 ? -13.313 1.651   5.234   1.00 29.87 ? 167 SER A O   1 
ATOM   1047 C CB  . SER A 1 145 ? -11.834 2.470   2.333   1.00 33.18 ? 167 SER A CB  1 
ATOM   1048 O OG  . SER A 1 145 ? -10.916 2.146   1.281   1.00 32.27 ? 167 SER A OG  1 
ATOM   1049 N N   . LYS A 1 146 ? -14.701 1.805   3.474   1.00 33.39 ? 168 LYS A N   1 
ATOM   1050 C CA  . LYS A 1 146 ? -15.884 2.186   4.263   1.00 30.77 ? 168 LYS A CA  1 
ATOM   1051 C C   . LYS A 1 146 ? -16.376 1.053   5.167   1.00 31.66 ? 168 LYS A C   1 
ATOM   1052 O O   . LYS A 1 146 ? -17.047 1.288   6.166   1.00 31.39 ? 168 LYS A O   1 
ATOM   1053 C CB  . LYS A 1 146 ? -17.020 2.649   3.351   1.00 32.16 ? 168 LYS A CB  1 
ATOM   1054 C CG  . LYS A 1 146 ? -16.728 3.939   2.570   1.00 32.11 ? 168 LYS A CG  1 
ATOM   1055 C CD  . LYS A 1 146 ? -18.007 4.546   1.988   1.00 38.26 ? 168 LYS A CD  1 
ATOM   1056 C CE  . LYS A 1 146 ? -18.447 3.798   0.735   1.00 36.94 ? 168 LYS A CE  1 
ATOM   1057 N NZ  . LYS A 1 146 ? -19.178 4.684   -0.216  1.00 32.39 ? 168 LYS A NZ  1 
ATOM   1058 N N   . ALA A 1 147 ? -16.045 -0.181  4.815   1.00 36.21 ? 169 ALA A N   1 
ATOM   1059 C CA  . ALA A 1 147 ? -16.403 -1.299  5.689   1.00 37.30 ? 169 ALA A CA  1 
ATOM   1060 C C   . ALA A 1 147 ? -15.432 -1.385  6.870   1.00 38.60 ? 169 ALA A C   1 
ATOM   1061 O O   . ALA A 1 147 ? -15.734 -1.983  7.902   1.00 38.74 ? 169 ALA A O   1 
ATOM   1062 C CB  . ALA A 1 147 ? -16.424 -2.599  4.911   1.00 37.41 ? 169 ALA A CB  1 
ATOM   1063 N N   . GLN A 1 148 ? -14.262 -0.779  6.721   1.00 38.37 ? 170 GLN A N   1 
ATOM   1064 C CA  . GLN A 1 148 ? -13.249 -0.834  7.767   1.00 39.01 ? 170 GLN A CA  1 
ATOM   1065 C C   . GLN A 1 148 ? -13.205 0.422   8.625   1.00 41.69 ? 170 GLN A C   1 
ATOM   1066 O O   . GLN A 1 148 ? -12.169 0.731   9.227   1.00 44.54 ? 170 GLN A O   1 
ATOM   1067 C CB  . GLN A 1 148 ? -11.867 -1.069  7.157   1.00 41.48 ? 170 GLN A CB  1 
ATOM   1068 C CG  . GLN A 1 148 ? -11.785 -2.300  6.296   1.00 33.77 ? 170 GLN A CG  1 
ATOM   1069 C CD  . GLN A 1 148 ? -12.205 -3.529  7.056   1.00 40.46 ? 170 GLN A CD  1 
ATOM   1070 O OE1 . GLN A 1 148 ? -13.081 -4.278  6.605   1.00 40.06 ? 170 GLN A OE1 1 
ATOM   1071 N NE2 . GLN A 1 148 ? -11.592 -3.741  8.223   1.00 36.20 ? 170 GLN A NE2 1 
ATOM   1072 N N   . GLY A 1 149 ? -14.309 1.160   8.656   1.00 41.26 ? 171 GLY A N   1 
ATOM   1073 C CA  . GLY A 1 149 ? -14.403 2.351   9.489   1.00 42.17 ? 171 GLY A CA  1 
ATOM   1074 C C   . GLY A 1 149 ? -13.694 3.579   8.947   1.00 42.00 ? 171 GLY A C   1 
ATOM   1075 O O   . GLY A 1 149 ? -13.218 4.423   9.707   1.00 41.36 ? 171 GLY A O   1 
ATOM   1076 N N   . LEU A 1 150 ? -13.616 3.674   7.627   1.00 41.15 ? 172 LEU A N   1 
ATOM   1077 C CA  . LEU A 1 150 ? -12.996 4.816   6.982   1.00 39.42 ? 172 LEU A CA  1 
ATOM   1078 C C   . LEU A 1 150 ? -14.042 5.482   6.119   1.00 38.87 ? 172 LEU A C   1 
ATOM   1079 O O   . LEU A 1 150 ? -14.901 4.809   5.543   1.00 38.46 ? 172 LEU A O   1 
ATOM   1080 C CB  . LEU A 1 150 ? -11.808 4.395   6.118   1.00 37.63 ? 172 LEU A CB  1 
ATOM   1081 C CG  . LEU A 1 150 ? -10.766 3.496   6.771   1.00 37.54 ? 172 LEU A CG  1 
ATOM   1082 C CD1 . LEU A 1 150 ? -9.754  3.009   5.738   1.00 40.16 ? 172 LEU A CD1 1 
ATOM   1083 C CD2 . LEU A 1 150 ? -10.059 4.223   7.905   1.00 40.57 ? 172 LEU A CD2 1 
ATOM   1084 N N   . THR A 1 151 ? -13.966 6.803   6.029   1.00 36.91 ? 173 THR A N   1 
ATOM   1085 C CA  . THR A 1 151 ? -14.917 7.567   5.228   1.00 36.95 ? 173 THR A CA  1 
ATOM   1086 C C   . THR A 1 151 ? -14.193 8.246   4.075   1.00 37.04 ? 173 THR A C   1 
ATOM   1087 O O   . THR A 1 151 ? -12.981 8.154   3.959   1.00 34.48 ? 173 THR A O   1 
ATOM   1088 C CB  . THR A 1 151 ? -15.569 8.642   6.093   1.00 36.97 ? 173 THR A CB  1 
ATOM   1089 O OG1 . THR A 1 151 ? -14.545 9.314   6.833   1.00 34.99 ? 173 THR A OG1 1 
ATOM   1090 C CG2 . THR A 1 151 ? -16.422 8.020   7.183   1.00 39.04 ? 173 THR A CG2 1 
ATOM   1091 N N   . GLU A 1 152 ? -14.944 8.956   3.243   1.00 38.44 ? 174 GLU A N   1 
ATOM   1092 C CA  . GLU A 1 152 ? -14.382 9.657   2.094   1.00 38.88 ? 174 GLU A CA  1 
ATOM   1093 C C   . GLU A 1 152 ? -13.148 10.493  2.449   1.00 37.90 ? 174 GLU A C   1 
ATOM   1094 O O   . GLU A 1 152 ? -12.118 10.416  1.775   1.00 37.24 ? 174 GLU A O   1 
ATOM   1095 C CB  . GLU A 1 152 ? -15.456 10.541  1.453   1.00 40.80 ? 174 GLU A CB  1 
ATOM   1096 C CG  . GLU A 1 152 ? -16.629 9.770   0.853   1.00 47.72 ? 174 GLU A CG  1 
ATOM   1097 C CD  . GLU A 1 152 ? -16.414 9.409   -0.608  1.00 54.47 ? 174 GLU A CD  1 
ATOM   1098 O OE1 . GLU A 1 152 ? -15.371 9.816   -1.160  1.00 55.17 ? 174 GLU A OE1 1 
ATOM   1099 O OE2 . GLU A 1 152 ? -17.283 8.727   -1.212  1.00 57.08 ? 174 GLU A OE2 1 
ATOM   1100 N N   . GLU A 1 153 ? -13.243 11.289  3.510   1.00 36.44 ? 175 GLU A N   1 
ATOM   1101 C CA  . GLU A 1 153 ? -12.114 12.108  3.922   1.00 36.76 ? 175 GLU A CA  1 
ATOM   1102 C C   . GLU A 1 153 ? -10.904 11.247  4.282   1.00 35.93 ? 175 GLU A C   1 
ATOM   1103 O O   . GLU A 1 153 ? -9.849  11.767  4.655   1.00 36.02 ? 175 GLU A O   1 
ATOM   1104 C CB  . GLU A 1 153 ? -12.482 12.979  5.132   1.00 37.78 ? 175 GLU A CB  1 
ATOM   1105 C CG  . GLU A 1 153 ? -13.068 12.184  6.283   1.00 43.32 ? 175 GLU A CG  1 
ATOM   1106 C CD  . GLU A 1 153 ? -13.086 12.954  7.592   1.00 43.74 ? 175 GLU A CD  1 
ATOM   1107 O OE1 . GLU A 1 153 ? -12.005 13.370  8.067   1.00 48.54 ? 175 GLU A OE1 1 
ATOM   1108 O OE2 . GLU A 1 153 ? -14.188 13.134  8.151   1.00 43.88 ? 175 GLU A OE2 1 
ATOM   1109 N N   . ASP A 1 154 ? -11.054 9.929   4.195   1.00 36.01 ? 176 ASP A N   1 
ATOM   1110 C CA  . ASP A 1 154 ? -9.948  9.028   4.514   1.00 34.92 ? 176 ASP A CA  1 
ATOM   1111 C C   . ASP A 1 154 ? -9.368  8.449   3.233   1.00 34.95 ? 176 ASP A C   1 
ATOM   1112 O O   . ASP A 1 154 ? -8.176  8.167   3.143   1.00 30.87 ? 176 ASP A O   1 
ATOM   1113 C CB  . ASP A 1 154 ? -10.436 7.887   5.403   1.00 35.98 ? 176 ASP A CB  1 
ATOM   1114 C CG  . ASP A 1 154 ? -11.406 8.354   6.477   1.00 40.05 ? 176 ASP A CG  1 
ATOM   1115 O OD1 . ASP A 1 154 ? -12.375 9.074   6.131   1.00 46.09 ? 176 ASP A OD1 1 
ATOM   1116 O OD2 . ASP A 1 154 ? -11.281 8.042   7.688   1.00 40.63 ? 176 ASP A OD2 1 
ATOM   1117 N N   . ILE A 1 155 ? -10.231 8.311   2.236   1.00 34.86 ? 177 ILE A N   1 
ATOM   1118 C CA  . ILE A 1 155 ? -9.874  7.692   0.986   1.00 33.68 ? 177 ILE A CA  1 
ATOM   1119 C C   . ILE A 1 155 ? -9.232  8.681   0.032   1.00 34.07 ? 177 ILE A C   1 
ATOM   1120 O O   . ILE A 1 155 ? -9.753  9.769   -0.205  1.00 31.51 ? 177 ILE A O   1 
ATOM   1121 C CB  . ILE A 1 155 ? -11.133 7.091   0.357   1.00 36.13 ? 177 ILE A CB  1 
ATOM   1122 C CG1 . ILE A 1 155 ? -12.039 6.517   1.453   1.00 34.73 ? 177 ILE A CG1 1 
ATOM   1123 C CG2 . ILE A 1 155 ? -10.774 6.026   -0.659  1.00 32.79 ? 177 ILE A CG2 1 
ATOM   1124 C CD1 . ILE A 1 155 ? -13.381 6.054   0.939   1.00 41.86 ? 177 ILE A CD1 1 
ATOM   1125 N N   . VAL A 1 156 ? -8.081  8.315   -0.511  1.00 31.53 ? 178 VAL A N   1 
ATOM   1126 C CA  . VAL A 1 156 ? -7.439  9.186   -1.472  1.00 32.12 ? 178 VAL A CA  1 
ATOM   1127 C C   . VAL A 1 156 ? -6.828  8.414   -2.625  1.00 31.07 ? 178 VAL A C   1 
ATOM   1128 O O   . VAL A 1 156 ? -6.134  7.406   -2.424  1.00 26.45 ? 178 VAL A O   1 
ATOM   1129 C CB  . VAL A 1 156 ? -6.376  10.058  -0.811  1.00 32.58 ? 178 VAL A CB  1 
ATOM   1130 C CG1 . VAL A 1 156 ? -5.358  9.207   -0.134  1.00 31.77 ? 178 VAL A CG1 1 
ATOM   1131 C CG2 . VAL A 1 156 ? -5.732  10.957  -1.851  1.00 36.40 ? 178 VAL A CG2 1 
ATOM   1132 N N   . PHE A 1 157 ? -7.115  8.887   -3.832  1.00 28.99 ? 179 PHE A N   1 
ATOM   1133 C CA  . PHE A 1 157 ? -6.581  8.305   -5.043  1.00 29.22 ? 179 PHE A CA  1 
ATOM   1134 C C   . PHE A 1 157 ? -5.342  9.081   -5.450  1.00 28.88 ? 179 PHE A C   1 
ATOM   1135 O O   . PHE A 1 157 ? -5.434  10.241  -5.860  1.00 25.75 ? 179 PHE A O   1 
ATOM   1136 C CB  . PHE A 1 157 ? -7.639  8.325   -6.124  1.00 27.32 ? 179 PHE A CB  1 
ATOM   1137 C CG  . PHE A 1 157 ? -8.754  7.360   -5.871  1.00 28.35 ? 179 PHE A CG  1 
ATOM   1138 C CD1 . PHE A 1 157 ? -10.040 7.812   -5.641  1.00 30.77 ? 179 PHE A CD1 1 
ATOM   1139 C CD2 . PHE A 1 157 ? -8.507  5.983   -5.855  1.00 35.24 ? 179 PHE A CD2 1 
ATOM   1140 C CE1 . PHE A 1 157 ? -11.059 6.944   -5.416  1.00 32.17 ? 179 PHE A CE1 1 
ATOM   1141 C CE2 . PHE A 1 157 ? -9.521  5.102   -5.631  1.00 40.41 ? 179 PHE A CE2 1 
ATOM   1142 C CZ  . PHE A 1 157 ? -10.818 5.581   -5.401  1.00 30.19 ? 179 PHE A CZ  1 
ATOM   1143 N N   . LEU A 1 158 ? -4.180  8.441   -5.324  1.00 27.38 ? 180 LEU A N   1 
ATOM   1144 C CA  . LEU A 1 158 ? -2.909  9.110   -5.561  1.00 29.95 ? 180 LEU A CA  1 
ATOM   1145 C C   . LEU A 1 158 ? -2.718  9.642   -6.968  1.00 29.48 ? 180 LEU A C   1 
ATOM   1146 O O   . LEU A 1 158 ? -2.884  8.926   -7.933  1.00 32.22 ? 180 LEU A O   1 
ATOM   1147 C CB  . LEU A 1 158 ? -1.740  8.192   -5.170  1.00 30.27 ? 180 LEU A CB  1 
ATOM   1148 C CG  . LEU A 1 158 ? -2.027  7.465   -3.853  1.00 34.15 ? 180 LEU A CG  1 
ATOM   1149 C CD1 . LEU A 1 158 ? -1.122  6.229   -3.643  1.00 33.15 ? 180 LEU A CD1 1 
ATOM   1150 C CD2 . LEU A 1 158 ? -1.936  8.464   -2.702  1.00 32.04 ? 180 LEU A CD2 1 
ATOM   1151 N N   . PRO A 1 159 ? -2.443  10.936  -7.070  1.00 30.44 ? 181 PRO A N   1 
ATOM   1152 C CA  . PRO A 1 159 ? -2.066  11.601  -8.325  1.00 29.19 ? 181 PRO A CA  1 
ATOM   1153 C C   . PRO A 1 159 ? -0.881  11.000  -9.072  1.00 27.70 ? 181 PRO A C   1 
ATOM   1154 O O   . PRO A 1 159 ? 0.087   10.622  -8.440  1.00 29.02 ? 181 PRO A O   1 
ATOM   1155 C CB  . PRO A 1 159 ? -1.659  12.993  -7.837  1.00 27.17 ? 181 PRO A CB  1 
ATOM   1156 C CG  . PRO A 1 159 ? -2.556  13.217  -6.719  1.00 31.75 ? 181 PRO A CG  1 
ATOM   1157 C CD  . PRO A 1 159 ? -2.605  11.902  -5.979  1.00 29.33 ? 181 PRO A CD  1 
ATOM   1158 N N   . GLN A 1 160 ? -0.959  10.964  -10.402 1.00 32.44 ? 182 GLN A N   1 
ATOM   1159 C CA  . GLN A 1 160 ? 0.144   10.539  -11.266 1.00 36.27 ? 182 GLN A CA  1 
ATOM   1160 C C   . GLN A 1 160 ? 1.240   11.612  -11.365 1.00 38.37 ? 182 GLN A C   1 
ATOM   1161 O O   . GLN A 1 160 ? 1.065   12.599  -12.081 1.00 36.34 ? 182 GLN A O   1 
ATOM   1162 C CB  . GLN A 1 160 ? -0.346  10.348  -12.703 1.00 38.85 ? 182 GLN A CB  1 
ATOM   1163 C CG  . GLN A 1 160 ? -1.276  9.189   -13.029 1.00 42.53 ? 182 GLN A CG  1 
ATOM   1164 C CD  . GLN A 1 160 ? -1.283  8.891   -14.548 1.00 50.96 ? 182 GLN A CD  1 
ATOM   1165 O OE1 . GLN A 1 160 ? -2.258  8.379   -15.090 1.00 54.04 ? 182 GLN A OE1 1 
ATOM   1166 N NE2 . GLN A 1 160 ? -0.189  9.224   -15.222 1.00 54.62 ? 182 GLN A NE2 1 
ATOM   1167 N N   . PRO A 1 161 ? 2.334   11.461  -10.625 1.00 40.50 ? 183 PRO A N   1 
ATOM   1168 C CA  . PRO A 1 161 ? 3.520   12.309  -10.791 1.00 41.87 ? 183 PRO A CA  1 
ATOM   1169 C C   . PRO A 1 161 ? 3.973   12.393  -12.244 1.00 42.62 ? 183 PRO A C   1 
ATOM   1170 O O   . PRO A 1 161 ? 4.190   11.360  -12.887 1.00 43.81 ? 183 PRO A O   1 
ATOM   1171 C CB  . PRO A 1 161 ? 4.591   11.547  -10.001 1.00 42.21 ? 183 PRO A CB  1 
ATOM   1172 C CG  . PRO A 1 161 ? 3.862   10.832  -8.971  1.00 41.21 ? 183 PRO A CG  1 
ATOM   1173 C CD  . PRO A 1 161 ? 2.483   10.536  -9.490  1.00 42.02 ? 183 PRO A CD  1 
ATOM   1174 N N   . ASP A 1 162 ? 4.128   13.604  -12.765 1.00 44.67 ? 184 ASP A N   1 
ATOM   1175 C CA  . ASP A 1 162 ? 4.628   13.750  -14.126 1.00 46.22 ? 184 ASP A CA  1 
ATOM   1176 C C   . ASP A 1 162 ? 6.151   13.753  -14.052 1.00 45.93 ? 184 ASP A C   1 
ATOM   1177 O O   . ASP A 1 162 ? 6.821   14.500  -14.762 1.00 45.41 ? 184 ASP A O   1 
ATOM   1178 C CB  . ASP A 1 162 ? 4.100   15.035  -14.779 1.00 46.71 ? 184 ASP A CB  1 
ATOM   1179 C CG  . ASP A 1 162 ? 4.449   16.292  -13.986 1.00 52.07 ? 184 ASP A CG  1 
ATOM   1180 O OD1 . ASP A 1 162 ? 5.647   16.547  -13.721 1.00 57.21 ? 184 ASP A OD1 1 
ATOM   1181 O OD2 . ASP A 1 162 ? 3.584   17.107  -13.600 1.00 57.75 ? 184 ASP A OD2 1 
ATOM   1182 N N   . LYS A 1 163 ? 6.704   12.912  -13.183 1.00 45.96 ? 185 LYS A N   1 
ATOM   1183 C CA  . LYS A 1 163 ? 8.147   12.908  -13.010 1.00 46.86 ? 185 LYS A CA  1 
ATOM   1184 C C   . LYS A 1 163 ? 8.757   11.630  -12.425 1.00 49.21 ? 185 LYS A C   1 
ATOM   1185 O O   . LYS A 1 163 ? 9.066   10.676  -13.138 1.00 47.73 ? 185 LYS A O   1 
ATOM   1186 C CB  . LYS A 1 163 ? 8.559   14.106  -12.148 1.00 46.50 ? 185 LYS A CB  1 
ATOM   1187 C CG  . LYS A 1 163 ? 10.058  14.217  -11.930 1.00 44.40 ? 185 LYS A CG  1 
ATOM   1188 C CD  . LYS A 1 163 ? 10.423  15.473  -11.150 1.00 42.69 ? 185 LYS A CD  1 
ATOM   1189 C CE  . LYS A 1 163 ? 11.931  15.591  -10.984 1.00 43.51 ? 185 LYS A CE  1 
ATOM   1190 N NZ  . LYS A 1 163 ? 12.519  14.372  -10.343 1.00 48.69 ? 185 LYS A NZ  1 
ATOM   1191 N N   . CYS A 1 164 ? 8.916   11.635  -11.112 1.00 49.93 ? 186 CYS A N   1 
ATOM   1192 C CA  . CYS A 1 164 ? 9.637   10.599  -10.392 1.00 52.41 ? 186 CYS A CA  1 
ATOM   1193 C C   . CYS A 1 164 ? 9.044   9.184   -10.389 1.00 51.81 ? 186 CYS A C   1 
ATOM   1194 O O   . CYS A 1 164 ? 8.902   8.611   -9.316  1.00 54.53 ? 186 CYS A O   1 
ATOM   1195 C CB  . CYS A 1 164 ? 9.786   11.053  -8.936  1.00 52.47 ? 186 CYS A CB  1 
ATOM   1196 S SG  . CYS A 1 164 ? 11.248  10.422  -8.107  1.00 60.18 ? 186 CYS A SG  1 
ATOM   1197 N N   . ILE A 1 165 ? 8.696   8.616   -11.541 1.00 50.61 ? 187 ILE A N   1 
ATOM   1198 C CA  . ILE A 1 165 ? 8.157   7.251   -11.578 1.00 50.98 ? 187 ILE A CA  1 
ATOM   1199 C C   . ILE A 1 165 ? 8.326   6.581   -12.921 1.00 53.01 ? 187 ILE A C   1 
ATOM   1200 O O   . ILE A 1 165 ? 7.916   5.440   -13.102 1.00 53.53 ? 187 ILE A O   1 
ATOM   1201 C CB  . ILE A 1 165 ? 6.659   7.181   -11.191 1.00 50.88 ? 187 ILE A CB  1 
ATOM   1202 C CG1 . ILE A 1 165 ? 5.805   7.988   -12.177 1.00 49.53 ? 187 ILE A CG1 1 
ATOM   1203 C CG2 . ILE A 1 165 ? 6.446   7.594   -9.753  1.00 47.41 ? 187 ILE A CG2 1 
ATOM   1204 C CD1 . ILE A 1 165 ? 4.320   7.691   -12.061 1.00 54.66 ? 187 ILE A CD1 1 
ATOM   1205 N N   . GLN A 1 166 ? 8.905   7.298   -13.873 1.00 56.29 ? 188 GLN A N   1 
ATOM   1206 C CA  . GLN A 1 166 ? 9.153   6.728   -15.189 1.00 58.54 ? 188 GLN A CA  1 
ATOM   1207 C C   . GLN A 1 166 ? 10.638  6.760   -15.479 1.00 59.74 ? 188 GLN A C   1 
ATOM   1208 O O   . GLN A 1 166 ? 11.295  5.720   -15.510 1.00 59.62 ? 188 GLN A O   1 
ATOM   1209 C CB  . GLN A 1 166 ? 8.391   7.512   -16.254 1.00 58.57 ? 188 GLN A CB  1 
ATOM   1210 C CG  . GLN A 1 166 ? 6.902   7.553   -15.993 1.00 61.18 ? 188 GLN A CG  1 
ATOM   1211 C CD  . GLN A 1 166 ? 6.255   6.184   -16.097 1.00 62.47 ? 188 GLN A CD  1 
ATOM   1212 O OE1 . GLN A 1 166 ? 6.542   5.284   -15.299 1.00 70.05 ? 188 GLN A OE1 1 
ATOM   1213 N NE2 . GLN A 1 166 ? 5.377   6.022   -17.079 1.00 62.03 ? 188 GLN A NE2 1 
ATOM   1214 N N   . GLU A 1 167 ? 11.140  7.978   -15.684 1.00 62.59 ? 189 GLU A N   1 
ATOM   1215 C CA  . GLU A 1 167 ? 12.552  8.268   -15.947 1.00 64.87 ? 189 GLU A CA  1 
ATOM   1216 C C   . GLU A 1 167 ? 13.317  7.141   -16.642 1.00 65.82 ? 189 GLU A C   1 
ATOM   1217 O O   . GLU A 1 167 ? 14.365  6.713   -16.159 1.00 65.54 ? 189 GLU A O   1 
ATOM   1218 C CB  . GLU A 1 167 ? 13.265  8.695   -14.649 1.00 65.88 ? 189 GLU A CB  1 
ATOM   1219 C CG  . GLU A 1 167 ? 13.182  7.681   -13.513 1.00 64.55 ? 189 GLU A CG  1 
ATOM   1220 C CD  . GLU A 1 167 ? 13.914  8.131   -12.261 1.00 67.30 ? 189 GLU A CD  1 
ATOM   1221 O OE1 . GLU A 1 167 ? 15.137  8.384   -12.330 1.00 67.49 ? 189 GLU A OE1 1 
ATOM   1222 O OE2 . GLU A 1 167 ? 13.263  8.230   -11.198 1.00 67.53 ? 189 GLU A OE2 1 
ATOM   1223 O OXT . GLU A 1 167 ? 12.907  6.647   -17.695 1.00 66.68 ? 189 GLU A OXT 1 
HETATM 1224 O O   . HOH B 2 .   ? -6.792  -14.503 5.609   1.00 28.67 ? 190 HOH A O   1 
HETATM 1225 O O   . HOH B 2 .   ? -7.113  -9.601  3.983   1.00 33.10 ? 191 HOH A O   1 
HETATM 1226 O O   . HOH B 2 .   ? 3.492   -15.002 3.800   1.00 36.47 ? 192 HOH A O   1 
HETATM 1227 O O   . HOH B 2 .   ? 14.907  -6.769  -3.839  1.00 41.01 ? 193 HOH A O   1 
HETATM 1228 O O   . HOH B 2 .   ? 5.365   9.422   -5.609  1.00 43.87 ? 194 HOH A O   1 
HETATM 1229 O O   . HOH B 2 .   ? 0.593   -10.969 11.942  1.00 45.51 ? 195 HOH A O   1 
HETATM 1230 O O   . HOH B 2 .   ? -3.079  -10.688 8.228   1.00 41.95 ? 196 HOH A O   1 
HETATM 1231 O O   . HOH B 2 .   ? 3.329   -2.828  -14.133 1.00 42.82 ? 197 HOH A O   1 
HETATM 1232 O O   . HOH B 2 .   ? 2.843   -15.070 0.858   1.00 44.49 ? 198 HOH A O   1 
HETATM 1233 O O   . HOH B 2 .   ? -7.972  -12.791 -4.633  1.00 43.79 ? 199 HOH A O   1 
HETATM 1234 O O   . HOH B 2 .   ? 8.667   6.864   13.786  1.00 60.08 ? 200 HOH A O   1 
HETATM 1235 O O   . HOH B 2 .   ? 2.121   -13.086 12.667  1.00 55.24 ? 201 HOH A O   1 
HETATM 1236 O O   . HOH B 2 .   ? 16.923  7.897   -2.371  1.00 46.77 ? 202 HOH A O   1 
HETATM 1237 O O   . HOH B 2 .   ? 5.872   0.643   -1.132  1.00 64.04 ? 203 HOH A O   1 
HETATM 1238 O O   . HOH B 2 .   ? 8.528   0.649   -0.655  1.00 40.78 ? 204 HOH A O   1 
HETATM 1239 O O   . HOH B 2 .   ? 7.003   18.763  -15.913 1.00 49.04 ? 205 HOH A O   1 
HETATM 1240 O O   . HOH B 2 .   ? -4.747  6.737   -8.796  1.00 46.23 ? 206 HOH A O   1 
HETATM 1241 O O   . HOH B 2 .   ? -4.012  -7.631  7.523   1.00 50.85 ? 207 HOH A O   1 
HETATM 1242 O O   . HOH B 2 .   ? -2.192  12.938  -1.836  1.00 52.68 ? 208 HOH A O   1 
HETATM 1243 O O   . HOH B 2 .   ? 15.138  -9.332  1.807   1.00 45.65 ? 209 HOH A O   1 
HETATM 1244 O O   . HOH B 2 .   ? -9.653  1.864   10.652  1.00 67.63 ? 210 HOH A O   1 
HETATM 1245 O O   . HOH B 2 .   ? 3.553   2.644   -16.458 1.00 60.72 ? 211 HOH A O   1 
HETATM 1246 O O   . HOH B 2 .   ? 5.896   -6.333  -13.949 1.00 48.70 ? 212 HOH A O   1 
HETATM 1247 O O   . HOH B 2 .   ? -18.417 7.159   -3.653  1.00 68.26 ? 213 HOH A O   1 
HETATM 1248 O O   . HOH B 2 .   ? -1.801  -13.071 -8.476  1.00 79.66 ? 214 HOH A O   1 
HETATM 1249 O O   . HOH B 2 .   ? -4.581  -11.235 10.328  1.00 42.72 ? 215 HOH A O   1 
HETATM 1250 O O   . HOH B 2 .   ? 4.195   8.316   -16.316 1.00 64.31 ? 216 HOH A O   1 
HETATM 1251 O O   . HOH B 2 .   ? -6.382  -18.156 -4.602  1.00 67.16 ? 217 HOH A O   1 
HETATM 1252 O O   . HOH B 2 .   ? -5.565  -2.299  -12.665 1.00 54.84 ? 218 HOH A O   1 
HETATM 1253 O O   . HOH B 2 .   ? 10.799  1.873   -8.047  1.00 43.50 ? 219 HOH A O   1 
HETATM 1254 O O   . HOH B 2 .   ? 6.578   4.348   5.373   1.00 66.22 ? 220 HOH A O   1 
HETATM 1255 O O   . HOH B 2 .   ? 2.723   -9.486  -4.273  1.00 55.99 ? 221 HOH A O   1 
# 
